data_7JRQ
# 
_entry.id   7JRQ 
# 
_audit_conform.dict_name       mmcif_pdbx.dic 
_audit_conform.dict_version    5.380 
_audit_conform.dict_location   http://mmcif.pdb.org/dictionaries/ascii/mmcif_pdbx.dic 
# 
loop_
_database_2.database_id 
_database_2.database_code 
_database_2.pdbx_database_accession 
_database_2.pdbx_DOI 
PDB   7JRQ         pdb_00007jrq 10.2210/pdb7jrq/pdb 
WWPDB D_1000251292 ?            ?                   
# 
_pdbx_database_status.status_code                     REL 
_pdbx_database_status.status_code_sf                  REL 
_pdbx_database_status.status_code_mr                  ? 
_pdbx_database_status.entry_id                        7JRQ 
_pdbx_database_status.recvd_initial_deposition_date   2020-08-12 
_pdbx_database_status.SG_entry                        N 
_pdbx_database_status.deposit_site                    RCSB 
_pdbx_database_status.process_site                    RCSB 
_pdbx_database_status.status_code_cs                  ? 
_pdbx_database_status.status_code_nmr_data            ? 
_pdbx_database_status.methods_development_category    ? 
_pdbx_database_status.pdb_format_compatible           Y 
# 
loop_
_audit_author.name 
_audit_author.pdbx_ordinal 
_audit_author.identifier_ORCID 
'Mann, S.I.'    1 0000-0003-3392-3170 
'DeGrado, W.F.' 2 0000-0003-4745-263X 
# 
_citation.abstract                  ? 
_citation.abstract_id_CAS           ? 
_citation.book_id_ISBN              ? 
_citation.book_publisher            ? 
_citation.book_publisher_city       ? 
_citation.book_title                ? 
_citation.coordinate_linkage        ? 
_citation.country                   US 
_citation.database_id_Medline       ? 
_citation.details                   ? 
_citation.id                        primary 
_citation.journal_abbrev            J.Am.Chem.Soc. 
_citation.journal_id_ASTM           JACSAT 
_citation.journal_id_CSD            ? 
_citation.journal_id_ISSN           1520-5126 
_citation.journal_full              ? 
_citation.journal_issue             ? 
_citation.journal_volume            143 
_citation.language                  ? 
_citation.page_first                252 
_citation.page_last                 259 
_citation.title                     
;De Novo Design, Solution Characterization, and Crystallographic Structure of an Abiological Mn-Porphyrin-Binding Protein Capable of Stabilizing a Mn(V) Species.
;
_citation.year                      2021 
_citation.database_id_CSD           ? 
_citation.pdbx_database_id_DOI      10.1021/jacs.0c10136 
_citation.pdbx_database_id_PubMed   33373215 
_citation.unpublished_flag          ? 
# 
loop_
_citation_author.citation_id 
_citation_author.name 
_citation_author.ordinal 
_citation_author.identifier_ORCID 
primary 'Mann, S.I.'    1 ? 
primary 'Nayak, A.'     2 ? 
primary 'Gassner, G.T.' 3 ? 
primary 'Therien, M.J.' 4 ? 
primary 'DeGrado, W.F.' 5 ? 
# 
_cell.angle_alpha                  90.000 
_cell.angle_alpha_esd              ? 
_cell.angle_beta                   90.000 
_cell.angle_beta_esd               ? 
_cell.angle_gamma                  90.000 
_cell.angle_gamma_esd              ? 
_cell.entry_id                     7JRQ 
_cell.details                      ? 
_cell.formula_units_Z              ? 
_cell.length_a                     45.322 
_cell.length_a_esd                 ? 
_cell.length_b                     45.322 
_cell.length_b_esd                 ? 
_cell.length_c                     164.220 
_cell.length_c_esd                 ? 
_cell.volume                       337321.623 
_cell.volume_esd                   ? 
_cell.Z_PDB                        8 
_cell.reciprocal_angle_alpha       ? 
_cell.reciprocal_angle_beta        ? 
_cell.reciprocal_angle_gamma       ? 
_cell.reciprocal_angle_alpha_esd   ? 
_cell.reciprocal_angle_beta_esd    ? 
_cell.reciprocal_angle_gamma_esd   ? 
_cell.reciprocal_length_a          ? 
_cell.reciprocal_length_b          ? 
_cell.reciprocal_length_c          ? 
_cell.reciprocal_length_a_esd      ? 
_cell.reciprocal_length_b_esd      ? 
_cell.reciprocal_length_c_esd      ? 
_cell.pdbx_unique_axis             ? 
# 
_symmetry.entry_id                         7JRQ 
_symmetry.cell_setting                     ? 
_symmetry.Int_Tables_number                92 
_symmetry.space_group_name_Hall            'P 4abw 2nw' 
_symmetry.space_group_name_H-M             'P 41 21 2' 
_symmetry.pdbx_full_space_group_name_H-M   ? 
# 
loop_
_entity.id 
_entity.type 
_entity.src_method 
_entity.pdbx_description 
_entity.formula_weight 
_entity.pdbx_number_of_molecules 
_entity.pdbx_ec 
_entity.pdbx_mutation 
_entity.pdbx_fragment 
_entity.details 
1 polymer     man MPP1                                                                       15495.198 1  ? ? ? ? 
2 non-polymer syn GLYCEROL                                                                   92.094    1  ? ? ? ? 
3 non-polymer syn '[5,15-diphenylporphyrinato(2-)-kappa~4~N~21~,N~22~,N~23~,N~24~]manganese' 515.466   2  ? ? ? ? 
4 non-polymer syn 'CHLORIDE ION'                                                             35.453    1  ? ? ? ? 
5 water       nat water                                                                      18.015    37 ? ? ? ? 
# 
_entity_poly.entity_id                      1 
_entity_poly.type                           'polypeptide(L)' 
_entity_poly.nstd_linkage                   no 
_entity_poly.nstd_monomer                   no 
_entity_poly.pdbx_seq_one_letter_code       
;HHHHHHENLYFQSSEKEELFEKLKQTADEAVQLFQRLREIFDKGDDDSFEQVLEELEEALQKHRQLADQGRKKGLLTSEA
AKQGDQFVQLFQRFREAWDKGDKDSLEQILEELEQVAQKAVELGLKILKTQ
;
_entity_poly.pdbx_seq_one_letter_code_can   
;HHHHHHENLYFQSSEKEELFEKLKQTADEAVQLFQRLREIFDKGDDDSFEQVLEELEEALQKHRQLADQGRKKGLLTSEA
AKQGDQFVQLFQRFREAWDKGDKDSLEQILEELEQVAQKAVELGLKILKTQ
;
_entity_poly.pdbx_strand_id                 A 
_entity_poly.pdbx_target_identifier         ? 
# 
loop_
_entity_poly_seq.entity_id 
_entity_poly_seq.num 
_entity_poly_seq.mon_id 
_entity_poly_seq.hetero 
1 1   HIS n 
1 2   HIS n 
1 3   HIS n 
1 4   HIS n 
1 5   HIS n 
1 6   HIS n 
1 7   GLU n 
1 8   ASN n 
1 9   LEU n 
1 10  TYR n 
1 11  PHE n 
1 12  GLN n 
1 13  SER n 
1 14  SER n 
1 15  GLU n 
1 16  LYS n 
1 17  GLU n 
1 18  GLU n 
1 19  LEU n 
1 20  PHE n 
1 21  GLU n 
1 22  LYS n 
1 23  LEU n 
1 24  LYS n 
1 25  GLN n 
1 26  THR n 
1 27  ALA n 
1 28  ASP n 
1 29  GLU n 
1 30  ALA n 
1 31  VAL n 
1 32  GLN n 
1 33  LEU n 
1 34  PHE n 
1 35  GLN n 
1 36  ARG n 
1 37  LEU n 
1 38  ARG n 
1 39  GLU n 
1 40  ILE n 
1 41  PHE n 
1 42  ASP n 
1 43  LYS n 
1 44  GLY n 
1 45  ASP n 
1 46  ASP n 
1 47  ASP n 
1 48  SER n 
1 49  PHE n 
1 50  GLU n 
1 51  GLN n 
1 52  VAL n 
1 53  LEU n 
1 54  GLU n 
1 55  GLU n 
1 56  LEU n 
1 57  GLU n 
1 58  GLU n 
1 59  ALA n 
1 60  LEU n 
1 61  GLN n 
1 62  LYS n 
1 63  HIS n 
1 64  ARG n 
1 65  GLN n 
1 66  LEU n 
1 67  ALA n 
1 68  ASP n 
1 69  GLN n 
1 70  GLY n 
1 71  ARG n 
1 72  LYS n 
1 73  LYS n 
1 74  GLY n 
1 75  LEU n 
1 76  LEU n 
1 77  THR n 
1 78  SER n 
1 79  GLU n 
1 80  ALA n 
1 81  ALA n 
1 82  LYS n 
1 83  GLN n 
1 84  GLY n 
1 85  ASP n 
1 86  GLN n 
1 87  PHE n 
1 88  VAL n 
1 89  GLN n 
1 90  LEU n 
1 91  PHE n 
1 92  GLN n 
1 93  ARG n 
1 94  PHE n 
1 95  ARG n 
1 96  GLU n 
1 97  ALA n 
1 98  TRP n 
1 99  ASP n 
1 100 LYS n 
1 101 GLY n 
1 102 ASP n 
1 103 LYS n 
1 104 ASP n 
1 105 SER n 
1 106 LEU n 
1 107 GLU n 
1 108 GLN n 
1 109 ILE n 
1 110 LEU n 
1 111 GLU n 
1 112 GLU n 
1 113 LEU n 
1 114 GLU n 
1 115 GLN n 
1 116 VAL n 
1 117 ALA n 
1 118 GLN n 
1 119 LYS n 
1 120 ALA n 
1 121 VAL n 
1 122 GLU n 
1 123 LEU n 
1 124 GLY n 
1 125 LEU n 
1 126 LYS n 
1 127 ILE n 
1 128 LEU n 
1 129 LYS n 
1 130 THR n 
1 131 GLN n 
# 
_entity_src_gen.entity_id                          1 
_entity_src_gen.pdbx_src_id                        1 
_entity_src_gen.pdbx_alt_source_flag               sample 
_entity_src_gen.pdbx_seq_type                      'Biological sequence' 
_entity_src_gen.pdbx_beg_seq_num                   1 
_entity_src_gen.pdbx_end_seq_num                   131 
_entity_src_gen.gene_src_common_name               ? 
_entity_src_gen.gene_src_genus                     ? 
_entity_src_gen.pdbx_gene_src_gene                 ? 
_entity_src_gen.gene_src_species                   ? 
_entity_src_gen.gene_src_strain                    ? 
_entity_src_gen.gene_src_tissue                    ? 
_entity_src_gen.gene_src_tissue_fraction           ? 
_entity_src_gen.gene_src_details                   ? 
_entity_src_gen.pdbx_gene_src_fragment             ? 
_entity_src_gen.pdbx_gene_src_scientific_name      'Escherichia coli' 
_entity_src_gen.pdbx_gene_src_ncbi_taxonomy_id     562 
_entity_src_gen.pdbx_gene_src_variant              ? 
_entity_src_gen.pdbx_gene_src_cell_line            ? 
_entity_src_gen.pdbx_gene_src_atcc                 ? 
_entity_src_gen.pdbx_gene_src_organ                ? 
_entity_src_gen.pdbx_gene_src_organelle            ? 
_entity_src_gen.pdbx_gene_src_cell                 ? 
_entity_src_gen.pdbx_gene_src_cellular_location    ? 
_entity_src_gen.host_org_common_name               ? 
_entity_src_gen.pdbx_host_org_scientific_name      'Escherichia coli' 
_entity_src_gen.pdbx_host_org_ncbi_taxonomy_id     562 
_entity_src_gen.host_org_genus                     ? 
_entity_src_gen.pdbx_host_org_gene                 ? 
_entity_src_gen.pdbx_host_org_organ                ? 
_entity_src_gen.host_org_species                   ? 
_entity_src_gen.pdbx_host_org_tissue               ? 
_entity_src_gen.pdbx_host_org_tissue_fraction      ? 
_entity_src_gen.pdbx_host_org_strain               ? 
_entity_src_gen.pdbx_host_org_variant              ? 
_entity_src_gen.pdbx_host_org_cell_line            ? 
_entity_src_gen.pdbx_host_org_atcc                 ? 
_entity_src_gen.pdbx_host_org_culture_collection   ? 
_entity_src_gen.pdbx_host_org_cell                 ? 
_entity_src_gen.pdbx_host_org_organelle            ? 
_entity_src_gen.pdbx_host_org_cellular_location    ? 
_entity_src_gen.pdbx_host_org_vector_type          ? 
_entity_src_gen.pdbx_host_org_vector               ? 
_entity_src_gen.host_org_details                   ? 
_entity_src_gen.expression_system_id               ? 
_entity_src_gen.plasmid_name                       ? 
_entity_src_gen.plasmid_details                    ? 
_entity_src_gen.pdbx_description                   ? 
# 
_struct_ref.id                         1 
_struct_ref.db_name                    PDB 
_struct_ref.db_code                    7JRQ 
_struct_ref.pdbx_db_accession          7JRQ 
_struct_ref.pdbx_db_isoform            ? 
_struct_ref.entity_id                  1 
_struct_ref.pdbx_seq_one_letter_code   ? 
_struct_ref.pdbx_align_begin           1 
# 
_struct_ref_seq.align_id                      1 
_struct_ref_seq.ref_id                        1 
_struct_ref_seq.pdbx_PDB_id_code              7JRQ 
_struct_ref_seq.pdbx_strand_id                A 
_struct_ref_seq.seq_align_beg                 1 
_struct_ref_seq.pdbx_seq_align_beg_ins_code   ? 
_struct_ref_seq.seq_align_end                 131 
_struct_ref_seq.pdbx_seq_align_end_ins_code   ? 
_struct_ref_seq.pdbx_db_accession             7JRQ 
_struct_ref_seq.db_align_beg                  2 
_struct_ref_seq.pdbx_db_align_beg_ins_code    ? 
_struct_ref_seq.db_align_end                  132 
_struct_ref_seq.pdbx_db_align_end_ins_code    ? 
_struct_ref_seq.pdbx_auth_seq_align_beg       2 
_struct_ref_seq.pdbx_auth_seq_align_end       132 
# 
loop_
_chem_comp.id 
_chem_comp.type 
_chem_comp.mon_nstd_flag 
_chem_comp.name 
_chem_comp.pdbx_synonyms 
_chem_comp.formula 
_chem_comp.formula_weight 
ALA 'L-peptide linking' y ALANINE                                                                    ? 'C3 H7 N O2'      89.093  
ARG 'L-peptide linking' y ARGININE                                                                   ? 'C6 H15 N4 O2 1'  175.209 
ASN 'L-peptide linking' y ASPARAGINE                                                                 ? 'C4 H8 N2 O3'     132.118 
ASP 'L-peptide linking' y 'ASPARTIC ACID'                                                            ? 'C4 H7 N O4'      133.103 
CL  non-polymer         . 'CHLORIDE ION'                                                             ? 'Cl -1'           35.453  
GLN 'L-peptide linking' y GLUTAMINE                                                                  ? 'C5 H10 N2 O3'    146.144 
GLU 'L-peptide linking' y 'GLUTAMIC ACID'                                                            ? 'C5 H9 N O4'      147.129 
GLY 'peptide linking'   y GLYCINE                                                                    ? 'C2 H5 N O2'      75.067  
GOL non-polymer         . GLYCEROL                                                                   
'GLYCERIN; PROPANE-1,2,3-TRIOL' 'C3 H8 O3'        92.094  
HIS 'L-peptide linking' y HISTIDINE                                                                  ? 'C6 H10 N3 O2 1'  156.162 
HOH non-polymer         . WATER                                                                      ? 'H2 O'            18.015  
ILE 'L-peptide linking' y ISOLEUCINE                                                                 ? 'C6 H13 N O2'     131.173 
LEU 'L-peptide linking' y LEUCINE                                                                    ? 'C6 H13 N O2'     131.173 
LYS 'L-peptide linking' y LYSINE                                                                     ? 'C6 H15 N2 O2 1'  147.195 
PHE 'L-peptide linking' y PHENYLALANINE                                                              ? 'C9 H11 N O2'     165.189 
SER 'L-peptide linking' y SERINE                                                                     ? 'C3 H7 N O3'      105.093 
SMU non-polymer         . '[5,15-diphenylporphyrinato(2-)-kappa~4~N~21~,N~22~,N~23~,N~24~]manganese' ? 'C32 H20 Mn N4 2' 515.466 
THR 'L-peptide linking' y THREONINE                                                                  ? 'C4 H9 N O3'      119.119 
TRP 'L-peptide linking' y TRYPTOPHAN                                                                 ? 'C11 H12 N2 O2'   204.225 
TYR 'L-peptide linking' y TYROSINE                                                                   ? 'C9 H11 N O3'     181.189 
VAL 'L-peptide linking' y VALINE                                                                     ? 'C5 H11 N O2'     117.146 
# 
_exptl.absorpt_coefficient_mu     ? 
_exptl.absorpt_correction_T_max   ? 
_exptl.absorpt_correction_T_min   ? 
_exptl.absorpt_correction_type    ? 
_exptl.absorpt_process_details    ? 
_exptl.entry_id                   7JRQ 
_exptl.crystals_number            1 
_exptl.details                    ? 
_exptl.method                     'X-RAY DIFFRACTION' 
_exptl.method_details             ? 
# 
_exptl_crystal.colour                      ? 
_exptl_crystal.density_diffrn              ? 
_exptl_crystal.density_Matthews            2.72 
_exptl_crystal.density_method              ? 
_exptl_crystal.density_percent_sol         54.80 
_exptl_crystal.description                 ? 
_exptl_crystal.F_000                       ? 
_exptl_crystal.id                          1 
_exptl_crystal.preparation                 ? 
_exptl_crystal.size_max                    ? 
_exptl_crystal.size_mid                    ? 
_exptl_crystal.size_min                    ? 
_exptl_crystal.size_rad                    ? 
_exptl_crystal.colour_lustre               ? 
_exptl_crystal.colour_modifier             ? 
_exptl_crystal.colour_primary              ? 
_exptl_crystal.density_meas                ? 
_exptl_crystal.density_meas_esd            ? 
_exptl_crystal.density_meas_gt             ? 
_exptl_crystal.density_meas_lt             ? 
_exptl_crystal.density_meas_temp           ? 
_exptl_crystal.density_meas_temp_esd       ? 
_exptl_crystal.density_meas_temp_gt        ? 
_exptl_crystal.density_meas_temp_lt        ? 
_exptl_crystal.pdbx_crystal_image_url      ? 
_exptl_crystal.pdbx_crystal_image_format   ? 
_exptl_crystal.pdbx_mosaicity              ? 
_exptl_crystal.pdbx_mosaicity_esd          ? 
# 
_exptl_crystal_grow.apparatus       ? 
_exptl_crystal_grow.atmosphere      ? 
_exptl_crystal_grow.crystal_id      1 
_exptl_crystal_grow.details         ? 
_exptl_crystal_grow.method          'VAPOR DIFFUSION, HANGING DROP' 
_exptl_crystal_grow.method_ref      ? 
_exptl_crystal_grow.pH              7.5 
_exptl_crystal_grow.pressure        ? 
_exptl_crystal_grow.pressure_esd    ? 
_exptl_crystal_grow.seeding         ? 
_exptl_crystal_grow.seeding_ref     ? 
_exptl_crystal_grow.temp            298 
_exptl_crystal_grow.temp_details    ? 
_exptl_crystal_grow.temp_esd        ? 
_exptl_crystal_grow.time            ? 
_exptl_crystal_grow.pdbx_details    '0.1 M HEPES pH 7.5, 0.8 M NaH2PO4, 0.8 M KH2PO4' 
_exptl_crystal_grow.pdbx_pH_range   ? 
# 
_diffrn.ambient_environment              ? 
_diffrn.ambient_temp                     100 
_diffrn.ambient_temp_details             ? 
_diffrn.ambient_temp_esd                 ? 
_diffrn.crystal_id                       1 
_diffrn.crystal_support                  ? 
_diffrn.crystal_treatment                ? 
_diffrn.details                          ? 
_diffrn.id                               1 
_diffrn.ambient_pressure                 ? 
_diffrn.ambient_pressure_esd             ? 
_diffrn.ambient_pressure_gt              ? 
_diffrn.ambient_pressure_lt              ? 
_diffrn.ambient_temp_gt                  ? 
_diffrn.ambient_temp_lt                  ? 
_diffrn.pdbx_serial_crystal_experiment   N 
# 
_diffrn_detector.details                      ? 
_diffrn_detector.detector                     PIXEL 
_diffrn_detector.diffrn_id                    1 
_diffrn_detector.type                         'DECTRIS PILATUS 6M' 
_diffrn_detector.area_resol_mean              ? 
_diffrn_detector.dtime                        ? 
_diffrn_detector.pdbx_frames_total            ? 
_diffrn_detector.pdbx_collection_time_total   ? 
_diffrn_detector.pdbx_collection_date         2019-02-24 
_diffrn_detector.pdbx_frequency               ? 
# 
_diffrn_radiation.collimation                      ? 
_diffrn_radiation.diffrn_id                        1 
_diffrn_radiation.filter_edge                      ? 
_diffrn_radiation.inhomogeneity                    ? 
_diffrn_radiation.monochromator                    ? 
_diffrn_radiation.polarisn_norm                    ? 
_diffrn_radiation.polarisn_ratio                   ? 
_diffrn_radiation.probe                            ? 
_diffrn_radiation.type                             ? 
_diffrn_radiation.xray_symbol                      ? 
_diffrn_radiation.wavelength_id                    1 
_diffrn_radiation.pdbx_monochromatic_or_laue_m_l   M 
_diffrn_radiation.pdbx_wavelength_list             ? 
_diffrn_radiation.pdbx_wavelength                  ? 
_diffrn_radiation.pdbx_diffrn_protocol             'SINGLE WAVELENGTH' 
_diffrn_radiation.pdbx_analyzer                    ? 
_diffrn_radiation.pdbx_scattering_type             x-ray 
# 
_diffrn_radiation_wavelength.id           1 
_diffrn_radiation_wavelength.wavelength   .99 
_diffrn_radiation_wavelength.wt           1.0 
# 
_diffrn_source.current                     ? 
_diffrn_source.details                     ? 
_diffrn_source.diffrn_id                   1 
_diffrn_source.power                       ? 
_diffrn_source.size                        ? 
_diffrn_source.source                      SYNCHROTRON 
_diffrn_source.target                      ? 
_diffrn_source.type                        'SSRL BEAMLINE BL12-2' 
_diffrn_source.voltage                     ? 
_diffrn_source.take-off_angle              ? 
_diffrn_source.pdbx_wavelength_list        .99 
_diffrn_source.pdbx_wavelength             ? 
_diffrn_source.pdbx_synchrotron_beamline   BL12-2 
_diffrn_source.pdbx_synchrotron_site       SSRL 
# 
_reflns.B_iso_Wilson_estimate            19.57 
_reflns.entry_id                         7JRQ 
_reflns.data_reduction_details           ? 
_reflns.data_reduction_method            ? 
_reflns.d_resolution_high                1.75 
_reflns.d_resolution_low                 39.68 
_reflns.details                          ? 
_reflns.limit_h_max                      ? 
_reflns.limit_h_min                      ? 
_reflns.limit_k_max                      ? 
_reflns.limit_k_min                      ? 
_reflns.limit_l_max                      ? 
_reflns.limit_l_min                      ? 
_reflns.number_all                       ? 
_reflns.number_obs                       18042 
_reflns.observed_criterion               ? 
_reflns.observed_criterion_F_max         ? 
_reflns.observed_criterion_F_min         ? 
_reflns.observed_criterion_I_max         ? 
_reflns.observed_criterion_I_min         ? 
_reflns.observed_criterion_sigma_F       ? 
_reflns.observed_criterion_sigma_I       ? 
_reflns.percent_possible_obs             99.2 
_reflns.R_free_details                   ? 
_reflns.Rmerge_F_all                     ? 
_reflns.Rmerge_F_obs                     ? 
_reflns.Friedel_coverage                 ? 
_reflns.number_gt                        ? 
_reflns.threshold_expression             ? 
_reflns.pdbx_redundancy                  8.7 
_reflns.pdbx_Rmerge_I_obs                ? 
_reflns.pdbx_Rmerge_I_all                ? 
_reflns.pdbx_Rsym_value                  ? 
_reflns.pdbx_netI_over_av_sigmaI         ? 
_reflns.pdbx_netI_over_sigmaI            5.2 
_reflns.pdbx_res_netI_over_av_sigmaI_2   ? 
_reflns.pdbx_res_netI_over_sigmaI_2      ? 
_reflns.pdbx_chi_squared                 ? 
_reflns.pdbx_scaling_rejects             ? 
_reflns.pdbx_d_res_high_opt              ? 
_reflns.pdbx_d_res_low_opt               ? 
_reflns.pdbx_d_res_opt_method            ? 
_reflns.phase_calculation_details        ? 
_reflns.pdbx_Rrim_I_all                  ? 
_reflns.pdbx_Rpim_I_all                  ? 
_reflns.pdbx_d_opt                       ? 
_reflns.pdbx_number_measured_all         ? 
_reflns.pdbx_diffrn_id                   1 
_reflns.pdbx_ordinal                     1 
_reflns.pdbx_CC_half                     .977 
_reflns.pdbx_CC_star                     ? 
_reflns.pdbx_R_split                     ? 
# 
_reflns_shell.d_res_high                  1.75 
_reflns_shell.d_res_low                   1.8 
_reflns_shell.meanI_over_sigI_all         ? 
_reflns_shell.meanI_over_sigI_obs         ? 
_reflns_shell.number_measured_all         ? 
_reflns_shell.number_measured_obs         ? 
_reflns_shell.number_possible             ? 
_reflns_shell.number_unique_all           ? 
_reflns_shell.number_unique_obs           1510 
_reflns_shell.percent_possible_all        ? 
_reflns_shell.percent_possible_obs        ? 
_reflns_shell.Rmerge_F_all                ? 
_reflns_shell.Rmerge_F_obs                ? 
_reflns_shell.Rmerge_I_all                ? 
_reflns_shell.Rmerge_I_obs                ? 
_reflns_shell.meanI_over_sigI_gt          ? 
_reflns_shell.meanI_over_uI_all           ? 
_reflns_shell.meanI_over_uI_gt            ? 
_reflns_shell.number_measured_gt          ? 
_reflns_shell.number_unique_gt            ? 
_reflns_shell.percent_possible_gt         ? 
_reflns_shell.Rmerge_F_gt                 ? 
_reflns_shell.Rmerge_I_gt                 ? 
_reflns_shell.pdbx_redundancy             ? 
_reflns_shell.pdbx_Rsym_value             ? 
_reflns_shell.pdbx_chi_squared            ? 
_reflns_shell.pdbx_netI_over_sigmaI_all   ? 
_reflns_shell.pdbx_netI_over_sigmaI_obs   ? 
_reflns_shell.pdbx_Rrim_I_all             ? 
_reflns_shell.pdbx_Rpim_I_all             ? 
_reflns_shell.pdbx_rejects                ? 
_reflns_shell.pdbx_ordinal                1 
_reflns_shell.pdbx_diffrn_id              1 
_reflns_shell.pdbx_CC_half                .48 
_reflns_shell.pdbx_CC_star                ? 
_reflns_shell.pdbx_R_split                ? 
# 
_refine.aniso_B[1][1]                            ? 
_refine.aniso_B[1][2]                            ? 
_refine.aniso_B[1][3]                            ? 
_refine.aniso_B[2][2]                            ? 
_refine.aniso_B[2][3]                            ? 
_refine.aniso_B[3][3]                            ? 
_refine.B_iso_max                                ? 
_refine.B_iso_mean                               25.08 
_refine.B_iso_min                                ? 
_refine.correlation_coeff_Fo_to_Fc               ? 
_refine.correlation_coeff_Fo_to_Fc_free          ? 
_refine.details                                  ? 
_refine.diff_density_max                         ? 
_refine.diff_density_max_esd                     ? 
_refine.diff_density_min                         ? 
_refine.diff_density_min_esd                     ? 
_refine.diff_density_rms                         ? 
_refine.diff_density_rms_esd                     ? 
_refine.entry_id                                 7JRQ 
_refine.pdbx_refine_id                           'X-RAY DIFFRACTION' 
_refine.ls_abs_structure_details                 ? 
_refine.ls_abs_structure_Flack                   ? 
_refine.ls_abs_structure_Flack_esd               ? 
_refine.ls_abs_structure_Rogers                  ? 
_refine.ls_abs_structure_Rogers_esd              ? 
_refine.ls_d_res_high                            1.75 
_refine.ls_d_res_low                             39.68 
_refine.ls_extinction_coef                       ? 
_refine.ls_extinction_coef_esd                   ? 
_refine.ls_extinction_expression                 ? 
_refine.ls_extinction_method                     ? 
_refine.ls_goodness_of_fit_all                   ? 
_refine.ls_goodness_of_fit_all_esd               ? 
_refine.ls_goodness_of_fit_obs                   ? 
_refine.ls_goodness_of_fit_obs_esd               ? 
_refine.ls_hydrogen_treatment                    ? 
_refine.ls_matrix_type                           ? 
_refine.ls_number_constraints                    ? 
_refine.ls_number_parameters                     ? 
_refine.ls_number_reflns_all                     ? 
_refine.ls_number_reflns_obs                     18042 
_refine.ls_number_reflns_R_free                  1796 
_refine.ls_number_reflns_R_work                  16246 
_refine.ls_number_restraints                     ? 
_refine.ls_percent_reflns_obs                    99.21 
_refine.ls_percent_reflns_R_free                 9.95 
_refine.ls_R_factor_all                          ? 
_refine.ls_R_factor_obs                          0.1981 
_refine.ls_R_factor_R_free                       0.2295 
_refine.ls_R_factor_R_free_error                 ? 
_refine.ls_R_factor_R_free_error_details         ? 
_refine.ls_R_factor_R_work                       0.1947 
_refine.ls_R_Fsqd_factor_obs                     ? 
_refine.ls_R_I_factor_obs                        ? 
_refine.ls_redundancy_reflns_all                 ? 
_refine.ls_redundancy_reflns_obs                 ? 
_refine.ls_restrained_S_all                      ? 
_refine.ls_restrained_S_obs                      ? 
_refine.ls_shift_over_esd_max                    ? 
_refine.ls_shift_over_esd_mean                   ? 
_refine.ls_structure_factor_coef                 ? 
_refine.ls_weighting_details                     ? 
_refine.ls_weighting_scheme                      ? 
_refine.ls_wR_factor_all                         ? 
_refine.ls_wR_factor_obs                         ? 
_refine.ls_wR_factor_R_free                      ? 
_refine.ls_wR_factor_R_work                      ? 
_refine.occupancy_max                            ? 
_refine.occupancy_min                            ? 
_refine.solvent_model_details                    'FLAT BULK SOLVENT MODEL' 
_refine.solvent_model_param_bsol                 ? 
_refine.solvent_model_param_ksol                 ? 
_refine.pdbx_R_complete                          ? 
_refine.ls_R_factor_gt                           ? 
_refine.ls_goodness_of_fit_gt                    ? 
_refine.ls_goodness_of_fit_ref                   ? 
_refine.ls_shift_over_su_max                     ? 
_refine.ls_shift_over_su_max_lt                  ? 
_refine.ls_shift_over_su_mean                    ? 
_refine.ls_shift_over_su_mean_lt                 ? 
_refine.pdbx_ls_sigma_I                          ? 
_refine.pdbx_ls_sigma_F                          1.34 
_refine.pdbx_ls_sigma_Fsqd                       ? 
_refine.pdbx_data_cutoff_high_absF               ? 
_refine.pdbx_data_cutoff_high_rms_absF           ? 
_refine.pdbx_data_cutoff_low_absF                ? 
_refine.pdbx_isotropic_thermal_model             ? 
_refine.pdbx_ls_cross_valid_method               'FREE R-VALUE' 
_refine.pdbx_method_to_determine_struct          'MOLECULAR REPLACEMENT' 
_refine.pdbx_starting_model                      5tgy 
_refine.pdbx_stereochemistry_target_values       'GeoStd + Monomer Library + CDL v1.2' 
_refine.pdbx_R_Free_selection_details            ? 
_refine.pdbx_stereochem_target_val_spec_case     ? 
_refine.pdbx_overall_ESU_R                       ? 
_refine.pdbx_overall_ESU_R_Free                  ? 
_refine.pdbx_solvent_vdw_probe_radii             1.1100 
_refine.pdbx_solvent_ion_probe_radii             ? 
_refine.pdbx_solvent_shrinkage_radii             0.9000 
_refine.pdbx_real_space_R                        ? 
_refine.pdbx_density_correlation                 ? 
_refine.pdbx_pd_number_of_powder_patterns        ? 
_refine.pdbx_pd_number_of_points                 ? 
_refine.pdbx_pd_meas_number_of_points            ? 
_refine.pdbx_pd_proc_ls_prof_R_factor            ? 
_refine.pdbx_pd_proc_ls_prof_wR_factor           ? 
_refine.pdbx_pd_Marquardt_correlation_coeff      ? 
_refine.pdbx_pd_Fsqrd_R_factor                   ? 
_refine.pdbx_pd_ls_matrix_band_width             ? 
_refine.pdbx_overall_phase_error                 24.0354 
_refine.pdbx_overall_SU_R_free_Cruickshank_DPI   ? 
_refine.pdbx_overall_SU_R_free_Blow_DPI          ? 
_refine.pdbx_overall_SU_R_Blow_DPI               ? 
_refine.pdbx_TLS_residual_ADP_flag               ? 
_refine.pdbx_diffrn_id                           1 
_refine.overall_SU_B                             ? 
_refine.overall_SU_ML                            0.1883 
_refine.overall_SU_R_Cruickshank_DPI             ? 
_refine.overall_SU_R_free                        ? 
_refine.overall_FOM_free_R_set                   ? 
_refine.overall_FOM_work_R_set                   ? 
_refine.pdbx_average_fsc_overall                 ? 
_refine.pdbx_average_fsc_work                    ? 
_refine.pdbx_average_fsc_free                    ? 
# 
_refine_hist.pdbx_refine_id                   'X-RAY DIFFRACTION' 
_refine_hist.cycle_id                         LAST 
_refine_hist.details                          ? 
_refine_hist.d_res_high                       1.75 
_refine_hist.d_res_low                        39.68 
_refine_hist.number_atoms_solvent             37 
_refine_hist.number_atoms_total               1172 
_refine_hist.number_reflns_all                ? 
_refine_hist.number_reflns_obs                ? 
_refine_hist.number_reflns_R_free             ? 
_refine_hist.number_reflns_R_work             ? 
_refine_hist.R_factor_all                     ? 
_refine_hist.R_factor_obs                     ? 
_refine_hist.R_factor_R_free                  ? 
_refine_hist.R_factor_R_work                  ? 
_refine_hist.pdbx_number_residues_total       ? 
_refine_hist.pdbx_B_iso_mean_ligand           ? 
_refine_hist.pdbx_B_iso_mean_solvent          ? 
_refine_hist.pdbx_number_atoms_protein        1054 
_refine_hist.pdbx_number_atoms_nucleic_acid   0 
_refine_hist.pdbx_number_atoms_ligand         81 
_refine_hist.pdbx_number_atoms_lipid          ? 
_refine_hist.pdbx_number_atoms_carb           ? 
_refine_hist.pdbx_pseudo_atom_details         ? 
# 
loop_
_refine_ls_restr.pdbx_refine_id 
_refine_ls_restr.criterion 
_refine_ls_restr.dev_ideal 
_refine_ls_restr.dev_ideal_target 
_refine_ls_restr.number 
_refine_ls_restr.rejects 
_refine_ls_restr.type 
_refine_ls_restr.weight 
_refine_ls_restr.pdbx_restraint_function 
'X-RAY DIFFRACTION' ? 0.0076  ? 1203 ? f_bond_d           ? ? 
'X-RAY DIFFRACTION' ? 0.7246  ? 1641 ? f_angle_d          ? ? 
'X-RAY DIFFRACTION' ? 0.0361  ? 158  ? f_chiral_restr     ? ? 
'X-RAY DIFFRACTION' ? 0.0176  ? 214  ? f_plane_restr      ? ? 
'X-RAY DIFFRACTION' ? 22.4839 ? 176  ? f_dihedral_angle_d ? ? 
# 
loop_
_refine_ls_shell.pdbx_refine_id 
_refine_ls_shell.d_res_high 
_refine_ls_shell.d_res_low 
_refine_ls_shell.number_reflns_all 
_refine_ls_shell.number_reflns_obs 
_refine_ls_shell.number_reflns_R_free 
_refine_ls_shell.number_reflns_R_work 
_refine_ls_shell.percent_reflns_obs 
_refine_ls_shell.percent_reflns_R_free 
_refine_ls_shell.R_factor_all 
_refine_ls_shell.R_factor_obs 
_refine_ls_shell.R_factor_R_free 
_refine_ls_shell.R_factor_R_free_error 
_refine_ls_shell.R_factor_R_work 
_refine_ls_shell.redundancy_reflns_all 
_refine_ls_shell.redundancy_reflns_obs 
_refine_ls_shell.wR_factor_all 
_refine_ls_shell.wR_factor_obs 
_refine_ls_shell.wR_factor_R_free 
_refine_ls_shell.wR_factor_R_work 
_refine_ls_shell.pdbx_R_complete 
_refine_ls_shell.pdbx_total_number_of_bins_used 
_refine_ls_shell.pdbx_phase_error 
_refine_ls_shell.pdbx_fsc_work 
_refine_ls_shell.pdbx_fsc_free 
'X-RAY DIFFRACTION' 1.75 1.80  . . 125 1144 94.63  . . . 0.3814 . 0.3259 . . . . . . . . . . . 
'X-RAY DIFFRACTION' 1.80 1.85  . . 133 1191 98.29  . . . 0.2962 . 0.2834 . . . . . . . . . . . 
'X-RAY DIFFRACTION' 1.85 1.91  . . 139 1239 99.28  . . . 0.3212 . 0.2607 . . . . . . . . . . . 
'X-RAY DIFFRACTION' 1.91 1.98  . . 134 1214 99.34  . . . 0.2590 . 0.2361 . . . . . . . . . . . 
'X-RAY DIFFRACTION' 1.98 2.06  . . 137 1242 99.49  . . . 0.2449 . 0.2290 . . . . . . . . . . . 
'X-RAY DIFFRACTION' 2.06 2.15  . . 136 1228 99.93  . . . 0.2789 . 0.1967 . . . . . . . . . . . 
'X-RAY DIFFRACTION' 2.15 2.26  . . 137 1237 99.49  . . . 0.2000 . 0.1755 . . . . . . . . . . . 
'X-RAY DIFFRACTION' 2.26 2.41  . . 137 1243 99.86  . . . 0.2215 . 0.1718 . . . . . . . . . . . 
'X-RAY DIFFRACTION' 2.41 2.59  . . 138 1247 99.93  . . . 0.2385 . 0.1727 . . . . . . . . . . . 
'X-RAY DIFFRACTION' 2.59 2.85  . . 141 1269 100.00 . . . 0.2431 . 0.1856 . . . . . . . . . . . 
'X-RAY DIFFRACTION' 2.85 3.26  . . 141 1284 99.65  . . . 0.2082 . 0.1834 . . . . . . . . . . . 
'X-RAY DIFFRACTION' 3.27 4.11  . . 144 1305 100.00 . . . 0.1949 . 0.1680 . . . . . . . . . . . 
'X-RAY DIFFRACTION' 4.12 39.68 . . 154 1403 99.62  . . . 0.2104 . 0.1930 . . . . . . . . . . . 
# 
_struct.entry_id                     7JRQ 
_struct.title                        'Crystallographically Characterized De Novo Designed Mn-Diphenylporphyrin Binding Protein' 
_struct.pdbx_model_details           ? 
_struct.pdbx_formula_weight          ? 
_struct.pdbx_formula_weight_method   ? 
_struct.pdbx_model_type_details      ? 
_struct.pdbx_CASP_flag               N 
# 
_struct_keywords.entry_id        7JRQ 
_struct_keywords.text            
'metalloprotein, porphyrin, oxidation, sulfoxidation, high-talent, helical bundle, DE NOVO PROTEIN' 
_struct_keywords.pdbx_keywords   'DE NOVO PROTEIN' 
# 
loop_
_struct_asym.id 
_struct_asym.pdbx_blank_PDB_chainid_flag 
_struct_asym.pdbx_modified 
_struct_asym.entity_id 
_struct_asym.details 
A N N 1 ? 
B N N 2 ? 
C N N 3 ? 
D N N 3 ? 
E N N 4 ? 
F N N 5 ? 
# 
loop_
_struct_conf.conf_type_id 
_struct_conf.id 
_struct_conf.pdbx_PDB_helix_id 
_struct_conf.beg_label_comp_id 
_struct_conf.beg_label_asym_id 
_struct_conf.beg_label_seq_id 
_struct_conf.pdbx_beg_PDB_ins_code 
_struct_conf.end_label_comp_id 
_struct_conf.end_label_asym_id 
_struct_conf.end_label_seq_id 
_struct_conf.pdbx_end_PDB_ins_code 
_struct_conf.beg_auth_comp_id 
_struct_conf.beg_auth_asym_id 
_struct_conf.beg_auth_seq_id 
_struct_conf.end_auth_comp_id 
_struct_conf.end_auth_asym_id 
_struct_conf.end_auth_seq_id 
_struct_conf.pdbx_PDB_helix_class 
_struct_conf.details 
_struct_conf.pdbx_PDB_helix_length 
HELX_P HELX_P1 AA1 ASN A 8   ? PHE A 11  ? ASN A 9   PHE A 12  5 ? 4  
HELX_P HELX_P2 AA2 GLN A 12  ? GLY A 44  ? GLN A 13  GLY A 45  1 ? 33 
HELX_P HELX_P3 AA3 ASP A 45  ? LYS A 73  ? ASP A 46  LYS A 74  1 ? 29 
HELX_P HELX_P4 AA4 SER A 78  ? GLY A 101 ? SER A 79  GLY A 102 1 ? 24 
HELX_P HELX_P5 AA5 ASP A 102 ? LYS A 129 ? ASP A 103 LYS A 130 1 ? 28 
# 
_struct_conf_type.id          HELX_P 
_struct_conf_type.criteria    ? 
_struct_conf_type.reference   ? 
# 
loop_
_struct_conn.id 
_struct_conn.conn_type_id 
_struct_conn.pdbx_leaving_atom_flag 
_struct_conn.pdbx_PDB_id 
_struct_conn.ptnr1_label_asym_id 
_struct_conn.ptnr1_label_comp_id 
_struct_conn.ptnr1_label_seq_id 
_struct_conn.ptnr1_label_atom_id 
_struct_conn.pdbx_ptnr1_label_alt_id 
_struct_conn.pdbx_ptnr1_PDB_ins_code 
_struct_conn.pdbx_ptnr1_standard_comp_id 
_struct_conn.ptnr1_symmetry 
_struct_conn.ptnr2_label_asym_id 
_struct_conn.ptnr2_label_comp_id 
_struct_conn.ptnr2_label_seq_id 
_struct_conn.ptnr2_label_atom_id 
_struct_conn.pdbx_ptnr2_label_alt_id 
_struct_conn.pdbx_ptnr2_PDB_ins_code 
_struct_conn.ptnr1_auth_asym_id 
_struct_conn.ptnr1_auth_comp_id 
_struct_conn.ptnr1_auth_seq_id 
_struct_conn.ptnr2_auth_asym_id 
_struct_conn.ptnr2_auth_comp_id 
_struct_conn.ptnr2_auth_seq_id 
_struct_conn.ptnr2_symmetry 
_struct_conn.pdbx_ptnr3_label_atom_id 
_struct_conn.pdbx_ptnr3_label_seq_id 
_struct_conn.pdbx_ptnr3_label_comp_id 
_struct_conn.pdbx_ptnr3_label_asym_id 
_struct_conn.pdbx_ptnr3_label_alt_id 
_struct_conn.pdbx_ptnr3_PDB_ins_code 
_struct_conn.details 
_struct_conn.pdbx_dist_value 
_struct_conn.pdbx_value_order 
_struct_conn.pdbx_role 
metalc1 metalc ? ? A GLU 57 OE1 ? ? ? 1_555 D SMU . MN1 ? ? A GLU 58  A SMU 203 1_555 ? ? ? ? ? ? ? 2.614 ? ? 
metalc2 metalc ? ? A HIS 63 NE2 ? ? ? 1_555 C SMU . MN1 ? ? A HIS 64  A SMU 202 1_555 ? ? ? ? ? ? ? 2.389 ? ? 
metalc3 metalc ? ? C SMU .  MN1 ? ? ? 1_555 F HOH . O   ? ? A SMU 202 A HOH 322 1_555 ? ? ? ? ? ? ? 2.618 ? ? 
# 
_struct_conn_type.id          metalc 
_struct_conn_type.criteria    ? 
_struct_conn_type.reference   ? 
# 
_atom_sites.entry_id                    7JRQ 
_atom_sites.Cartn_transf_matrix[1][1]   ? 
_atom_sites.Cartn_transf_matrix[1][2]   ? 
_atom_sites.Cartn_transf_matrix[1][3]   ? 
_atom_sites.Cartn_transf_matrix[2][1]   ? 
_atom_sites.Cartn_transf_matrix[2][2]   ? 
_atom_sites.Cartn_transf_matrix[2][3]   ? 
_atom_sites.Cartn_transf_matrix[3][1]   ? 
_atom_sites.Cartn_transf_matrix[3][2]   ? 
_atom_sites.Cartn_transf_matrix[3][3]   ? 
_atom_sites.Cartn_transf_vector[1]      ? 
_atom_sites.Cartn_transf_vector[2]      ? 
_atom_sites.Cartn_transf_vector[3]      ? 
_atom_sites.fract_transf_matrix[1][1]   0.00572876 
_atom_sites.fract_transf_matrix[1][2]   0.01951417 
_atom_sites.fract_transf_matrix[1][3]   0.00855561 
_atom_sites.fract_transf_matrix[2][1]   0.00219815 
_atom_sites.fract_transf_matrix[2][2]   0.00827091 
_atom_sites.fract_transf_matrix[2][3]   -0.02033667 
_atom_sites.fract_transf_matrix[3][1]   -0.00584880 
_atom_sites.fract_transf_matrix[3][2]   0.00169242 
_atom_sites.fract_transf_matrix[3][3]   0.00005612 
_atom_sites.fract_transf_vector[1]      0.166697 
_atom_sites.fract_transf_vector[2]      -0.450740 
_atom_sites.fract_transf_vector[3]      0.039678 
_atom_sites.solution_primary            ? 
_atom_sites.solution_secondary          ? 
_atom_sites.solution_hydrogens          ? 
_atom_sites.special_details             ? 
# 
loop_
_atom_type.symbol 
_atom_type.scat_dispersion_real 
_atom_type.scat_dispersion_imag 
_atom_type.scat_Cromer_Mann_a1 
_atom_type.scat_Cromer_Mann_a2 
_atom_type.scat_Cromer_Mann_a3 
_atom_type.scat_Cromer_Mann_a4 
_atom_type.scat_Cromer_Mann_b1 
_atom_type.scat_Cromer_Mann_b2 
_atom_type.scat_Cromer_Mann_b3 
_atom_type.scat_Cromer_Mann_b4 
_atom_type.scat_Cromer_Mann_c 
_atom_type.scat_source 
_atom_type.scat_dispersion_source 
C  ? ? 3.54356  2.42580 ? ? 25.62398 1.50364  ? ? 0.0 
;2-Gaussian fit: Grosse-Kunstleve RW, Sauter NK, Adams PD: Newsletter of the IUCr Commission on Crystallographic Computing 2004, 3, 22-31.
;
? 
CL ? ? 9.50761  7.44341 ? ? 1.04373  23.83732 ? ? 0.0 
;2-Gaussian fit: Grosse-Kunstleve RW, Sauter NK, Adams PD: Newsletter of the IUCr Commission on Crystallographic Computing 2004, 3, 22-31.
;
? 
MN ? ? 20.23591 4.67902 ? ? 2.76514  44.01191 ? ? 0.0 
;2-Gaussian fit: Grosse-Kunstleve RW, Sauter NK, Adams PD: Newsletter of the IUCr Commission on Crystallographic Computing 2004, 3, 22-31.
;
? 
N  ? ? 4.01032  2.96436 ? ? 19.97189 1.75589  ? ? 0.0 
;2-Gaussian fit: Grosse-Kunstleve RW, Sauter NK, Adams PD: Newsletter of the IUCr Commission on Crystallographic Computing 2004, 3, 22-31.
;
? 
O  ? ? 4.49882  3.47563 ? ? 15.80542 1.70748  ? ? 0.0 
;2-Gaussian fit: Grosse-Kunstleve RW, Sauter NK, Adams PD: Newsletter of the IUCr Commission on Crystallographic Computing 2004, 3, 22-31.
;
? 
# 
loop_
_atom_site.group_PDB 
_atom_site.id 
_atom_site.type_symbol 
_atom_site.label_atom_id 
_atom_site.label_alt_id 
_atom_site.label_comp_id 
_atom_site.label_asym_id 
_atom_site.label_entity_id 
_atom_site.label_seq_id 
_atom_site.pdbx_PDB_ins_code 
_atom_site.Cartn_x 
_atom_site.Cartn_y 
_atom_site.Cartn_z 
_atom_site.occupancy 
_atom_site.B_iso_or_equiv 
_atom_site.pdbx_formal_charge 
_atom_site.auth_seq_id 
_atom_site.auth_comp_id 
_atom_site.auth_asym_id 
_atom_site.auth_atom_id 
_atom_site.pdbx_PDB_model_num 
ATOM   1    N  N   . HIS A 1 5   ? -20.35391 24.97450  3.20132   1.000 64.27551 ? 6   HIS A N   1 
ATOM   2    C  CA  . HIS A 1 5   ? -21.31634 23.95632  2.78976   1.000 61.42040 ? 6   HIS A CA  1 
ATOM   3    C  C   . HIS A 1 5   ? -20.60643 22.76259  2.15036   1.000 46.06726 ? 6   HIS A C   1 
ATOM   4    O  O   . HIS A 1 5   ? -19.50159 22.89073  1.62586   1.000 59.10751 ? 6   HIS A O   1 
ATOM   5    C  CB  . HIS A 1 5   ? -22.34710 24.54683  1.82434   1.000 56.90765 ? 6   HIS A CB  1 
ATOM   6    C  CG  . HIS A 1 5   ? -23.73613 24.02674  2.02916   1.000 60.48519 ? 6   HIS A CG  1 
ATOM   7    N  ND1 . HIS A 1 5   ? -24.02452 22.68020  2.11148   1.000 48.79436 ? 6   HIS A ND1 1 
ATOM   8    C  CD2 . HIS A 1 5   ? -24.91744 24.67448  2.17378   1.000 66.11195 ? 6   HIS A CD2 1 
ATOM   9    C  CE1 . HIS A 1 5   ? -25.32410 22.52192  2.29687   1.000 52.64734 ? 6   HIS A CE1 1 
ATOM   10   N  NE2 . HIS A 1 5   ? -25.88873 23.71585  2.33744   1.000 63.80132 ? 6   HIS A NE2 1 
ATOM   11   N  N   . HIS A 1 6   ? -21.26046 21.60724  2.18705   0.616 37.13749 ? 7   HIS A N   1 
ATOM   12   C  CA  . HIS A 1 6   ? -20.63796 20.33813  1.84632   0.616 34.83090 ? 7   HIS A CA  1 
ATOM   13   C  C   . HIS A 1 6   ? -20.96232 19.92830  0.41436   0.616 25.93290 ? 7   HIS A C   1 
ATOM   14   O  O   . HIS A 1 6   ? -22.09899 20.06569  -0.04341  0.616 16.70598 ? 7   HIS A O   1 
ATOM   15   C  CB  . HIS A 1 6   ? -21.09631 19.25536  2.82337   0.616 40.32672 ? 7   HIS A CB  1 
ATOM   16   C  CG  . HIS A 1 6   ? -20.60981 19.46591  4.22334   0.616 43.93685 ? 7   HIS A CG  1 
ATOM   17   N  ND1 . HIS A 1 6   ? -21.05270 18.71090  5.28812   0.616 47.33850 ? 7   HIS A ND1 1 
ATOM   18   C  CD2 . HIS A 1 6   ? -19.70690 20.33852  4.73043   0.616 46.74932 ? 7   HIS A CD2 1 
ATOM   19   C  CE1 . HIS A 1 6   ? -20.44813 19.11400  6.39153   0.616 56.02950 ? 7   HIS A CE1 1 
ATOM   20   N  NE2 . HIS A 1 6   ? -19.62461 20.09916  6.08030   0.616 45.73596 ? 7   HIS A NE2 1 
ATOM   21   N  N   . GLU A 1 7   ? -19.94990 19.42029  -0.28562  1.000 23.60822 ? 8   GLU A N   1 
ATOM   22   C  CA  . GLU A 1 7   ? -20.09890 18.86759  -1.62596  1.000 20.13403 ? 8   GLU A CA  1 
ATOM   23   C  C   . GLU A 1 7   ? -19.31791 17.56386  -1.67182  1.000 20.35285 ? 8   GLU A C   1 
ATOM   24   O  O   . GLU A 1 7   ? -18.19497 17.50229  -1.16426  1.000 19.62935 ? 8   GLU A O   1 
ATOM   25   C  CB  . GLU A 1 7   ? -19.58038 19.84691  -2.69140  1.000 21.15624 ? 8   GLU A CB  1 
ATOM   26   C  CG  . GLU A 1 7   ? -19.83139 19.47791  -4.17179  1.000 20.82650 ? 8   GLU A CG  1 
ATOM   27   C  CD  . GLU A 1 7   ? -21.28903 19.15316  -4.48891  0.569 18.09834 ? 8   GLU A CD  1 
ATOM   28   O  OE1 . GLU A 1 7   ? -22.17418 19.78364  -3.88865  0.829 18.19591 ? 8   GLU A OE1 1 
ATOM   29   O  OE2 . GLU A 1 7   ? -21.54742 18.31546  -5.38095  0.762 16.49660 ? 8   GLU A OE2 1 
ATOM   30   N  N   . ASN A 1 8   ? -19.91737 16.51974  -2.23948  1.000 15.70003 ? 9   ASN A N   1 
ATOM   31   C  CA  . ASN A 1 8   ? -19.20657 15.25483  -2.41405  1.000 14.70142 ? 9   ASN A CA  1 
ATOM   32   C  C   . ASN A 1 8   ? -17.97466 15.46804  -3.29054  1.000 19.80233 ? 9   ASN A C   1 
ATOM   33   O  O   . ASN A 1 8   ? -18.06154 16.08584  -4.35908  1.000 14.24876 ? 9   ASN A O   1 
ATOM   34   C  CB  . ASN A 1 8   ? -20.14121 14.22644  -3.06136  1.000 13.23211 ? 9   ASN A CB  1 
ATOM   35   C  CG  . ASN A 1 8   ? -19.62606 12.79809  -2.95388  1.000 21.81056 ? 9   ASN A CG  1 
ATOM   36   O  OD1 . ASN A 1 8   ? -18.42248 12.54978  -3.03092  1.000 19.94267 ? 9   ASN A OD1 1 
ATOM   37   N  ND2 . ASN A 1 8   ? -20.55261 11.84120  -2.83594  1.000 18.78769 ? 9   ASN A ND2 1 
ATOM   38   N  N   . LEU A 1 9   ? -16.82240 14.95542  -2.83259  1.000 17.28684 ? 10  LEU A N   1 
ATOM   39   C  CA  . LEU A 1 9   ? -15.61963 14.95491  -3.65965  1.000 16.62763 ? 10  LEU A CA  1 
ATOM   40   C  C   . LEU A 1 9   ? -15.89248 14.37556  -5.04030  1.000 14.29410 ? 10  LEU A C   1 
ATOM   41   O  O   . LEU A 1 9   ? -15.24870 14.77169  -6.02168  1.000 13.69572 ? 10  LEU A O   1 
ATOM   42   C  CB  . LEU A 1 9   ? -14.51515 14.13743  -2.97933  1.000 16.18002 ? 10  LEU A CB  1 
ATOM   43   C  CG  . LEU A 1 9   ? -13.13697 14.09107  -3.64782  1.000 14.35162 ? 10  LEU A CG  1 
ATOM   44   C  CD1 . LEU A 1 9   ? -12.56524 15.49016  -3.86651  1.000 15.93252 ? 10  LEU A CD1 1 
ATOM   45   C  CD2 . LEU A 1 9   ? -12.17418 13.21700  -2.82903  1.000 17.49938 ? 10  LEU A CD2 1 
ATOM   46   N  N   . TYR A 1 10  ? -16.84264 13.43596  -5.13545  1.000 14.78762 ? 11  TYR A N   1 
ATOM   47   C  CA  . TYR A 1 10  ? -17.16479 12.81872  -6.42015  1.000 17.69539 ? 11  TYR A CA  1 
ATOM   48   C  C   . TYR A 1 10  ? -17.43952 13.86544  -7.49751  1.000 17.64062 ? 11  TYR A C   1 
ATOM   49   O  O   . TYR A 1 10  ? -17.06931 13.68150  -8.66423  1.000 15.53834 ? 11  TYR A O   1 
ATOM   50   C  CB  . TYR A 1 10  ? -18.38599 11.88984  -6.28348  1.000 18.50318 ? 11  TYR A CB  1 
ATOM   51   C  CG  . TYR A 1 10  ? -18.78776 11.31968  -7.61500  1.000 16.94876 ? 11  TYR A CG  1 
ATOM   52   C  CD1 . TYR A 1 10  ? -17.98778 10.37564  -8.25516  1.000 21.17589 ? 11  TYR A CD1 1 
ATOM   53   C  CD2 . TYR A 1 10  ? -19.93226 11.77545  -8.27448  1.000 16.28057 ? 11  TYR A CD2 1 
ATOM   54   C  CE1 . TYR A 1 10  ? -18.32796 9.87229   -9.49219  1.000 18.32857 ? 11  TYR A CE1 1 
ATOM   55   C  CE2 . TYR A 1 10  ? -20.27939 11.27706  -9.51070  1.000 19.51873 ? 11  TYR A CE2 1 
ATOM   56   C  CZ  . TYR A 1 10  ? -19.47972 10.32938  -10.11143 1.000 23.13992 ? 11  TYR A CZ  1 
ATOM   57   O  OH  . TYR A 1 10  ? -19.82606 9.83650   -11.34200 1.000 27.71922 ? 11  TYR A OH  1 
ATOM   58   N  N   . PHE A 1 11  ? -18.09640 14.96474  -7.12685  1.000 15.54879 ? 12  PHE A N   1 
ATOM   59   C  CA  . PHE A 1 11  ? -18.49501 16.00455  -8.07261  1.000 16.77150 ? 12  PHE A CA  1 
ATOM   60   C  C   . PHE A 1 11  ? -17.46473 17.12380  -8.18804  1.000 18.98115 ? 12  PHE A C   1 
ATOM   61   O  O   . PHE A 1 11  ? -17.65050 18.05569  -8.97874  1.000 17.90271 ? 12  PHE A O   1 
ATOM   62   C  CB  . PHE A 1 11  ? -19.86993 16.58783  -7.66906  1.000 15.17771 ? 12  PHE A CB  1 
ATOM   63   C  CG  . PHE A 1 11  ? -21.01067 15.60465  -7.80828  1.000 16.64399 ? 12  PHE A CG  1 
ATOM   64   C  CD1 . PHE A 1 11  ? -21.63030 15.06563  -6.68494  1.000 13.89712 ? 12  PHE A CD1 1 
ATOM   65   C  CD2 . PHE A 1 11  ? -21.44432 15.20365  -9.06310  1.000 16.28620 ? 12  PHE A CD2 1 
ATOM   66   C  CE1 . PHE A 1 11  ? -22.66843 14.15199  -6.81271  1.000 14.34603 ? 12  PHE A CE1 1 
ATOM   67   C  CE2 . PHE A 1 11  ? -22.49645 14.29496  -9.19896  1.000 16.15764 ? 12  PHE A CE2 1 
ATOM   68   C  CZ  . PHE A 1 11  ? -23.09984 13.76595  -8.07985  1.000 14.52023 ? 12  PHE A CZ  1 
ATOM   69   N  N   . GLN A 1 12  ? -16.38365 17.06426  -7.42172  1.000 15.21917 ? 13  GLN A N   1 
ATOM   70   C  CA  . GLN A 1 12  ? -15.33949 18.08361  -7.48648  1.000 17.53681 ? 13  GLN A CA  1 
ATOM   71   C  C   . GLN A 1 12  ? -14.22198 17.54668  -8.37853  1.000 22.32511 ? 13  GLN A C   1 
ATOM   72   O  O   . GLN A 1 12  ? -13.22463 16.98754  -7.91896  1.000 17.51367 ? 13  GLN A O   1 
ATOM   73   C  CB  . GLN A 1 12  ? -14.86424 18.43321  -6.08070  1.000 19.40034 ? 13  GLN A CB  1 
ATOM   74   C  CG  . GLN A 1 12  ? -16.00616 18.86015  -5.16506  1.000 18.90278 ? 13  GLN A CG  1 
ATOM   75   C  CD  . GLN A 1 12  ? -15.54503 19.11911  -3.74788  1.000 24.59979 ? 13  GLN A CD  1 
ATOM   76   O  OE1 . GLN A 1 12  ? -14.91712 18.25849  -3.12623  1.000 28.36680 ? 13  GLN A OE1 1 
ATOM   77   N  NE2 . GLN A 1 12  ? -15.84967 20.30291  -3.22735  1.000 32.78750 ? 13  GLN A NE2 1 
ATOM   78   N  N   . SER A 1 13  ? -14.41281 17.70388  -9.69337  1.000 16.44644 ? 14  SER A N   1 
ATOM   79   C  CA  . SER A 1 13  ? -13.49985 17.06229  -10.64441 1.000 20.48118 ? 14  SER A CA  1 
ATOM   80   C  C   . SER A 1 13  ? -12.05645 17.52832  -10.47724 1.000 20.38483 ? 14  SER A C   1 
ATOM   81   O  O   . SER A 1 13  ? -11.11871 16.73615  -10.67761 1.000 17.23339 ? 14  SER A O   1 
ATOM   82   C  CB  . SER A 1 13  ? -13.98266 17.30869  -12.07566 1.000 24.80885 ? 14  SER A CB  1 
ATOM   83   O  OG  . SER A 1 13  ? -13.96407 18.69096  -12.39362 1.000 21.22617 ? 14  SER A OG  1 
ATOM   84   N  N   . SER A 1 14  ? -11.84499 18.79375  -10.10692 1.000 18.60289 ? 15  SER A N   1 
ATOM   85   C  CA  . SER A 1 14  ? -10.47280 19.29072  -10.01056 1.000 20.42756 ? 15  SER A CA  1 
ATOM   86   C  C   . SER A 1 14  ? -9.78645  18.77008  -8.74777  1.000 20.02924 ? 15  SER A C   1 
ATOM   87   O  O   . SER A 1 14  ? -8.64007  18.29766  -8.80078  1.000 19.56908 ? 15  SER A O   1 
ATOM   88   C  CB  . SER A 1 14  ? -10.47612 20.82383  -10.05283 1.000 29.41827 ? 15  SER A CB  1 
ATOM   89   O  OG  . SER A 1 14  ? -9.25082  21.36821  -9.58466  1.000 34.96033 ? 15  SER A OG  1 
ATOM   90   N  N   . GLU A 1 15  ? -10.48082 18.82489  -7.60353  1.000 18.86000 ? 16  GLU A N   1 
ATOM   91   C  CA  A GLU A 1 15  ? -9.88704  18.32833  -6.36292  0.451 21.08170 ? 16  GLU A CA  1 
ATOM   92   C  CA  B GLU A 1 15  ? -9.90317  18.32876  -6.35287  0.549 21.06683 ? 16  GLU A CA  1 
ATOM   93   C  C   . GLU A 1 15  ? -9.77608  16.80756  -6.35871  1.000 21.16251 ? 16  GLU A C   1 
ATOM   94   O  O   . GLU A 1 15  ? -8.82762  16.25527  -5.78442  1.000 19.40516 ? 16  GLU A O   1 
ATOM   95   C  CB  A GLU A 1 15  ? -10.70097 18.80198  -5.15663  0.451 23.08759 ? 16  GLU A CB  1 
ATOM   96   C  CB  B GLU A 1 15  ? -10.74999 18.78968  -5.16228  0.549 23.07043 ? 16  GLU A CB  1 
ATOM   97   C  CG  A GLU A 1 15  ? -10.58598 20.29299  -4.86844  0.451 26.83950 ? 16  GLU A CG  1 
ATOM   98   C  CG  B GLU A 1 15  ? -10.24291 18.32058  -3.79948  0.549 24.37734 ? 16  GLU A CG  1 
ATOM   99   C  CD  A GLU A 1 15  ? -9.22777  20.68410  -4.30704  0.451 31.45422 ? 16  GLU A CD  1 
ATOM   100  C  CD  B GLU A 1 15  ? -11.18367 18.69209  -2.66204  0.549 33.41213 ? 16  GLU A CD  1 
ATOM   101  O  OE1 A GLU A 1 15  ? -8.50054  19.79337  -3.81817  0.451 35.18721 ? 16  GLU A OE1 1 
ATOM   102  O  OE1 B GLU A 1 15  ? -12.06332 19.55535  -2.86797  0.549 27.32633 ? 16  GLU A OE1 1 
ATOM   103  O  OE2 A GLU A 1 15  ? -8.88724  21.88586  -4.35276  0.451 38.53821 ? 16  GLU A OE2 1 
ATOM   104  O  OE2 B GLU A 1 15  ? -11.03888 18.12332  -1.55720  0.549 38.24558 ? 16  GLU A OE2 1 
ATOM   105  N  N   . LYS A 1 16  ? -10.72775 16.11134  -6.98719  1.000 19.93851 ? 17  LYS A N   1 
ATOM   106  C  CA  . LYS A 1 16  ? -10.66832 14.65238  -7.03785  1.000 17.71664 ? 17  LYS A CA  1 
ATOM   107  C  C   . LYS A 1 16  ? -9.48742  14.18988  -7.87576  1.000 23.05278 ? 17  LYS A C   1 
ATOM   108  O  O   . LYS A 1 16  ? -8.80404  13.22295  -7.51820  1.000 20.42187 ? 17  LYS A O   1 
ATOM   109  C  CB  . LYS A 1 16  ? -11.97490 14.08761  -7.61333  1.000 18.37908 ? 17  LYS A CB  1 
ATOM   110  C  CG  . LYS A 1 16  ? -12.06894 12.56283  -7.60820  1.000 21.50628 ? 17  LYS A CG  1 
ATOM   111  C  CD  . LYS A 1 16  ? -13.52482 12.10774  -7.88785  1.000 19.73823 ? 17  LYS A CD  1 
ATOM   112  C  CE  . LYS A 1 16  ? -13.88362 12.26656  -9.35543  1.000 26.09904 ? 17  LYS A CE  1 
ATOM   113  N  NZ  . LYS A 1 16  ? -15.14446 11.51831  -9.71174  1.000 21.83232 ? 17  LYS A NZ  1 
ATOM   114  N  N   . GLU A 1 17  ? -9.24182  14.86103  -9.00528  1.000 17.75151 ? 18  GLU A N   1 
ATOM   115  C  CA  . GLU A 1 17  ? -8.08602  14.51038  -9.82236  1.000 21.51072 ? 18  GLU A CA  1 
ATOM   116  C  C   . GLU A 1 17  ? -6.78526  14.68741  -9.04919  1.000 25.77375 ? 18  GLU A C   1 
ATOM   117  O  O   . GLU A 1 17  ? -5.87510  13.85591  -9.15471  1.000 23.57430 ? 18  GLU A O   1 
ATOM   118  C  CB  . GLU A 1 17  ? -8.06424  15.34319  -11.10392 1.000 21.32303 ? 18  GLU A CB  1 
ATOM   119  C  CG  . GLU A 1 17  ? -6.95235  14.89736  -12.06221 1.000 32.57641 ? 18  GLU A CG  1 
ATOM   120  C  CD  . GLU A 1 17  ? -6.72527  15.86795  -13.19653 0.422 29.48780 ? 18  GLU A CD  1 
ATOM   121  O  OE1 . GLU A 1 17  ? -7.71796  16.42191  -13.71047 0.342 27.57847 ? 18  GLU A OE1 1 
ATOM   122  O  OE2 . GLU A 1 17  ? -5.55434  16.07113  -13.58092 0.233 36.95355 ? 18  GLU A OE2 1 
ATOM   123  N  N   . GLU A 1 18  ? -6.67402  15.75701  -8.25869  1.000 19.76529 ? 19  GLU A N   1 
ATOM   124  C  CA  . GLU A 1 18  ? -5.44913  15.94575  -7.48371  1.000 26.43382 ? 19  GLU A CA  1 
ATOM   125  C  C   . GLU A 1 18  ? -5.28175  14.86195  -6.42187  1.000 26.65108 ? 19  GLU A C   1 
ATOM   126  O  O   . GLU A 1 18  ? -4.16304  14.38713  -6.18831  1.000 23.13710 ? 19  GLU A O   1 
ATOM   127  C  CB  . GLU A 1 18  ? -5.42640  17.33064  -6.84155  1.000 32.60894 ? 19  GLU A CB  1 
ATOM   128  C  CG  . GLU A 1 18  ? -4.04024  17.71061  -6.27867  1.000 41.00642 ? 19  GLU A CG  1 
ATOM   129  C  CD  . GLU A 1 18  ? -2.86861  17.19979  -7.11840  0.000 36.29150 ? 19  GLU A CD  1 
ATOM   130  O  OE1 . GLU A 1 18  ? -1.91379  16.64574  -6.53272  0.585 41.89504 ? 19  GLU A OE1 1 
ATOM   131  O  OE2 . GLU A 1 18  ? -2.87294  17.38378  -8.35497  0.521 44.16099 ? 19  GLU A OE2 1 
ATOM   132  N  N   . LEU A 1 19  ? -6.37318  14.45922  -5.76074  1.000 18.74150 ? 20  LEU A N   1 
ATOM   133  C  CA  . LEU A 1 19  ? -6.27824  13.35692  -4.80519  1.000 22.69670 ? 20  LEU A CA  1 
ATOM   134  C  C   . LEU A 1 19  ? -5.88687  12.05996  -5.49934  1.000 20.68277 ? 20  LEU A C   1 
ATOM   135  O  O   . LEU A 1 19  ? -5.06109  11.29589  -4.98298  1.000 19.53979 ? 20  LEU A O   1 
ATOM   136  C  CB  . LEU A 1 19  ? -7.60025  13.17110  -4.04435  1.000 17.59991 ? 20  LEU A CB  1 
ATOM   137  C  CG  . LEU A 1 19  ? -7.57785  11.90713  -3.16493  1.000 21.42878 ? 20  LEU A CG  1 
ATOM   138  C  CD1 . LEU A 1 19  ? -6.75592  12.14881  -1.91253  1.000 23.98424 ? 20  LEU A CD1 1 
ATOM   139  C  CD2 . LEU A 1 19  ? -8.97399  11.41728  -2.78558  1.000 22.49921 ? 20  LEU A CD2 1 
ATOM   140  N  N   . PHE A 1 20  ? -6.46413  11.79256  -6.67436  1.000 16.72984 ? 21  PHE A N   1 
ATOM   141  C  CA  . PHE A 1 20  ? -6.16017  10.54753  -7.37072  1.000 18.38918 ? 21  PHE A CA  1 
ATOM   142  C  C   . PHE A 1 20  ? -4.70805  10.52360  -7.84387  1.000 21.45553 ? 21  PHE A C   1 
ATOM   143  O  O   . PHE A 1 20  ? -4.06815  9.45974   -7.84239  1.000 20.01333 ? 21  PHE A O   1 
ATOM   144  C  CB  . PHE A 1 20  ? -7.11973  10.34463  -8.55174  1.000 17.08956 ? 21  PHE A CB  1 
ATOM   145  C  CG  . PHE A 1 20  ? -8.52439  9.95021   -8.14444  1.000 18.17501 ? 21  PHE A CG  1 
ATOM   146  C  CD1 . PHE A 1 20  ? -8.89965  9.93175   -6.80709  1.000 20.04651 ? 21  PHE A CD1 1 
ATOM   147  C  CD2 . PHE A 1 20  ? -9.45732  9.58531   -9.10014  1.000 24.60651 ? 21  PHE A CD2 1 
ATOM   148  C  CE1 . PHE A 1 20  ? -10.18067 9.56851   -6.42986  1.000 25.26575 ? 21  PHE A CE1 1 
ATOM   149  C  CE2 . PHE A 1 20  ? -10.74673 9.21976   -8.73111  1.000 24.92562 ? 21  PHE A CE2 1 
ATOM   150  C  CZ  . PHE A 1 20  ? -11.10789 9.21568   -7.39445  1.000 24.56132 ? 21  PHE A CZ  1 
ATOM   151  N  N   . GLU A 1 21  ? -4.15549  11.68307  -8.21045  1.000 18.37343 ? 22  GLU A N   1 
ATOM   152  C  CA  . GLU A 1 21  ? -2.73722  11.71000  -8.57710  1.000 19.79131 ? 22  GLU A CA  1 
ATOM   153  C  C   . GLU A 1 21  ? -1.84949  11.40888  -7.37070  1.000 23.16615 ? 22  GLU A C   1 
ATOM   154  O  O   . GLU A 1 21  ? -0.82740  10.71877  -7.50253  1.000 22.59837 ? 22  GLU A O   1 
ATOM   155  C  CB  . GLU A 1 21  ? -2.36057  13.06027  -9.19463  1.000 21.91139 ? 22  GLU A CB  1 
ATOM   156  C  CG  . GLU A 1 21  ? -0.83623  13.18754  -9.51478  1.000 32.09362 ? 22  GLU A CG  1 
ATOM   157  C  CD  . GLU A 1 21  ? -0.28402  12.02151  -10.32983 0.110 32.25213 ? 22  GLU A CD  1 
ATOM   158  O  OE1 . GLU A 1 21  ? 0.89163   11.65162  -10.11992 0.883 38.83687 ? 22  GLU A OE1 1 
ATOM   159  O  OE2 . GLU A 1 21  ? -1.00694  11.49299  -11.20283 0.549 33.99218 ? 22  GLU A OE2 1 
ATOM   160  N  N   . LYS A 1 22  ? -2.21281  11.91540  -6.18799  1.000 18.84592 ? 23  LYS A N   1 
ATOM   161  C  CA  . LYS A 1 22  ? -1.42696  11.60555  -4.99162  1.000 19.11744 ? 23  LYS A CA  1 
ATOM   162  C  C   . LYS A 1 22  ? -1.54298  10.13381  -4.62359  1.000 21.64864 ? 23  LYS A C   1 
ATOM   163  O  O   . LYS A 1 22  ? -0.58006  9.53120   -4.13185  1.000 18.47714 ? 23  LYS A O   1 
ATOM   164  C  CB  . LYS A 1 22  ? -1.87247  12.47784  -3.81786  1.000 18.56790 ? 23  LYS A CB  1 
ATOM   165  C  CG  . LYS A 1 22  ? -1.54351  13.94612  -3.96259  1.000 28.29668 ? 23  LYS A CG  1 
ATOM   166  C  CD  . LYS A 1 22  ? -1.99335  14.71937  -2.72929  0.981 32.37000 ? 23  LYS A CD  1 
ATOM   167  C  CE  . LYS A 1 22  ? -2.23194  16.18454  -3.05720  0.952 38.44442 ? 23  LYS A CE  1 
ATOM   168  N  NZ  . LYS A 1 22  ? -3.09025  16.84033  -2.02548  0.615 44.56341 ? 23  LYS A NZ  1 
ATOM   169  N  N   . LEU A 1 23  ? -2.72745  9.54814   -4.81970  1.000 19.82652 ? 24  LEU A N   1 
ATOM   170  C  CA  . LEU A 1 23  ? -2.90537  8.11663   -4.58834  1.000 15.42338 ? 24  LEU A CA  1 
ATOM   171  C  C   . LEU A 1 23  ? -1.99846  7.29370   -5.48860  1.000 21.69554 ? 24  LEU A C   1 
ATOM   172  O  O   . LEU A 1 23  ? -1.37588  6.32273   -5.04005  1.000 20.80241 ? 24  LEU A O   1 
ATOM   173  C  CB  . LEU A 1 23  ? -4.37196  7.73553   -4.82879  1.000 14.57866 ? 24  LEU A CB  1 
ATOM   174  C  CG  . LEU A 1 23  ? -5.29904  7.90666   -3.63442  1.000 17.90940 ? 24  LEU A CG  1 
ATOM   175  C  CD1 . LEU A 1 23  ? -6.77227  7.83870   -4.09395  1.000 17.66904 ? 24  LEU A CD1 1 
ATOM   176  C  CD2 . LEU A 1 23  ? -4.99452  6.81717   -2.62703  1.000 18.99022 ? 24  LEU A CD2 1 
ATOM   177  N  N   . LYS A 1 24  ? -1.92498  7.65294   -6.77101  1.000 17.11644 ? 25  LYS A N   1 
ATOM   178  C  CA  . LYS A 1 24  ? -1.09512  6.88976   -7.69126  1.000 20.26943 ? 25  LYS A CA  1 
ATOM   179  C  C   . LYS A 1 24  ? 0.38997   7.13073   -7.43736  1.000 22.09998 ? 25  LYS A C   1 
ATOM   180  O  O   . LYS A 1 24  ? 1.19341   6.20430   -7.58774  1.000 19.39989 ? 25  LYS A O   1 
ATOM   181  C  CB  . LYS A 1 24  ? -1.47812  7.22247   -9.13147  1.000 22.16353 ? 25  LYS A CB  1 
ATOM   182  C  CG  . LYS A 1 24  ? -2.79598  6.53606   -9.53968  1.000 26.11838 ? 25  LYS A CG  1 
ATOM   183  C  CD  . LYS A 1 24  ? -3.23942  6.84586   -10.95892 0.726 32.59136 ? 25  LYS A CD  1 
ATOM   184  C  CE  . LYS A 1 24  ? -4.07299  8.11113   -10.99369 0.366 36.64719 ? 25  LYS A CE  1 
ATOM   185  N  NZ  . LYS A 1 24  ? -4.14500  8.70829   -12.34781 0.858 47.56499 ? 25  LYS A NZ  1 
ATOM   186  N  N   . GLN A 1 25  ? 0.76254   8.34456   -7.01948  1.000 18.68740 ? 26  GLN A N   1 
ATOM   187  C  CA  . GLN A 1 25  ? 2.16504   8.63506   -6.71882  1.000 18.44223 ? 26  GLN A CA  1 
ATOM   188  C  C   . GLN A 1 25  ? 2.65139   7.85430   -5.49760  1.000 21.37692 ? 26  GLN A C   1 
ATOM   189  O  O   . GLN A 1 25  ? 3.75755   7.28262   -5.50867  1.000 20.49930 ? 26  GLN A O   1 
ATOM   190  C  CB  . GLN A 1 25  ? 2.33665   10.14315  -6.50855  1.000 22.39726 ? 26  GLN A CB  1 
ATOM   191  C  CG  . GLN A 1 25  ? 3.73636   10.59361  -6.11487  0.921 34.41423 ? 26  GLN A CG  1 
ATOM   192  C  CD  . GLN A 1 25  ? 4.05268   11.98377  -6.63605  0.360 38.71096 ? 26  GLN A CD  1 
ATOM   193  O  OE1 . GLN A 1 25  ? 3.17194   12.68345  -7.14067  0.948 48.29590 ? 26  GLN A OE1 1 
ATOM   194  N  NE2 . GLN A 1 25  ? 5.31082   12.39285  -6.51402  0.810 47.00166 ? 26  GLN A NE2 1 
ATOM   195  N  N   . THR A 1 26  ? 1.84943   7.83364   -4.42492  1.000 19.65461 ? 27  THR A N   1 
ATOM   196  C  CA  . THR A 1 26  ? 2.23087   7.07583   -3.23341  1.000 17.76374 ? 27  THR A CA  1 
ATOM   197  C  C   . THR A 1 26  ? 2.18300   5.57949   -3.47822  1.000 17.67244 ? 27  THR A C   1 
ATOM   198  O  O   . THR A 1 26  ? 2.97553   4.84098   -2.88803  1.000 18.68278 ? 27  THR A O   1 
ATOM   199  C  CB  . THR A 1 26  ? 1.33573   7.42973   -2.03762  1.000 16.96760 ? 27  THR A CB  1 
ATOM   200  O  OG1 . THR A 1 26  ? -0.06277  7.29761   -2.38623  1.000 17.22177 ? 27  THR A OG1 1 
ATOM   201  C  CG2 . THR A 1 26  ? 1.59328   8.83733   -1.62031  1.000 19.31274 ? 27  THR A CG2 1 
ATOM   202  N  N   . ALA A 1 27  ? 1.23884   5.10900   -4.30038  1.000 17.99865 ? 28  ALA A N   1 
ATOM   203  C  CA  . ALA A 1 27  ? 1.23349   3.70076   -4.68231  1.000 17.95202 ? 28  ALA A CA  1 
ATOM   204  C  C   . ALA A 1 27  ? 2.49712   3.34568   -5.45214  1.000 22.52160 ? 28  ALA A C   1 
ATOM   205  O  O   . ALA A 1 27  ? 3.10993   2.29616   -5.20961  1.000 20.60629 ? 28  ALA A O   1 
ATOM   206  C  CB  . ALA A 1 27  ? 0.00396   3.37870   -5.52720  1.000 18.94781 ? 28  ALA A CB  1 
ATOM   207  N  N   . ASP A 1 28  ? 2.89062   4.20666   -6.39465  1.000 17.04626 ? 29  ASP A N   1 
ATOM   208  C  CA  . ASP A 1 28  ? 4.08695   3.94909   -7.19097  1.000 23.22934 ? 29  ASP A CA  1 
ATOM   209  C  C   . ASP A 1 28  ? 5.32612   3.86357   -6.30799  1.000 20.65202 ? 29  ASP A C   1 
ATOM   210  O  O   . ASP A 1 28  ? 6.17668   2.98752   -6.50304  1.000 22.20689 ? 29  ASP A O   1 
ATOM   211  C  CB  . ASP A 1 28  ? 4.25446   5.04042   -8.24651  1.000 24.95300 ? 29  ASP A CB  1 
ATOM   212  C  CG  . ASP A 1 28  ? 5.33876   4.71401   -9.26105  0.493 30.28892 ? 29  ASP A CG  1 
ATOM   213  O  OD1 . ASP A 1 28  ? 6.09808   5.63211   -9.63343  0.462 32.79739 ? 29  ASP A OD1 1 
ATOM   214  O  OD2 . ASP A 1 28  ? 5.42351   3.54720   -9.69484  0.457 31.87989 ? 29  ASP A OD2 1 
ATOM   215  N  N   . GLU A 1 29  ? 5.44265   4.76006   -5.32765  1.000 19.20797 ? 30  GLU A N   1 
ATOM   216  C  CA  . GLU A 1 29  ? 6.59832   4.72238   -4.43705  1.000 23.40382 ? 30  GLU A CA  1 
ATOM   217  C  C   . GLU A 1 29  ? 6.58594   3.46646   -3.57459  1.000 25.87404 ? 30  GLU A C   1 
ATOM   218  O  O   . GLU A 1 29  ? 7.62094   2.80880   -3.41527  1.000 19.07430 ? 30  GLU A O   1 
ATOM   219  C  CB  . GLU A 1 29  ? 6.64135   5.97967   -3.57064  1.000 23.97018 ? 30  GLU A CB  1 
ATOM   220  C  CG  . GLU A 1 29  ? 6.90950   7.25622   -4.35868  0.586 28.71659 ? 30  GLU A CG  1 
ATOM   221  C  CD  . GLU A 1 29  ? 8.10447   7.13090   -5.28773  0.000 32.76166 ? 30  GLU A CD  1 
ATOM   222  O  OE1 . GLU A 1 29  ? 9.17755   6.69105   -4.82203  0.304 37.47737 ? 30  GLU A OE1 1 
ATOM   223  O  OE2 . GLU A 1 29  ? 7.97073   7.47266   -6.48346  0.793 43.36973 ? 30  GLU A OE2 1 
ATOM   224  N  N   . ALA A 1 30  ? 5.41988   3.10214   -3.03454  1.000 18.94851 ? 31  ALA A N   1 
ATOM   225  C  CA  . ALA A 1 30  ? 5.32495   1.89275   -2.22205  1.000 20.78262 ? 31  ALA A CA  1 
ATOM   226  C  C   . ALA A 1 30  ? 5.64251   0.64990   -3.04261  1.000 22.78793 ? 31  ALA A C   1 
ATOM   227  O  O   . ALA A 1 30  ? 6.32733   -0.26159  -2.55725  1.000 22.05583 ? 31  ALA A O   1 
ATOM   228  C  CB  . ALA A 1 30  ? 3.93100   1.78232   -1.59299  1.000 18.77265 ? 31  ALA A CB  1 
ATOM   229  N  N   . VAL A 1 31  ? 5.17314   0.60031   -4.29558  1.000 16.79336 ? 32  VAL A N   1 
ATOM   230  C  CA  . VAL A 1 31  ? 5.44039   -0.56892  -5.12584  1.000 17.24776 ? 32  VAL A CA  1 
ATOM   231  C  C   . VAL A 1 31  ? 6.92501   -0.64367  -5.46576  1.000 22.31314 ? 32  VAL A C   1 
ATOM   232  O  O   . VAL A 1 31  ? 7.51930   -1.73084  -5.46946  1.000 22.16516 ? 32  VAL A O   1 
ATOM   233  C  CB  . VAL A 1 31  ? 4.56666   -0.55926  -6.39457  1.000 20.85630 ? 32  VAL A CB  1 
ATOM   234  C  CG1 . VAL A 1 31  ? 5.07279   -1.58168  -7.39526  1.000 24.07512 ? 32  VAL A CG1 1 
ATOM   235  C  CG2 . VAL A 1 31  ? 3.10942   -0.86676  -6.04739  1.000 18.76301 ? 32  VAL A CG2 1 
ATOM   236  N  N   . GLN A 1 32  ? 7.55370   0.50803   -5.73139  1.000 16.74765 ? 33  GLN A N   1 
ATOM   237  C  CA  . GLN A 1 32  ? 8.99985   0.51348   -5.97773  1.000 20.16615 ? 33  GLN A CA  1 
ATOM   238  C  C   . GLN A 1 32  ? 9.77330   0.03137   -4.75403  1.000 22.82110 ? 33  GLN A C   1 
ATOM   239  O  O   . GLN A 1 32  ? 10.74285  -0.72829  -4.88347  1.000 21.61284 ? 33  GLN A O   1 
ATOM   240  C  CB  . GLN A 1 32  ? 9.47203   1.91491   -6.37200  1.000 23.22522 ? 33  GLN A CB  1 
ATOM   241  C  CG  . GLN A 1 32  ? 9.16838   2.30798   -7.81909  1.000 35.96904 ? 33  GLN A CG  1 
ATOM   242  C  CD  . GLN A 1 32  ? 9.56933   3.74287   -8.12577  1.000 40.78903 ? 33  GLN A CD  1 
ATOM   243  O  OE1 . GLN A 1 32  ? 8.73818   4.56914   -8.50327  0.496 38.09876 ? 33  GLN A OE1 1 
ATOM   244  N  NE2 . GLN A 1 32  ? 10.85468  4.04346   -7.96354  0.647 43.54608 ? 33  GLN A NE2 1 
ATOM   245  N  N   . LEU A 1 33  ? 9.38172   0.48866   -3.55884  1.000 21.28792 ? 34  LEU A N   1 
ATOM   246  C  CA  . LEU A 1 33  ? 10.06334  0.05912   -2.33842  1.000 18.68739 ? 34  LEU A CA  1 
ATOM   247  C  C   . LEU A 1 33  ? 9.84547   -1.42319  -2.06365  1.000 23.74739 ? 34  LEU A C   1 
ATOM   248  O  O   . LEU A 1 33  ? 10.75503  -2.11129  -1.57756  1.000 21.69515 ? 34  LEU A O   1 
ATOM   249  C  CB  . LEU A 1 33  ? 9.60055   0.89245   -1.13739  1.000 16.97415 ? 34  LEU A CB  1 
ATOM   250  C  CG  . LEU A 1 33  ? 10.11686  2.33289   -1.09805  1.000 17.10339 ? 34  LEU A CG  1 
ATOM   251  C  CD1 . LEU A 1 33  ? 9.32136   3.17108   -0.09111  1.000 18.02456 ? 34  LEU A CD1 1 
ATOM   252  C  CD2 . LEU A 1 33  ? 11.64384  2.37960   -0.79755  1.000 18.75532 ? 34  LEU A CD2 1 
ATOM   253  N  N   . PHE A 1 34  ? 8.64817   -1.93220  -2.35292  1.000 18.89174 ? 35  PHE A N   1 
ATOM   254  C  CA  . PHE A 1 34  ? 8.37711   -3.35151  -2.13909  1.000 17.33803 ? 35  PHE A CA  1 
ATOM   255  C  C   . PHE A 1 34  ? 9.23482   -4.21783  -3.05403  1.000 25.00796 ? 35  PHE A C   1 
ATOM   256  O  O   . PHE A 1 34  ? 9.73823   -5.27024  -2.63575  1.000 21.05818 ? 35  PHE A O   1 
ATOM   257  C  CB  . PHE A 1 34  ? 6.89055   -3.64140  -2.35407  1.000 17.06024 ? 35  PHE A CB  1 
ATOM   258  C  CG  . PHE A 1 34  ? 6.52016   -5.07748  -2.13913  1.000 21.94457 ? 35  PHE A CG  1 
ATOM   259  C  CD1 . PHE A 1 34  ? 6.21446   -5.89671  -3.20824  1.000 25.03998 ? 35  PHE A CD1 1 
ATOM   260  C  CD2 . PHE A 1 34  ? 6.51275   -5.62188  -0.86161  1.000 30.14504 ? 35  PHE A CD2 1 
ATOM   261  C  CE1 . PHE A 1 34  ? 5.86829   -7.22681  -3.00777  1.000 29.18366 ? 35  PHE A CE1 1 
ATOM   262  C  CE2 . PHE A 1 34  ? 6.17937   -6.95585  -0.65319  1.000 27.80678 ? 35  PHE A CE2 1 
ATOM   263  C  CZ  . PHE A 1 34  ? 5.85413   -7.75657  -1.72599  1.000 26.09146 ? 35  PHE A CZ  1 
ATOM   264  N  N   . GLN A 1 35  ? 9.42617   -3.78900  -4.30455  1.000 18.09462 ? 36  GLN A N   1 
ATOM   265  C  CA  A GLN A 1 35  ? 10.28710  -4.54882  -5.21227  0.451 21.08704 ? 36  GLN A CA  1 
ATOM   266  C  CA  B GLN A 1 35  ? 10.28420  -4.54959  -5.21082  0.549 21.05858 ? 36  GLN A CA  1 
ATOM   267  C  C   . GLN A 1 35  ? 11.74877  -4.50514  -4.77165  1.000 27.17428 ? 36  GLN A C   1 
ATOM   268  O  O   . GLN A 1 35  ? 12.46257  -5.51437  -4.86438  1.000 21.80898 ? 36  GLN A O   1 
ATOM   269  C  CB  A GLN A 1 35  ? 10.15225  -4.02582  -6.64110  0.451 24.51283 ? 36  GLN A CB  1 
ATOM   270  C  CB  B GLN A 1 35  ? 10.12232  -4.02551  -6.63611  0.549 24.52300 ? 36  GLN A CB  1 
ATOM   271  C  CG  A GLN A 1 35  ? 11.05185  -4.74648  -7.64694  0.451 21.00983 ? 36  GLN A CG  1 
ATOM   272  C  CG  B GLN A 1 35  ? 8.76967   -4.37230  -7.25631  0.549 22.52743 ? 36  GLN A CG  1 
ATOM   273  C  CD  A GLN A 1 35  ? 10.74895  -6.23515  -7.75092  0.451 28.18953 ? 36  GLN A CD  1 
ATOM   274  C  CD  B GLN A 1 35  ? 8.46692   -3.55943  -8.49955  0.549 32.38049 ? 36  GLN A CD  1 
ATOM   275  O  OE1 A GLN A 1 35  ? 9.59066   -6.63847  -7.88229  0.451 36.02093 ? 36  GLN A OE1 1 
ATOM   276  O  OE1 B GLN A 1 35  ? 8.91005   -2.41770  -8.63377  0.549 31.89429 ? 36  GLN A OE1 1 
ATOM   277  N  NE2 A GLN A 1 35  ? 11.79170  -7.05863  -7.68893  0.451 27.12941 ? 36  GLN A NE2 1 
ATOM   278  N  NE2 B GLN A 1 35  ? 7.70048   -4.14275  -9.41514  0.549 37.59047 ? 36  GLN A NE2 1 
ATOM   279  N  N   . ARG A 1 36  ? 12.22533  -3.34604  -4.30169  1.000 20.98560 ? 37  ARG A N   1 
ATOM   280  C  CA  . ARG A 1 36  ? 13.59864  -3.29549  -3.79587  1.000 23.66771 ? 37  ARG A CA  1 
ATOM   281  C  C   . ARG A 1 36  ? 13.75654  -4.12161  -2.52692  1.000 22.47104 ? 37  ARG A C   1 
ATOM   282  O  O   . ARG A 1 36  ? 14.81972  -4.71718  -2.30275  1.000 21.14728 ? 37  ARG A O   1 
ATOM   283  C  CB  . ARG A 1 36  ? 14.03850  -1.85528  -3.53425  1.000 23.78140 ? 37  ARG A CB  1 
ATOM   284  C  CG  . ARG A 1 36  ? 13.81694  -0.89654  -4.69012  0.445 27.43432 ? 37  ARG A CG  1 
ATOM   285  C  CD  . ARG A 1 36  ? 14.39173  0.48008   -4.39015  0.677 28.50246 ? 37  ARG A CD  1 
ATOM   286  N  NE  . ARG A 1 36  ? 15.59568  0.40645   -3.56531  0.445 35.48767 ? 37  ARG A NE  1 
ATOM   287  C  CZ  . ARG A 1 36  ? 15.93320  1.31125   -2.65155  0.523 34.35817 ? 37  ARG A CZ  1 
ATOM   288  N  NH1 . ARG A 1 36  ? 15.14961  2.36206   -2.43180  0.979 49.75705 ? 37  ARG A NH1 1 
ATOM   289  N  NH2 . ARG A 1 36  ? 17.05005  1.16219   -1.95167  0.434 45.26925 ? 37  ARG A NH2 1 
ATOM   290  N  N   . LEU A 1 37  ? 12.71809  -4.16815  -1.68618  1.000 21.14803 ? 38  LEU A N   1 
ATOM   291  C  CA  . LEU A 1 37  ? 12.77983  -4.98798  -0.48242  1.000 24.47571 ? 38  LEU A CA  1 
ATOM   292  C  C   . LEU A 1 37  ? 12.96811  -6.45812  -0.83635  1.000 25.24193 ? 38  LEU A C   1 
ATOM   293  O  O   . LEU A 1 37  ? 13.74802  -7.16845  -0.18322  1.000 22.65584 ? 38  LEU A O   1 
ATOM   294  C  CB  . LEU A 1 37  ? 11.51343  -4.78809  0.34595   1.000 18.00674 ? 38  LEU A CB  1 
ATOM   295  C  CG  . LEU A 1 37  ? 11.50792  -5.41882  1.73545   1.000 21.91747 ? 38  LEU A CG  1 
ATOM   296  C  CD1 . LEU A 1 37  ? 12.54662  -4.70871  2.59253   1.000 28.22329 ? 38  LEU A CD1 1 
ATOM   297  C  CD2 . LEU A 1 37  ? 10.13704  -5.34925  2.36901   1.000 29.06031 ? 38  LEU A CD2 1 
ATOM   298  N  N   . ARG A 1 38  ? 12.26288  -6.92896  -1.87274  1.000 21.05957 ? 39  ARG A N   1 
ATOM   299  C  CA  . ARG A 1 38  ? 12.43790  -8.30294  -2.34701  1.000 24.06784 ? 39  ARG A CA  1 
ATOM   300  C  C   . ARG A 1 38  ? 13.86620  -8.55930  -2.80714  1.000 21.98065 ? 39  ARG A C   1 
ATOM   301  O  O   . ARG A 1 38  ? 14.42124  -9.63717  -2.56038  1.000 25.31558 ? 39  ARG A O   1 
ATOM   302  C  CB  . ARG A 1 38  ? 11.47695  -8.59908  -3.50080  1.000 22.94484 ? 39  ARG A CB  1 
ATOM   303  C  CG  . ARG A 1 38  ? 10.00000  -8.55817  -3.14260  1.000 29.69831 ? 39  ARG A CG  1 
ATOM   304  C  CD  . ARG A 1 38  ? 9.13601   -8.93001  -4.35133  1.000 32.19895 ? 39  ARG A CD  1 
ATOM   305  N  NE  . ARG A 1 38  ? 9.64334   -10.11597 -5.03846  1.000 44.09839 ? 39  ARG A NE  1 
ATOM   306  C  CZ  . ARG A 1 38  ? 9.01064   -10.74024 -6.02659  0.375 40.42267 ? 39  ARG A CZ  1 
ATOM   307  N  NH1 . ARG A 1 38  ? 7.83764   -10.29219 -6.45365  0.915 52.37548 ? 39  ARG A NH1 1 
ATOM   308  N  NH2 . ARG A 1 38  ? 9.55091   -11.81527 -6.58579  0.764 50.69337 ? 39  ARG A NH2 1 
ATOM   309  N  N   . GLU A 1 39  ? 14.46366  -7.59840  -3.51653  1.000 23.09995 ? 40  GLU A N   1 
ATOM   310  C  CA  . GLU A 1 39  ? 15.82481  -7.79229  -4.00668  1.000 25.23481 ? 40  GLU A CA  1 
ATOM   311  C  C   . GLU A 1 39  ? 16.82681  -7.77895  -2.86111  1.000 28.63274 ? 40  GLU A C   1 
ATOM   312  O  O   . GLU A 1 39  ? 17.78787  -8.56179  -2.85728  1.000 23.49496 ? 40  GLU A O   1 
ATOM   313  C  CB  . GLU A 1 39  ? 16.16795  -6.71530  -5.03532  1.000 26.69675 ? 40  GLU A CB  1 
ATOM   314  C  CG  . GLU A 1 39  ? 15.26313  -6.74341  -6.26439  1.000 31.94435 ? 40  GLU A CG  1 
ATOM   315  C  CD  . GLU A 1 39  ? 15.31183  -5.46492  -7.07396  0.241 30.32451 ? 40  GLU A CD  1 
ATOM   316  O  OE1 . GLU A 1 39  ? 14.74132  -5.44740  -8.18674  0.602 39.56472 ? 40  GLU A OE1 1 
ATOM   317  O  OE2 . GLU A 1 39  ? 15.91638  -4.48061  -6.60178  0.453 31.71149 ? 40  GLU A OE2 1 
ATOM   318  N  N   . ILE A 1 40  ? 16.61750  -6.89442  -1.88424  1.000 19.71249 ? 41  ILE A N   1 
ATOM   319  C  CA  . ILE A 1 40  ? 17.52294  -6.79890  -0.74856  1.000 24.22390 ? 41  ILE A CA  1 
ATOM   320  C  C   . ILE A 1 40  ? 17.42743  -8.05803  0.09948   1.000 23.89029 ? 41  ILE A C   1 
ATOM   321  O  O   . ILE A 1 40  ? 18.44161  -8.57595  0.59104   1.000 26.10553 ? 41  ILE A O   1 
ATOM   322  C  CB  . ILE A 1 40  ? 17.20967  -5.53180  0.06503   1.000 22.60672 ? 41  ILE A CB  1 
ATOM   323  C  CG1 . ILE A 1 40  ? 17.69459  -4.30295  -0.68502  1.000 22.42769 ? 41  ILE A CG1 1 
ATOM   324  C  CG2 . ILE A 1 40  ? 17.93340  -5.55728  1.41150   1.000 22.63293 ? 41  ILE A CG2 1 
ATOM   325  C  CD1 . ILE A 1 40  ? 17.07326  -3.04208  -0.19300  1.000 24.29635 ? 41  ILE A CD1 1 
ATOM   326  N  N   . PHE A 1 41  ? 16.20857  -8.57607  0.26907   1.000 20.53102 ? 42  PHE A N   1 
ATOM   327  C  CA  . PHE A 1 41  ? 16.00317  -9.81499  1.01054   1.000 20.70493 ? 42  PHE A CA  1 
ATOM   328  C  C   . PHE A 1 41  ? 16.77601  -10.97181 0.39083   1.000 28.82766 ? 42  PHE A C   1 
ATOM   329  O  O   . PHE A 1 41  ? 17.34037  -11.80794 1.10804   1.000 26.61494 ? 42  PHE A O   1 
ATOM   330  C  CB  . PHE A 1 41  ? 14.51540  -10.15611 1.04060   1.000 26.92421 ? 42  PHE A CB  1 
ATOM   331  C  CG  . PHE A 1 41  ? 14.19275  -11.36792 1.85832   1.000 30.88645 ? 42  PHE A CG  1 
ATOM   332  C  CD1 . PHE A 1 41  ? 14.32362  -11.34832 3.23620   1.000 34.93323 ? 42  PHE A CD1 1 
ATOM   333  C  CD2 . PHE A 1 41  ? 13.82192  -12.55063 1.24380   1.000 32.27049 ? 42  PHE A CD2 1 
ATOM   334  C  CE1 . PHE A 1 41  ? 14.02685  -12.46806 3.98941   1.000 34.40517 ? 42  PHE A CE1 1 
ATOM   335  C  CE2 . PHE A 1 41  ? 13.53247  -13.67630 1.99217   1.000 44.52538 ? 42  PHE A CE2 1 
ATOM   336  C  CZ  . PHE A 1 41  ? 13.63621  -13.63231 3.36686   1.000 42.62291 ? 42  PHE A CZ  1 
ATOM   337  N  N   . ASP A 1 42  ? 16.78237  -11.05632 -0.94217  1.000 25.14069 ? 43  ASP A N   1 
ATOM   338  C  CA  . ASP A 1 42  ? 17.52954  -12.11900 -1.60871  1.000 32.78673 ? 43  ASP A CA  1 
ATOM   339  C  C   . ASP A 1 42  ? 19.03215  -11.92881 -1.42512  1.000 31.93902 ? 43  ASP A C   1 
ATOM   340  O  O   . ASP A 1 42  ? 19.77186  -12.90260 -1.22746  1.000 31.09950 ? 43  ASP A O   1 
ATOM   341  C  CB  . ASP A 1 42  ? 17.17087  -12.15912 -3.09392  1.000 25.93700 ? 43  ASP A CB  1 
ATOM   342  C  CG  . ASP A 1 42  ? 15.74472  -12.62853 -3.34069  0.864 32.88385 ? 43  ASP A CG  1 
ATOM   343  O  OD1 . ASP A 1 42  ? 15.13069  -13.22168 -2.42654  0.594 33.81045 ? 43  ASP A OD1 1 
ATOM   344  O  OD2 . ASP A 1 42  ? 15.23785  -12.40741 -4.46002  0.414 32.84849 ? 43  ASP A OD2 1 
ATOM   345  N  N   . LYS A 1 43  ? 19.49984  -10.67670 -1.47230  1.000 28.66791 ? 44  LYS A N   1 
ATOM   346  C  CA  . LYS A 1 43  ? 20.92060  -10.40287 -1.27446  1.000 29.88178 ? 44  LYS A CA  1 
ATOM   347  C  C   . LYS A 1 43  ? 21.35254  -10.65063 0.17098   1.000 27.87794 ? 44  LYS A C   1 
ATOM   348  O  O   . LYS A 1 43  ? 22.49844  -11.05361 0.41493   1.000 30.22641 ? 44  LYS A O   1 
ATOM   349  C  CB  . LYS A 1 43  ? 21.22240  -8.96244  -1.70365  1.000 26.88947 ? 44  LYS A CB  1 
ATOM   350  C  CG  . LYS A 1 43  ? 22.59628  -8.45515  -1.32739  1.000 42.63764 ? 44  LYS A CG  1 
ATOM   351  C  CD  . LYS A 1 43  ? 22.72100  -6.95656  -1.54342  0.669 37.08653 ? 44  LYS A CD  1 
ATOM   352  C  CE  . LYS A 1 43  ? 23.64789  -6.34321  -0.50967  0.654 44.34439 ? 44  LYS A CE  1 
ATOM   353  N  NZ  . LYS A 1 43  ? 24.95405  -5.93054  -1.07725  0.865 47.88416 ? 44  LYS A NZ  1 
ATOM   354  N  N   . GLY A 1 44  ? 20.46755  -10.40713 1.13750   1.000 23.63137 ? 45  GLY A N   1 
ATOM   355  C  CA  . GLY A 1 44  ? 20.77244  -10.66107 2.53265   1.000 21.96671 ? 45  GLY A CA  1 
ATOM   356  C  C   . GLY A 1 44  ? 21.47378  -9.55118  3.28510   1.000 30.79098 ? 45  GLY A C   1 
ATOM   357  O  O   . GLY A 1 44  ? 22.22343  -9.83901  4.21985   1.000 26.34972 ? 45  GLY A O   1 
ATOM   358  N  N   . ASP A 1 45  ? 21.23642  -8.28736  2.92977   1.000 21.16958 ? 46  ASP A N   1 
ATOM   359  C  CA  . ASP A 1 45  ? 21.85015  -7.13958  3.59929   1.000 19.94201 ? 46  ASP A CA  1 
ATOM   360  C  C   . ASP A 1 45  ? 20.88460  -6.64605  4.68080   1.000 24.73997 ? 46  ASP A C   1 
ATOM   361  O  O   . ASP A 1 45  ? 19.85255  -6.04491  4.35930   1.000 22.08340 ? 46  ASP A O   1 
ATOM   362  C  CB  . ASP A 1 45  ? 22.15965  -6.06749  2.55124   1.000 24.86336 ? 46  ASP A CB  1 
ATOM   363  C  CG  . ASP A 1 45  ? 22.83599  -4.80774  3.11161   1.000 34.85765 ? 46  ASP A CG  1 
ATOM   364  O  OD1 . ASP A 1 45  ? 22.73881  -4.49710  4.31588   1.000 26.49422 ? 46  ASP A OD1 1 
ATOM   365  O  OD2 . ASP A 1 45  ? 23.48876  -4.10734  2.30085   1.000 41.51027 ? 46  ASP A OD2 1 
ATOM   366  N  N   . ASP A 1 46  ? 21.21810  -6.91255  5.95870   1.000 21.08338 ? 47  ASP A N   1 
ATOM   367  C  CA  . ASP A 1 46  ? 20.31068  -6.61357  7.07853   1.000 22.04621 ? 47  ASP A CA  1 
ATOM   368  C  C   . ASP A 1 46  ? 19.98677  -5.12476  7.18304   1.000 20.09495 ? 47  ASP A C   1 
ATOM   369  O  O   . ASP A 1 46  ? 18.81943  -4.74728  7.35490   1.000 20.87872 ? 47  ASP A O   1 
ATOM   370  C  CB  . ASP A 1 46  ? 20.91282  -7.07215  8.41427   1.000 20.23066 ? 47  ASP A CB  1 
ATOM   371  C  CG  . ASP A 1 46  ? 21.02201  -8.58851  8.56710   1.000 28.63671 ? 47  ASP A CG  1 
ATOM   372  O  OD1 . ASP A 1 46  ? 20.29788  -9.34993  7.90800   1.000 23.10660 ? 47  ASP A OD1 1 
ATOM   373  O  OD2 . ASP A 1 46  ? 21.88310  -9.02238  9.38448   1.000 26.97655 ? 47  ASP A OD2 1 
ATOM   374  N  N   . ASP A 1 47  ? 21.01792  -4.26782  7.17662   1.000 21.59920 ? 48  ASP A N   1 
ATOM   375  C  CA  . ASP A 1 47  ? 20.79659  -2.83529  7.38214   1.000 23.24546 ? 48  ASP A CA  1 
ATOM   376  C  C   . ASP A 1 47  ? 19.93519  -2.25859  6.26909   1.000 19.19468 ? 48  ASP A C   1 
ATOM   377  O  O   . ASP A 1 47  ? 19.00596  -1.47712  6.51942   1.000 20.96640 ? 48  ASP A O   1 
ATOM   378  C  CB  . ASP A 1 47  ? 22.13075  -2.09459  7.43515   1.000 20.59808 ? 48  ASP A CB  1 
ATOM   379  C  CG  . ASP A 1 47  ? 22.73581  -2.04865  8.82982   1.000 33.57826 ? 48  ASP A CG  1 
ATOM   380  O  OD1 . ASP A 1 47  ? 22.11895  -2.56226  9.78556   1.000 28.33603 ? 48  ASP A OD1 1 
ATOM   381  O  OD2 . ASP A 1 47  ? 23.87151  -1.53672  8.95509   1.000 30.34526 ? 48  ASP A OD2 1 
ATOM   382  N  N   . SER A 1 48  ? 20.25618  -2.61845  5.02269   1.000 18.98877 ? 49  SER A N   1 
ATOM   383  C  CA  . SER A 1 48  ? 19.45422  -2.18285  3.88591   1.000 22.36678 ? 49  SER A CA  1 
ATOM   384  C  C   . SER A 1 48  ? 18.02877  -2.71299  3.96910   1.000 19.64146 ? 49  SER A C   1 
ATOM   385  O  O   . SER A 1 48  ? 17.08222  -2.01958  3.57497   1.000 20.90580 ? 49  SER A O   1 
ATOM   386  C  CB  . SER A 1 48  ? 20.11225  -2.63770  2.58459   1.000 29.19799 ? 49  SER A CB  1 
ATOM   387  O  OG  . SER A 1 48  ? 21.31429  -1.92818  2.35941   1.000 36.03425 ? 49  SER A OG  1 
ATOM   388  N  N   . PHE A 1 49  ? 17.85691  -3.95205  4.44576   1.000 19.08589 ? 50  PHE A N   1 
ATOM   389  C  CA  . PHE A 1 49  ? 16.51745  -4.53018  4.59033   1.000 19.45053 ? 50  PHE A CA  1 
ATOM   390  C  C   . PHE A 1 49  ? 15.66455  -3.70922  5.55023   1.000 18.09323 ? 50  PHE A C   1 
ATOM   391  O  O   . PHE A 1 49  ? 14.50756  -3.36285  5.24493   1.000 16.73040 ? 50  PHE A O   1 
ATOM   392  C  CB  . PHE A 1 49  ? 16.62624  -5.96970  5.10275   1.000 20.42801 ? 50  PHE A CB  1 
ATOM   393  C  CG  . PHE A 1 49  ? 15.31001  -6.69631  5.18059   1.000 15.87082 ? 50  PHE A CG  1 
ATOM   394  C  CD1 . PHE A 1 49  ? 14.65581  -7.11276  4.03416   1.000 17.73690 ? 50  PHE A CD1 1 
ATOM   395  C  CD2 . PHE A 1 49  ? 14.70696  -6.92704  6.40681   1.000 21.68456 ? 50  PHE A CD2 1 
ATOM   396  C  CE1 . PHE A 1 49  ? 13.43714  -7.78485  4.11396   1.000 21.85114 ? 50  PHE A CE1 1 
ATOM   397  C  CE2 . PHE A 1 49  ? 13.47238  -7.58071  6.49745   1.000 25.61009 ? 50  PHE A CE2 1 
ATOM   398  C  CZ  . PHE A 1 49  ? 12.84313  -8.01507  5.34637   1.000 25.88612 ? 50  PHE A CZ  1 
ATOM   399  N  N   . GLU A 1 50  ? 16.21506  -3.41767  6.73620   1.000 19.12591 ? 51  GLU A N   1 
ATOM   400  C  CA  . GLU A 1 50  ? 15.47912  -2.64642  7.73990   1.000 19.99284 ? 51  GLU A CA  1 
ATOM   401  C  C   . GLU A 1 50  ? 15.17961  -1.23642  7.24684   1.000 16.88294 ? 51  GLU A C   1 
ATOM   402  O  O   . GLU A 1 50  ? 14.08584  -0.69376  7.49768   1.000 17.73393 ? 51  GLU A O   1 
ATOM   403  C  CB  . GLU A 1 50  ? 16.27707  -2.61612  9.05354   1.000 18.43531 ? 51  GLU A CB  1 
ATOM   404  C  CG  . GLU A 1 50  ? 15.70335  -1.69027  10.12756  1.000 19.35301 ? 51  GLU A CG  1 
ATOM   405  C  CD  . GLU A 1 50  ? 14.30522  -2.12767  10.61597  1.000 20.22035 ? 51  GLU A CD  1 
ATOM   406  O  OE1 . GLU A 1 50  ? 14.00014  -3.33924  10.62632  1.000 21.73025 ? 51  GLU A OE1 1 
ATOM   407  O  OE2 . GLU A 1 50  ? 13.49740  -1.24901  11.00016  1.000 21.81154 ? 51  GLU A OE2 1 
ATOM   408  N  N   . GLN A 1 51  ? 16.12685  -0.62990  6.52526   1.000 15.90437 ? 52  GLN A N   1 
ATOM   409  C  CA  . GLN A 1 51  ? 15.91804  0.71960   6.00365   1.000 21.47582 ? 52  GLN A CA  1 
ATOM   410  C  C   . GLN A 1 51  ? 14.74983  0.76250   5.02639   1.000 22.15425 ? 52  GLN A C   1 
ATOM   411  O  O   . GLN A 1 51  ? 13.84424  1.59786   5.15716   1.000 19.87663 ? 52  GLN A O   1 
ATOM   412  C  CB  . GLN A 1 51  ? 17.18652  1.22915   5.32258   1.000 20.84389 ? 52  GLN A CB  1 
ATOM   413  C  CG  . GLN A 1 51  ? 17.10553  2.68990   4.89832   1.000 25.22266 ? 52  GLN A CG  1 
ATOM   414  C  CD  . GLN A 1 51  ? 18.45545  3.24895   4.48146   0.547 27.90161 ? 52  GLN A CD  1 
ATOM   415  O  OE1 . GLN A 1 51  ? 19.48899  2.61666   4.68816   0.411 35.19683 ? 52  GLN A OE1 1 
ATOM   416  N  NE2 . GLN A 1 51  ? 18.45089  4.44249   3.90056   0.362 31.78798 ? 52  GLN A NE2 1 
ATOM   417  N  N   . VAL A 1 52  ? 14.76399  -0.11770  4.02275   1.000 18.00534 ? 53  VAL A N   1 
ATOM   418  C  CA  . VAL A 1 52  ? 13.68138  -0.11969  3.04177   1.000 18.17209 ? 53  VAL A CA  1 
ATOM   419  C  C   . VAL A 1 52  ? 12.36447  -0.55907  3.67703   1.000 21.18090 ? 53  VAL A C   1 
ATOM   420  O  O   . VAL A 1 52  ? 11.28564  -0.10893  3.25939   1.000 19.43248 ? 53  VAL A O   1 
ATOM   421  C  CB  . VAL A 1 52  ? 14.08623  -0.98669  1.83496   1.000 21.92700 ? 53  VAL A CB  1 
ATOM   422  C  CG1 . VAL A 1 52  ? 12.98311  -1.04801  0.79153   1.000 24.38954 ? 53  VAL A CG1 1 
ATOM   423  C  CG2 . VAL A 1 52  ? 15.34023  -0.40336  1.20405   1.000 25.30868 ? 53  VAL A CG2 1 
ATOM   424  N  N   . LEU A 1 53  ? 12.41622  -1.41023  4.70667   1.000 15.80354 ? 54  LEU A N   1 
ATOM   425  C  CA  . LEU A 1 53  ? 11.19290  -1.81010  5.40189   1.000 16.37724 ? 54  LEU A CA  1 
ATOM   426  C  C   . LEU A 1 53  ? 10.51829  -0.61059  6.06759   1.000 18.51321 ? 54  LEU A C   1 
ATOM   427  O  O   . LEU A 1 53  ? 9.29561   -0.42686  5.95991   1.000 16.38740 ? 54  LEU A O   1 
ATOM   428  C  CB  . LEU A 1 53  ? 11.51458  -2.89669  6.42913   1.000 20.29268 ? 54  LEU A CB  1 
ATOM   429  C  CG  . LEU A 1 53  ? 10.35541  -3.55783  7.16915   1.000 23.28702 ? 54  LEU A CG  1 
ATOM   430  C  CD1 . LEU A 1 53  ? 9.28478   -4.04305  6.19988   1.000 23.83755 ? 54  LEU A CD1 1 
ATOM   431  C  CD2 . LEU A 1 53  ? 10.86575  -4.71071  8.04357   1.000 22.60180 ? 54  LEU A CD2 1 
ATOM   432  N  N   . GLU A 1 54  ? 11.30418  0.23281   6.74681   1.000 17.90170 ? 55  GLU A N   1 
ATOM   433  C  CA  . GLU A 1 54  ? 10.73600  1.44426   7.34262   1.000 18.63910 ? 55  GLU A CA  1 
ATOM   434  C  C   . GLU A 1 54  ? 10.20547  2.39617   6.27258   1.000 23.23659 ? 55  GLU A C   1 
ATOM   435  O  O   . GLU A 1 54  ? 9.12678   2.98184   6.43587   1.000 20.22593 ? 55  GLU A O   1 
ATOM   436  C  CB  . GLU A 1 54  ? 11.78275  2.14872   8.21940   1.000 19.72899 ? 55  GLU A CB  1 
ATOM   437  C  CG  . GLU A 1 54  ? 12.25917  1.32231   9.41825   1.000 19.93092 ? 55  GLU A CG  1 
ATOM   438  C  CD  . GLU A 1 54  ? 13.54896  1.87321   10.04319  1.000 28.08985 ? 55  GLU A CD  1 
ATOM   439  O  OE1 . GLU A 1 54  ? 14.19653  1.17009   10.85098  1.000 26.74490 ? 55  GLU A OE1 1 
ATOM   440  O  OE2 . GLU A 1 54  ? 13.91916  3.02132   9.72920   1.000 27.97661 ? 55  GLU A OE2 1 
ATOM   441  N  N   . GLU A 1 55  ? 10.94977  2.57120   5.17214   1.000 19.42416 ? 56  GLU A N   1 
ATOM   442  C  CA  . GLU A 1 55  ? 10.48822  3.46481   4.10714   1.000 19.52837 ? 56  GLU A CA  1 
ATOM   443  C  C   . GLU A 1 55  ? 9.20232   2.94867   3.47312   1.000 17.17658 ? 56  GLU A C   1 
ATOM   444  O  O   . GLU A 1 55  ? 8.32340   3.73825   3.09500   1.000 15.49341 ? 56  GLU A O   1 
ATOM   445  C  CB  . GLU A 1 55  ? 11.58436  3.63107   3.05108   1.000 20.95165 ? 56  GLU A CB  1 
ATOM   446  C  CG  . GLU A 1 55  ? 12.84882  4.30837   3.57912   1.000 22.59341 ? 56  GLU A CG  1 
ATOM   447  C  CD  . GLU A 1 55  ? 14.00145  4.29801   2.58155   0.581 23.79046 ? 56  GLU A CD  1 
ATOM   448  O  OE1 . GLU A 1 55  ? 15.04251  4.92096   2.87414   0.541 20.75873 ? 56  GLU A OE1 1 
ATOM   449  O  OE2 . GLU A 1 55  ? 13.88448  3.64521   1.52426   0.602 22.98851 ? 56  GLU A OE2 1 
ATOM   450  N  N   . LEU A 1 56  ? 9.06974   1.62544   3.35271   1.000 14.83912 ? 57  LEU A N   1 
ATOM   451  C  CA  . LEU A 1 56  ? 7.84753   1.04235   2.81039   1.000 21.43559 ? 57  LEU A CA  1 
ATOM   452  C  C   . LEU A 1 56  ? 6.67291   1.21382   3.77160   1.000 18.70488 ? 57  LEU A C   1 
ATOM   453  O  O   . LEU A 1 56  ? 5.55334   1.54764   3.34664   1.000 17.06982 ? 57  LEU A O   1 
ATOM   454  C  CB  . LEU A 1 56  ? 8.08223   -0.43243  2.48533   1.000 17.74760 ? 57  LEU A CB  1 
ATOM   455  C  CG  . LEU A 1 56  ? 6.87134   -1.21961  1.97343   1.000 19.88257 ? 57  LEU A CG  1 
ATOM   456  C  CD1 . LEU A 1 56  ? 6.32249   -0.56681  0.73308   1.000 20.81400 ? 57  LEU A CD1 1 
ATOM   457  C  CD2 . LEU A 1 56  ? 7.28360   -2.66675  1.66714   1.000 24.09861 ? 57  LEU A CD2 1 
ATOM   458  N  N   . GLU A 1 57  ? 6.90527   1.00231   5.07154   1.000 12.48054 ? 58  GLU A N   1 
ATOM   459  C  CA  . GLU A 1 57  ? 5.84959   1.24487   6.05748   1.000 16.90913 ? 58  GLU A CA  1 
ATOM   460  C  C   . GLU A 1 57  ? 5.35418   2.69165   5.98966   1.000 19.18257 ? 58  GLU A C   1 
ATOM   461  O  O   . GLU A 1 57  ? 4.14126   2.94235   6.00477   1.000 17.96811 ? 58  GLU A O   1 
ATOM   462  C  CB  . GLU A 1 57  ? 6.35884   0.89656   7.46501   1.000 22.40306 ? 58  GLU A CB  1 
ATOM   463  C  CG  . GLU A 1 57  ? 6.72242   -0.59691  7.64790   1.000 25.92349 ? 58  GLU A CG  1 
ATOM   464  C  CD  . GLU A 1 57  ? 7.27448   -0.94966  9.04152   0.632 21.41639 ? 58  GLU A CD  1 
ATOM   465  O  OE1 . GLU A 1 57  ? 8.12954   -0.21838  9.55540   1.000 24.56765 ? 58  GLU A OE1 1 
ATOM   466  O  OE2 . GLU A 1 57  ? 6.88979   -1.99215  9.61072   1.000 27.06458 ? 58  GLU A OE2 1 
ATOM   467  N  N   . GLU A 1 58  ? 6.27706   3.65503   5.88109   1.000 19.57460 ? 59  GLU A N   1 
ATOM   468  C  CA  . GLU A 1 58  ? 5.89223   5.06403   5.81246   1.000 19.76780 ? 59  GLU A CA  1 
ATOM   469  C  C   . GLU A 1 58  ? 5.12532   5.37775   4.52798   1.000 20.27932 ? 59  GLU A C   1 
ATOM   470  O  O   . GLU A 1 58  ? 4.14419   6.13895   4.54919   1.000 20.88123 ? 59  GLU A O   1 
ATOM   471  C  CB  . GLU A 1 58  ? 7.13514   5.95536   5.93539   1.000 24.83129 ? 59  GLU A CB  1 
ATOM   472  C  CG  . GLU A 1 58  ? 7.80050   5.89840   7.31653   1.000 22.61404 ? 59  GLU A CG  1 
ATOM   473  C  CD  . GLU A 1 58  ? 9.29598   6.12120   7.28541   1.000 32.87608 ? 59  GLU A CD  1 
ATOM   474  O  OE1 . GLU A 1 58  ? 9.94025   5.94057   8.34765   1.000 29.75760 ? 59  GLU A OE1 1 
ATOM   475  O  OE2 . GLU A 1 58  ? 9.82459   6.50064   6.21815   1.000 32.91963 ? 59  GLU A OE2 1 
ATOM   476  N  N   . ALA A 1 59  ? 5.54730   4.79354   3.40338   1.000 17.43718 ? 60  ALA A N   1 
ATOM   477  C  CA  . ALA A 1 59  ? 4.87391   5.03379   2.12794   1.000 18.43402 ? 60  ALA A CA  1 
ATOM   478  C  C   . ALA A 1 59  ? 3.48613   4.40606   2.10303   1.000 21.51065 ? 60  ALA A C   1 
ATOM   479  O  O   . ALA A 1 59  ? 2.53336   4.99427   1.56740   1.000 18.77830 ? 60  ALA A O   1 
ATOM   480  C  CB  . ALA A 1 59  ? 5.72953   4.48341   0.98318   1.000 21.00379 ? 60  ALA A CB  1 
ATOM   481  N  N   . LEU A 1 60  ? 3.35121   3.21274   2.67917   1.000 16.33955 ? 61  LEU A N   1 
ATOM   482  C  CA  A LEU A 1 60  ? 2.04723   2.55739   2.74298   0.511 20.06959 ? 61  LEU A CA  1 
ATOM   483  C  CA  B LEU A 1 60  ? 2.04276   2.56717   2.73074   0.489 20.06597 ? 61  LEU A CA  1 
ATOM   484  C  C   . LEU A 1 60  ? 1.08561   3.32925   3.63632   1.000 20.22019 ? 61  LEU A C   1 
ATOM   485  O  O   . LEU A 1 60  ? -0.11158  3.44647   3.33025   1.000 17.55116 ? 61  LEU A O   1 
ATOM   486  C  CB  A LEU A 1 60  ? 2.22316   1.12658   3.24798   0.511 18.70748 ? 61  LEU A CB  1 
ATOM   487  C  CB  B LEU A 1 60  ? 2.19286   1.12428   3.20354   0.489 18.71733 ? 61  LEU A CB  1 
ATOM   488  C  CG  A LEU A 1 60  ? 0.98517   0.28141   3.54068   0.511 18.45093 ? 61  LEU A CG  1 
ATOM   489  C  CG  B LEU A 1 60  ? 2.60795   0.10800   2.13896   0.489 19.90273 ? 61  LEU A CG  1 
ATOM   490  C  CD1 A LEU A 1 60  ? 0.18038   0.05976   2.26658   0.511 18.43399 ? 61  LEU A CD1 1 
ATOM   491  C  CD1 B LEU A 1 60  ? 3.30538   -1.06573  2.80014   0.489 22.80520 ? 61  LEU A CD1 1 
ATOM   492  C  CD2 A LEU A 1 60  ? 1.40008   -1.04595  4.16260   0.511 17.02064 ? 61  LEU A CD2 1 
ATOM   493  C  CD2 B LEU A 1 60  ? 1.39659   -0.35381  1.35721   0.489 23.92034 ? 61  LEU A CD2 1 
ATOM   494  N  N   . GLN A 1 61  ? 1.58899   3.86064   4.75225   1.000 18.11053 ? 62  GLN A N   1 
ATOM   495  C  CA  . GLN A 1 61  ? 0.73113   4.62590   5.64473   1.000 20.86313 ? 62  GLN A CA  1 
ATOM   496  C  C   . GLN A 1 61  ? 0.23840   5.90446   4.97435   1.000 20.88576 ? 62  GLN A C   1 
ATOM   497  O  O   . GLN A 1 61  ? -0.91418  6.30829   5.16796   1.000 22.17044 ? 62  GLN A O   1 
ATOM   498  C  CB  . GLN A 1 61  ? 1.47369   4.94242   6.94496   1.000 21.47420 ? 62  GLN A CB  1 
ATOM   499  C  CG  . GLN A 1 61  ? 0.62147   5.68507   7.98934   1.000 27.61176 ? 62  GLN A CG  1 
ATOM   500  C  CD  . GLN A 1 61  ? -0.47635  4.82573   8.60517   0.431 23.11630 ? 62  GLN A CD  1 
ATOM   501  O  OE1 . GLN A 1 61  ? -1.08358  3.98800   7.93929   0.403 23.64307 ? 62  GLN A OE1 1 
ATOM   502  N  NE2 . GLN A 1 61  ? -0.73182  5.03439   9.89161   0.538 30.25298 ? 62  GLN A NE2 1 
ATOM   503  N  N   . LYS A 1 62  ? 1.08584   6.54929   4.17312   1.000 16.92261 ? 63  LYS A N   1 
ATOM   504  C  CA  . LYS A 1 62  ? 0.64756   7.75794   3.48497   1.000 20.49697 ? 63  LYS A CA  1 
ATOM   505  C  C   . LYS A 1 62  ? -0.39500  7.43489   2.41798   1.000 19.93299 ? 63  LYS A C   1 
ATOM   506  O  O   . LYS A 1 62  ? -1.38968  8.15356   2.28241   1.000 19.64784 ? 63  LYS A O   1 
ATOM   507  C  CB  . LYS A 1 62  ? 1.85349   8.48838   2.88635   1.000 21.96962 ? 63  LYS A CB  1 
ATOM   508  C  CG  . LYS A 1 62  ? 1.53185   9.92764   2.47655   1.000 36.98546 ? 63  LYS A CG  1 
ATOM   509  C  CD  . LYS A 1 62  ? 2.32050   10.38948  1.27093   0.000 30.94229 ? 63  LYS A CD  1 
ATOM   510  C  CE  . LYS A 1 62  ? 1.66553   11.58786  0.59135   0.823 43.54621 ? 63  LYS A CE  1 
ATOM   511  N  NZ  . LYS A 1 62  ? 0.88230   12.43452  1.52976   1.000 54.19679 ? 63  LYS A NZ  1 
ATOM   512  N  N   . HIS A 1 63  ? -0.18766  6.34893   1.66791   1.000 15.54884 ? 64  HIS A N   1 
ATOM   513  C  CA  . HIS A 1 63  ? -1.16992  5.88810   0.68718   1.000 19.28468 ? 64  HIS A CA  1 
ATOM   514  C  C   . HIS A 1 63  ? -2.52341  5.62794   1.34340   1.000 18.12502 ? 64  HIS A C   1 
ATOM   515  O  O   . HIS A 1 63  ? -3.56710  6.08803   0.85564   1.000 15.50668 ? 64  HIS A O   1 
ATOM   516  C  CB  . HIS A 1 63  ? -0.64395  4.61941   -0.00057  1.000 17.32776 ? 64  HIS A CB  1 
ATOM   517  C  CG  . HIS A 1 63  ? -1.52408  4.10390   -1.09868  1.000 16.57816 ? 64  HIS A CG  1 
ATOM   518  N  ND1 . HIS A 1 63  ? -1.75894  4.81064   -2.25996  1.000 15.61905 ? 64  HIS A ND1 1 
ATOM   519  C  CD2 . HIS A 1 63  ? -2.22633  2.95121   -1.21137  1.000 15.85237 ? 64  HIS A CD2 1 
ATOM   520  C  CE1 . HIS A 1 63  ? -2.56974  4.11823   -3.04060  1.000 18.60900 ? 64  HIS A CE1 1 
ATOM   521  N  NE2 . HIS A 1 63  ? -2.87194  2.98662   -2.42843  1.000 16.95821 ? 64  HIS A NE2 1 
ATOM   522  N  N   . ARG A 1 64  ? -2.52457  4.89528   2.46239   1.000 15.62980 ? 65  ARG A N   1 
ATOM   523  C  CA  . ARG A 1 64  ? -3.78322  4.55693   3.12887   1.000 21.14401 ? 65  ARG A CA  1 
ATOM   524  C  C   . ARG A 1 64  ? -4.48295  5.78991   3.69862   1.000 19.56911 ? 65  ARG A C   1 
ATOM   525  O  O   . ARG A 1 64  ? -5.72040  5.82983   3.75233   1.000 18.65821 ? 65  ARG A O   1 
ATOM   526  C  CB  . ARG A 1 64  ? -3.53581  3.53775   4.24692   1.000 19.59486 ? 65  ARG A CB  1 
ATOM   527  C  CG  . ARG A 1 64  ? -3.14569  2.13033   3.77049   1.000 22.11202 ? 65  ARG A CG  1 
ATOM   528  C  CD  . ARG A 1 64  ? -4.24139  1.11510   4.12618   1.000 27.59521 ? 65  ARG A CD  1 
ATOM   529  N  NE  . ARG A 1 64  ? -4.38491  0.97641   5.57641   1.000 26.39573 ? 65  ARG A NE  1 
ATOM   530  C  CZ  . ARG A 1 64  ? -5.19644  0.11315   6.18293   1.000 29.75291 ? 65  ARG A CZ  1 
ATOM   531  N  NH1 . ARG A 1 64  ? -5.94590  -0.72019  5.47411   1.000 24.23076 ? 65  ARG A NH1 1 
ATOM   532  N  NH2 . ARG A 1 64  ? -5.24214  0.07519   7.50858   1.000 30.18056 ? 65  ARG A NH2 1 
ATOM   533  N  N   . GLN A 1 65  ? -3.72151  6.78592   4.16229   1.000 18.40320 ? 66  GLN A N   1 
ATOM   534  C  CA  . GLN A 1 65  ? -4.34724  7.99877   4.68075   1.000 16.85765 ? 66  GLN A CA  1 
ATOM   535  C  C   . GLN A 1 65  ? -5.05192  8.76302   3.57046   1.000 18.67113 ? 66  GLN A C   1 
ATOM   536  O  O   . GLN A 1 65  ? -6.13495  9.32843   3.78310   1.000 18.98924 ? 66  GLN A O   1 
ATOM   537  C  CB  . GLN A 1 65  ? -3.29786  8.88369   5.35758   1.000 22.12583 ? 66  GLN A CB  1 
ATOM   538  C  CG  . GLN A 1 65  ? -2.91183  8.43864   6.77181   1.000 32.81366 ? 66  GLN A CG  1 
ATOM   539  C  CD  . GLN A 1 65  ? -3.97295  7.58823   7.45228   0.138 31.25581 ? 66  GLN A CD  1 
ATOM   540  O  OE1 . GLN A 1 65  ? -5.08746  8.04736   7.71286   0.161 34.87918 ? 66  GLN A OE1 1 
ATOM   541  N  NE2 . GLN A 1 65  ? -3.62211  6.34509   7.76059   0.697 43.29474 ? 66  GLN A NE2 1 
ATOM   542  N  N   . LEU A 1 66  ? -4.45701  8.78175   2.37501   1.000 15.78239 ? 67  LEU A N   1 
ATOM   543  C  CA  . LEU A 1 66  ? -5.09164  9.45314   1.24097   1.000 20.99082 ? 67  LEU A CA  1 
ATOM   544  C  C   . LEU A 1 66  ? -6.37707  8.74846   0.83449   1.000 21.69261 ? 67  LEU A C   1 
ATOM   545  O  O   . LEU A 1 66  ? -7.35545  9.40347   0.44784   1.000 17.81262 ? 67  LEU A O   1 
ATOM   546  C  CB  . LEU A 1 66  ? -4.12480  9.50832   0.05688   1.000 16.46162 ? 67  LEU A CB  1 
ATOM   547  C  CG  . LEU A 1 66  ? -2.93223  10.45732  0.19345   1.000 21.79726 ? 67  LEU A CG  1 
ATOM   548  C  CD1 . LEU A 1 66  ? -1.89832  10.13001  -0.87837  1.000 21.40310 ? 67  LEU A CD1 1 
ATOM   549  C  CD2 . LEU A 1 66  ? -3.38135  11.91115  0.08026   1.000 21.85279 ? 67  LEU A CD2 1 
ATOM   550  N  N   . ALA A 1 67  ? -6.38926  7.41310   0.89283   1.000 16.79278 ? 68  ALA A N   1 
ATOM   551  C  CA  . ALA A 1 67  ? -7.61536  6.67010   0.60422   1.000 16.59012 ? 68  ALA A CA  1 
ATOM   552  C  C   . ALA A 1 67  ? -8.70411  7.00510   1.61529   1.000 19.05957 ? 68  ALA A C   1 
ATOM   553  O  O   . ALA A 1 67  ? -9.86893  7.23032   1.24246   1.000 19.26515 ? 68  ALA A O   1 
ATOM   554  C  CB  . ALA A 1 67  ? -7.32705  5.16390   0.59523   1.000 15.72519 ? 68  ALA A CB  1 
ATOM   555  N  N   . ASP A 1 68  ? -8.33911  7.04636   2.90086   1.000 19.17429 ? 69  ASP A N   1 
ATOM   556  C  CA  A ASP A 1 68  ? -9.29414  7.42251   3.93693   0.740 21.82923 ? 69  ASP A CA  1 
ATOM   557  C  CA  B ASP A 1 68  ? -9.28433  7.42934   3.94687   0.260 21.87774 ? 69  ASP A CA  1 
ATOM   558  C  C   . ASP A 1 68  ? -9.80989  8.84387   3.72585   1.000 22.83010 ? 69  ASP A C   1 
ATOM   559  O  O   . ASP A 1 68  ? -10.98635 9.12748   3.98287   1.000 21.62167 ? 69  ASP A O   1 
ATOM   560  C  CB  A ASP A 1 68  ? -8.64133  7.28164   5.31302   0.740 23.97090 ? 69  ASP A CB  1 
ATOM   561  C  CB  B ASP A 1 68  ? -8.61662  7.33429   5.32083   0.260 24.01107 ? 69  ASP A CB  1 
ATOM   562  C  CG  A ASP A 1 68  ? -9.62646  7.46303   6.45595   0.740 33.75723 ? 69  ASP A CG  1 
ATOM   563  C  CG  B ASP A 1 68  ? -8.51238  5.90987   5.83085   0.260 26.65676 ? 69  ASP A CG  1 
ATOM   564  O  OD1 A ASP A 1 68  ? -10.67247 6.77819   6.46774   0.740 33.47671 ? 69  ASP A OD1 1 
ATOM   565  O  OD1 B ASP A 1 68  ? -9.55813  5.23977   5.96250   0.260 27.84436 ? 69  ASP A OD1 1 
ATOM   566  O  OD2 A ASP A 1 68  ? -9.34518  8.29217   7.34600   0.740 36.79364 ? 69  ASP A OD2 1 
ATOM   567  O  OD2 B ASP A 1 68  ? -7.37891  5.46227   6.11282   0.260 29.57489 ? 69  ASP A OD2 1 
ATOM   568  N  N   . GLN A 1 69  ? -8.93956  9.74446   3.26460   1.000 19.52555 ? 70  GLN A N   1 
ATOM   569  C  CA  . GLN A 1 69  ? -9.33772  11.12898  3.02436   1.000 20.42880 ? 70  GLN A CA  1 
ATOM   570  C  C   . GLN A 1 69  ? -10.41016 11.21532  1.94479   1.000 20.58329 ? 70  GLN A C   1 
ATOM   571  O  O   . GLN A 1 69  ? -11.39729 11.95080  2.09183   1.000 20.20325 ? 70  GLN A O   1 
ATOM   572  C  CB  . GLN A 1 69  ? -8.09900  11.93679  2.62948   1.000 26.03324 ? 70  GLN A CB  1 
ATOM   573  C  CG  . GLN A 1 69  ? -8.32013  13.42165  2.40805   1.000 35.52631 ? 70  GLN A CG  1 
ATOM   574  C  CD  . GLN A 1 69  ? -7.06384  14.09621  1.88862   0.181 32.76183 ? 70  GLN A CD  1 
ATOM   575  O  OE1 . GLN A 1 69  ? -5.99247  13.97159  2.48124   1.000 45.53643 ? 70  GLN A OE1 1 
ATOM   576  N  NE2 . GLN A 1 69  ? -7.18678  14.80961  0.77785   0.636 33.74260 ? 70  GLN A NE2 1 
ATOM   577  N  N   . GLY A 1 70  ? -10.23854 10.46534  0.85484   1.000 17.60385 ? 71  GLY A N   1 
ATOM   578  C  CA  . GLY A 1 70  ? -11.25509 10.45856  -0.18601  1.000 17.05944 ? 71  GLY A CA  1 
ATOM   579  C  C   . GLY A 1 70  ? -12.59305 9.94925   0.31262   1.000 22.20958 ? 71  GLY A C   1 
ATOM   580  O  O   . GLY A 1 70  ? -13.64780 10.50269  -0.02829  1.000 18.75328 ? 71  GLY A O   1 
ATOM   581  N  N   . ARG A 1 71  ? -12.57602 8.89447   1.13487   1.000 16.17923 ? 72  ARG A N   1 
ATOM   582  C  CA  . ARG A 1 71  ? -13.83986 8.34888   1.64079   1.000 21.65118 ? 72  ARG A CA  1 
ATOM   583  C  C   . ARG A 1 71  ? -14.51993 9.30755   2.61669   1.000 22.57724 ? 72  ARG A C   1 
ATOM   584  O  O   . ARG A 1 71  ? -15.75329 9.43416   2.61574   1.000 19.16512 ? 72  ARG A O   1 
ATOM   585  C  CB  . ARG A 1 71  ? -13.58990 6.98432   2.28692   1.000 19.96999 ? 72  ARG A CB  1 
ATOM   586  C  CG  . ARG A 1 71  ? -13.21978 5.91318   1.26811   1.000 23.91706 ? 72  ARG A CG  1 
ATOM   587  C  CD  . ARG A 1 71  ? -13.06876 4.53274   1.88597   1.000 25.53473 ? 72  ARG A CD  1 
ATOM   588  N  NE  . ARG A 1 71  ? -12.15177 4.50239   3.02542   1.000 31.77150 ? 72  ARG A NE  1 
ATOM   589  C  CZ  . ARG A 1 71  ? -10.93725 3.94482   3.01404   1.000 29.85899 ? 72  ARG A CZ  1 
ATOM   590  N  NH1 . ARG A 1 71  ? -10.20428 3.96917   4.11488   1.000 23.52945 ? 72  ARG A NH1 1 
ATOM   591  N  NH2 . ARG A 1 71  ? -10.43969 3.37950   1.91286   1.000 23.37854 ? 72  ARG A NH2 1 
ATOM   592  N  N   . LYS A 1 72  ? -13.74161 10.00236  3.45097   1.000 18.96296 ? 73  LYS A N   1 
ATOM   593  C  CA  . LYS A 1 72  ? -14.33742 10.97610  4.36625   1.000 21.25868 ? 73  LYS A CA  1 
ATOM   594  C  C   . LYS A 1 72  ? -14.97690 12.14335  3.62138   1.000 22.30112 ? 73  LYS A C   1 
ATOM   595  O  O   . LYS A 1 72  ? -15.91110 12.77343  4.13822   1.000 25.89828 ? 73  LYS A O   1 
ATOM   596  C  CB  . LYS A 1 72  ? -13.28564 11.50595  5.34274   1.000 28.66880 ? 73  LYS A CB  1 
ATOM   597  C  CG  . LYS A 1 72  ? -12.82941 10.49728  6.39042   1.000 33.71695 ? 73  LYS A CG  1 
ATOM   598  C  CD  . LYS A 1 72  ? -11.48602 10.90131  6.98491   1.000 38.11955 ? 73  LYS A CD  1 
ATOM   599  C  CE  . LYS A 1 72  ? -11.36200 10.49877  8.45592   1.000 44.38384 ? 73  LYS A CE  1 
ATOM   600  N  NZ  . LYS A 1 72  ? -12.56834 10.85300  9.25307   1.000 44.71972 ? 73  LYS A NZ  1 
ATOM   601  N  N   . LYS A 1 73  ? -14.50917 12.43842  2.41488   1.000 15.41972 ? 74  LYS A N   1 
ATOM   602  C  CA  . LYS A 1 73  ? -15.03839 13.54724  1.62809   1.000 21.35029 ? 74  LYS A CA  1 
ATOM   603  C  C   . LYS A 1 73  ? -16.19201 13.14750  0.70566   1.000 18.48172 ? 74  LYS A C   1 
ATOM   604  O  O   . LYS A 1 73  ? -16.70942 14.00139  -0.03370  1.000 18.00452 ? 74  LYS A O   1 
ATOM   605  C  CB  . LYS A 1 73  ? -13.89724 14.17450  0.82097   1.000 19.96677 ? 74  LYS A CB  1 
ATOM   606  C  CG  . LYS A 1 73  ? -12.90818 14.95863  1.68789   1.000 23.35867 ? 74  LYS A CG  1 
ATOM   607  C  CD  . LYS A 1 73  ? -12.02863 15.87255  0.83229   1.000 35.83438 ? 74  LYS A CD  1 
ATOM   608  C  CE  . LYS A 1 73  ? -10.78495 16.32710  1.58231   1.000 37.09139 ? 74  LYS A CE  1 
ATOM   609  N  NZ  . LYS A 1 73  ? -11.13798 17.23212  2.71456   1.000 47.80518 ? 74  LYS A NZ  1 
ATOM   610  N  N   . GLY A 1 74  ? -16.61647 11.88611  0.72112   1.000 17.77110 ? 75  GLY A N   1 
ATOM   611  C  CA  . GLY A 1 74  ? -17.82636 11.52394  0.00108   1.000 19.50943 ? 75  GLY A CA  1 
ATOM   612  C  C   . GLY A 1 74  ? -17.77016 10.28105  -0.86600  1.000 21.87310 ? 75  GLY A C   1 
ATOM   613  O  O   . GLY A 1 74  ? -18.82030 9.70805   -1.18190  1.000 19.07004 ? 75  GLY A O   1 
ATOM   614  N  N   . LEU A 1 75  ? -16.56994 9.85050   -1.25881  1.000 17.19772 ? 76  LEU A N   1 
ATOM   615  C  CA  . LEU A 1 75  ? -16.43799 8.71362   -2.16379  1.000 16.38695 ? 76  LEU A CA  1 
ATOM   616  C  C   . LEU A 1 75  ? -16.90059 7.42981   -1.48581  1.000 19.33215 ? 76  LEU A C   1 
ATOM   617  O  O   . LEU A 1 75  ? -16.67471 7.23108   -0.28906  1.000 21.17941 ? 76  LEU A O   1 
ATOM   618  C  CB  . LEU A 1 75  ? -14.97706 8.55580   -2.61414  1.000 14.44961 ? 76  LEU A CB  1 
ATOM   619  C  CG  . LEU A 1 75  ? -14.34239 9.75257   -3.33014  1.000 15.62010 ? 76  LEU A CG  1 
ATOM   620  C  CD1 . LEU A 1 75  ? -12.95514 9.38134   -3.86234  1.000 19.71565 ? 76  LEU A CD1 1 
ATOM   621  C  CD2 . LEU A 1 75  ? -15.23577 10.31693  -4.45562  1.000 16.78331 ? 76  LEU A CD2 1 
ATOM   622  N  N   . LEU A 1 76  ? -17.56198 6.55556   -2.24937  1.000 15.03619 ? 77  LEU A N   1 
ATOM   623  C  CA  . LEU A 1 76  ? -17.99998 5.28512   -1.68188  1.000 19.87983 ? 77  LEU A CA  1 
ATOM   624  C  C   . LEU A 1 76  ? -16.78610 4.42296   -1.35002  1.000 23.29058 ? 77  LEU A C   1 
ATOM   625  O  O   . LEU A 1 76  ? -15.72992 4.53266   -1.98027  1.000 20.89037 ? 77  LEU A O   1 
ATOM   626  C  CB  . LEU A 1 76  ? -18.90680 4.52658   -2.64824  1.000 18.47494 ? 77  LEU A CB  1 
ATOM   627  C  CG  . LEU A 1 76  ? -20.20884 5.23392   -3.04095  1.000 18.51830 ? 77  LEU A CG  1 
ATOM   628  C  CD1 . LEU A 1 76  ? -20.97613 4.38058   -4.04219  1.000 21.36932 ? 77  LEU A CD1 1 
ATOM   629  C  CD2 . LEU A 1 76  ? -21.04425 5.48204   -1.79466  1.000 20.71408 ? 77  LEU A CD2 1 
ATOM   630  N  N   . THR A 1 77  ? -16.94937 3.55104   -0.35478  1.000 20.66627 ? 78  THR A N   1 
ATOM   631  C  CA  . THR A 1 77  ? -15.88779 2.60955   -0.01083  1.000 21.45235 ? 78  THR A CA  1 
ATOM   632  C  C   . THR A 1 77  ? -15.82993 1.49861   -1.05288  1.000 20.97895 ? 78  THR A C   1 
ATOM   633  O  O   . THR A 1 77  ? -16.81252 0.77725   -1.26152  1.000 22.60677 ? 78  THR A O   1 
ATOM   634  C  CB  . THR A 1 77  ? -16.11892 2.03440   1.38366   1.000 25.66450 ? 78  THR A CB  1 
ATOM   635  O  OG1 . THR A 1 77  ? -16.27872 3.10840   2.31813   1.000 22.68519 ? 78  THR A OG1 1 
ATOM   636  C  CG2 . THR A 1 77  ? -14.93588 1.16871   1.80856   1.000 24.82416 ? 78  THR A CG2 1 
ATOM   637  N  N   . SER A 1 78  ? -14.68188 1.36646   -1.70693  1.000 19.06526 ? 79  SER A N   1 
ATOM   638  C  CA  . SER A 1 78  ? -14.51053 0.42365   -2.79903  1.000 21.32309 ? 79  SER A CA  1 
ATOM   639  C  C   . SER A 1 78  ? -13.96714 -0.91051  -2.29229  1.000 26.11048 ? 79  SER A C   1 
ATOM   640  O  O   . SER A 1 78  ? -13.57367 -1.05879  -1.13217  1.000 23.50014 ? 79  SER A O   1 
ATOM   641  C  CB  . SER A 1 78  ? -13.56331 1.00624   -3.85299  1.000 26.10102 ? 79  SER A CB  1 
ATOM   642  O  OG  . SER A 1 78  ? -12.19601 0.83326   -3.47242  1.000 20.46935 ? 79  SER A OG  1 
ATOM   643  N  N   . GLU A 1 79  ? -13.91813 -1.88777  -3.20326  1.000 23.17502 ? 80  GLU A N   1 
ATOM   644  C  CA  . GLU A 1 79  ? -13.34056 -3.18436  -2.87847  1.000 21.56336 ? 80  GLU A CA  1 
ATOM   645  C  C   . GLU A 1 79  ? -11.85079 -3.08683  -2.57453  1.000 19.51783 ? 80  GLU A C   1 
ATOM   646  O  O   . GLU A 1 79  ? -11.29206 -4.00853  -1.97234  1.000 20.56397 ? 80  GLU A O   1 
ATOM   647  C  CB  . GLU A 1 79  ? -13.56763 -4.16620  -4.02881  1.000 29.13394 ? 80  GLU A CB  1 
ATOM   648  C  CG  . GLU A 1 79  ? -15.02819 -4.63970  -4.14828  1.000 37.53803 ? 80  GLU A CG  1 
ATOM   649  C  CD  . GLU A 1 79  ? -15.29686 -5.40666  -5.42837  0.377 38.37295 ? 80  GLU A CD  1 
ATOM   650  O  OE1 . GLU A 1 79  ? -16.02238 -4.87921  -6.29737  0.788 47.56660 ? 80  GLU A OE1 1 
ATOM   651  O  OE2 . GLU A 1 79  ? -14.77259 -6.53066  -5.57143  0.544 44.26329 ? 80  GLU A OE2 1 
ATOM   652  N  N   . ALA A 1 80  ? -11.19708 -1.99793  -2.97600  1.000 19.60477 ? 81  ALA A N   1 
ATOM   653  C  CA  . ALA A 1 80  ? -9.76921  -1.86068  -2.68332  1.000 17.02769 ? 81  ALA A CA  1 
ATOM   654  C  C   . ALA A 1 80  ? -9.51354  -1.69335  -1.19002  1.000 19.52818 ? 81  ALA A C   1 
ATOM   655  O  O   . ALA A 1 80  ? -8.42969  -2.04579  -0.70574  1.000 20.43072 ? 81  ALA A O   1 
ATOM   656  C  CB  . ALA A 1 80  ? -9.18634  -0.67839  -3.46066  1.000 19.69563 ? 81  ALA A CB  1 
ATOM   657  N  N   . ALA A 1 81  ? -10.48223 -1.15326  -0.44575  1.000 18.57663 ? 82  ALA A N   1 
ATOM   658  C  CA  . ALA A 1 81  ? -10.31972 -1.01793  0.99858   1.000 19.31280 ? 82  ALA A CA  1 
ATOM   659  C  C   . ALA A 1 81  ? -10.11262 -2.37620  1.65706   1.000 23.84630 ? 82  ALA A C   1 
ATOM   660  O  O   . ALA A 1 81  ? -9.12399  -2.58302  2.37072   1.000 19.73231 ? 82  ALA A O   1 
ATOM   661  C  CB  . ALA A 1 81  ? -11.52722 -0.29454  1.60446   1.000 23.02560 ? 82  ALA A CB  1 
ATOM   662  N  N   . LYS A 1 82  ? -11.02116 -3.33066  1.41328   1.000 19.88452 ? 83  LYS A N   1 
ATOM   663  C  CA  . LYS A 1 82  ? -10.90150 -4.62375  2.09130   1.000 21.56415 ? 83  LYS A CA  1 
ATOM   664  C  C   . LYS A 1 82  ? -9.68035  -5.39862  1.61354   1.000 22.53523 ? 83  LYS A C   1 
ATOM   665  O  O   . LYS A 1 82  ? -9.00431  -6.06655  2.40841   1.000 25.51195 ? 83  LYS A O   1 
ATOM   666  C  CB  . LYS A 1 82  ? -12.16383 -5.46238  1.88919   1.000 25.62034 ? 83  LYS A CB  1 
ATOM   667  C  CG  . LYS A 1 82  ? -12.16945 -6.71169  2.76358   1.000 33.88130 ? 83  LYS A CG  1 
ATOM   668  C  CD  . LYS A 1 82  ? -13.50204 -7.44986  2.71837   1.000 41.43441 ? 83  LYS A CD  1 
ATOM   669  C  CE  . LYS A 1 82  ? -13.73654 -8.20714  4.01740   1.000 42.75370 ? 83  LYS A CE  1 
ATOM   670  N  NZ  . LYS A 1 82  ? -14.51542 -7.40201  5.00375   1.000 53.80030 ? 83  LYS A NZ  1 
ATOM   671  N  N   . GLN A 1 83  ? -9.37810  -5.32703  0.32201   1.000 21.56824 ? 84  GLN A N   1 
ATOM   672  C  CA  . GLN A 1 83  ? -8.19282  -6.02268  -0.16743  1.000 22.00683 ? 84  GLN A CA  1 
ATOM   673  C  C   . GLN A 1 83  ? -6.91683  -5.38924  0.38503   1.000 20.89081 ? 84  GLN A C   1 
ATOM   674  O  O   . GLN A 1 83  ? -5.94964  -6.09334  0.69992   1.000 19.97231 ? 84  GLN A O   1 
ATOM   675  C  CB  . GLN A 1 83  ? -8.19835  -6.03588  -1.69559  1.000 21.07069 ? 84  GLN A CB  1 
ATOM   676  C  CG  . GLN A 1 83  ? -7.36000  -7.15601  -2.29244  1.000 24.63305 ? 84  GLN A CG  1 
ATOM   677  C  CD  . GLN A 1 83  ? -5.93613  -6.72855  -2.48329  1.000 32.07934 ? 84  GLN A CD  1 
ATOM   678  O  OE1 . GLN A 1 83  ? -5.63441  -5.53356  -2.46392  1.000 28.72965 ? 84  GLN A OE1 1 
ATOM   679  N  NE2 . GLN A 1 83  ? -5.03593  -7.69768  -2.65437  1.000 23.61801 ? 84  GLN A NE2 1 
ATOM   680  N  N   . GLY A 1 84  ? -6.89936  -4.06599  0.54161   1.000 19.75533 ? 85  GLY A N   1 
ATOM   681  C  CA  . GLY A 1 84  ? -5.75789  -3.43041  1.18102   1.000 20.94295 ? 85  GLY A CA  1 
ATOM   682  C  C   . GLY A 1 84  ? -5.63171  -3.74705  2.65962   1.000 21.33790 ? 85  GLY A C   1 
ATOM   683  O  O   . GLY A 1 84  ? -4.51261  -3.79725  3.18504   1.000 17.76084 ? 85  GLY A O   1 
ATOM   684  N  N   . ASP A 1 85  ? -6.76680  -3.91369  3.36044   1.000 16.85553 ? 86  ASP A N   1 
ATOM   685  C  CA  . ASP A 1 85  ? -6.72790  -4.42194  4.73313   1.000 17.15258 ? 86  ASP A CA  1 
ATOM   686  C  C   . ASP A 1 85  ? -6.02352  -5.77043  4.80131   1.000 21.23473 ? 86  ASP A C   1 
ATOM   687  O  O   . ASP A 1 85  ? -5.28378  -6.04355  5.75527   1.000 18.49150 ? 86  ASP A O   1 
ATOM   688  C  CB  . ASP A 1 85  ? -8.13843  -4.57007  5.31392   1.000 16.51273 ? 86  ASP A CB  1 
ATOM   689  C  CG  . ASP A 1 85  ? -8.90489  -3.25571  5.38880   1.000 24.45051 ? 86  ASP A CG  1 
ATOM   690  O  OD1 . ASP A 1 85  ? -8.27328  -2.17556  5.38376   1.000 18.48893 ? 86  ASP A OD1 1 
ATOM   691  O  OD2 . ASP A 1 85  ? -10.16187 -3.31574  5.44828   1.000 22.48525 ? 86  ASP A OD2 1 
ATOM   692  N  N   . GLN A 1 86  ? -6.27680  -6.64555  3.82060   1.000 17.56676 ? 87  GLN A N   1 
ATOM   693  C  CA  . GLN A 1 86  ? -5.60289  -7.94110  3.79696   1.000 23.20045 ? 87  GLN A CA  1 
ATOM   694  C  C   . GLN A 1 86  ? -4.09863  -7.76427  3.64071   1.000 23.01923 ? 87  GLN A C   1 
ATOM   695  O  O   . GLN A 1 86  ? -3.31174  -8.42612  4.32978   1.000 20.34359 ? 87  GLN A O   1 
ATOM   696  C  CB  . GLN A 1 86  ? -6.16176  -8.81937  2.66979   1.000 22.82650 ? 87  GLN A CB  1 
ATOM   697  C  CG  . GLN A 1 86  ? -5.31416  -10.05696 2.37136   1.000 28.74192 ? 87  GLN A CG  1 
ATOM   698  C  CD  . GLN A 1 86  ? -5.72610  -10.80124 1.10033   0.398 24.92695 ? 87  GLN A CD  1 
ATOM   699  O  OE1 . GLN A 1 86  ? -6.15709  -10.19870 0.11906   1.000 37.99971 ? 87  GLN A OE1 1 
ATOM   700  N  NE2 . GLN A 1 86  ? -5.57492  -12.12023 1.11567   0.626 38.62669 ? 87  GLN A NE2 1 
ATOM   701  N  N   . PHE A 1 87  ? -3.67812  -6.85933  2.75063   1.000 18.28622 ? 88  PHE A N   1 
ATOM   702  C  CA  . PHE A 1 87  ? -2.24993  -6.61983  2.58179   1.000 19.47642 ? 88  PHE A CA  1 
ATOM   703  C  C   . PHE A 1 87  ? -1.62995  -6.05272  3.85471   1.000 22.11333 ? 88  PHE A C   1 
ATOM   704  O  O   . PHE A 1 87  ? -0.53656  -6.47321  4.26319   1.000 17.75641 ? 88  PHE A O   1 
ATOM   705  C  CB  . PHE A 1 87  ? -1.99349  -5.68133  1.39640   1.000 17.73421 ? 88  PHE A CB  1 
ATOM   706  C  CG  . PHE A 1 87  ? -0.53169  -5.40255  1.16949   1.000 18.82314 ? 88  PHE A CG  1 
ATOM   707  C  CD1 . PHE A 1 87  ? 0.22277   -6.22923  0.35574   1.000 28.16321 ? 88  PHE A CD1 1 
ATOM   708  C  CD2 . PHE A 1 87  ? 0.09714   -4.34245  1.80950   1.000 21.90154 ? 88  PHE A CD2 1 
ATOM   709  C  CE1 . PHE A 1 87  ? 1.58267   -5.99388  0.17230   1.000 31.17648 ? 88  PHE A CE1 1 
ATOM   710  C  CE2 . PHE A 1 87  ? 1.44763   -4.09728  1.62899   1.000 22.55122 ? 88  PHE A CE2 1 
ATOM   711  C  CZ  . PHE A 1 87  ? 2.19251   -4.92388  0.81225   1.000 31.81999 ? 88  PHE A CZ  1 
ATOM   712  N  N   . VAL A 1 88  ? -2.29588  -5.07998  4.48467   1.000 17.05339 ? 89  VAL A N   1 
ATOM   713  C  CA  . VAL A 1 88  ? -1.73487  -4.47041  5.69172   1.000 17.03565 ? 89  VAL A CA  1 
ATOM   714  C  C   . VAL A 1 88  ? -1.58285  -5.50692  6.80210   1.000 14.56228 ? 89  VAL A C   1 
ATOM   715  O  O   . VAL A 1 88  ? -0.56055  -5.54185  7.50023   1.000 16.76169 ? 89  VAL A O   1 
ATOM   716  C  CB  . VAL A 1 88  ? -2.59994  -3.27334  6.14078   1.000 17.37356 ? 89  VAL A CB  1 
ATOM   717  C  CG1 . VAL A 1 88  ? -2.22530  -2.84673  7.55345   1.000 21.73552 ? 89  VAL A CG1 1 
ATOM   718  C  CG2 . VAL A 1 88  ? -2.41725  -2.10637  5.18146   1.000 20.83921 ? 89  VAL A CG2 1 
ATOM   719  N  N   . GLN A 1 89  ? -2.58524  -6.37526  6.98215   1.000 16.81372 ? 90  GLN A N   1 
ATOM   720  C  CA  . GLN A 1 89  ? -2.48388  -7.39777  8.02371   1.000 17.63735 ? 90  GLN A CA  1 
ATOM   721  C  C   . GLN A 1 89  ? -1.30722  -8.33827  7.75683   1.000 16.43375 ? 90  GLN A C   1 
ATOM   722  O  O   . GLN A 1 89  ? -0.50680  -8.63609  8.65777   1.000 14.80319 ? 90  GLN A O   1 
ATOM   723  C  CB  . GLN A 1 89  ? -3.79959  -8.17843  8.12818   1.000 18.78387 ? 90  GLN A CB  1 
ATOM   724  C  CG  . GLN A 1 89  ? -3.67804  -9.44248  8.97470   1.000 21.31347 ? 90  GLN A CG  1 
ATOM   725  C  CD  . GLN A 1 89  ? -5.01764  -10.08100 9.29805   1.000 29.16832 ? 90  GLN A CD  1 
ATOM   726  O  OE1 . GLN A 1 89  ? -6.05545  -9.67077  8.78292   1.000 31.07963 ? 90  GLN A OE1 1 
ATOM   727  N  NE2 . GLN A 1 89  ? -4.99438  -11.10590 10.14667  1.000 31.26874 ? 90  GLN A NE2 1 
ATOM   728  N  N   . LEU A 1 90  ? -1.17236  -8.80567  6.51406   1.000 15.58906 ? 91  LEU A N   1 
ATOM   729  C  CA  . LEU A 1 90  ? -0.04383  -9.67700  6.18569   1.000 17.08829 ? 91  LEU A CA  1 
ATOM   730  C  C   . LEU A 1 90  ? 1.29060   -8.94536  6.32012   1.000 18.07640 ? 91  LEU A C   1 
ATOM   731  O  O   . LEU A 1 90  ? 2.30048   -9.53529  6.75134   1.000 18.15070 ? 91  LEU A O   1 
ATOM   732  C  CB  . LEU A 1 90  ? -0.21113  -10.22920 4.77239   1.000 17.55203 ? 91  LEU A CB  1 
ATOM   733  C  CG  . LEU A 1 90  ? 0.54912   -11.52625 4.47056   1.000 33.81520 ? 91  LEU A CG  1 
ATOM   734  C  CD1 . LEU A 1 90  ? 0.06637   -12.68475 5.33363   1.000 34.52561 ? 91  LEU A CD1 1 
ATOM   735  C  CD2 . LEU A 1 90  ? 0.41853   -11.85540 2.98949   1.000 42.60985 ? 91  LEU A CD2 1 
ATOM   736  N  N   . PHE A 1 91  ? 1.32738   -7.66524  5.93687   1.000 15.11175 ? 92  PHE A N   1 
ATOM   737  C  CA  . PHE A 1 91  ? 2.57327   -6.90788  6.02705   1.000 16.50280 ? 92  PHE A CA  1 
ATOM   738  C  C   . PHE A 1 91  ? 2.98624   -6.69133  7.48188   1.000 17.76928 ? 92  PHE A C   1 
ATOM   739  O  O   . PHE A 1 91  ? 4.18559   -6.68894  7.79969   1.000 17.72761 ? 92  PHE A O   1 
ATOM   740  C  CB  . PHE A 1 91  ? 2.42036   -5.57055  5.29674   1.000 19.10168 ? 92  PHE A CB  1 
ATOM   741  C  CG  . PHE A 1 91  ? 3.66606   -4.72376  5.28855   1.000 22.19203 ? 92  PHE A CG  1 
ATOM   742  C  CD1 . PHE A 1 91  ? 3.61235   -3.40001  5.68352   1.000 27.71455 ? 92  PHE A CD1 1 
ATOM   743  C  CD2 . PHE A 1 91  ? 4.87632   -5.23075  4.84520   1.000 26.36818 ? 92  PHE A CD2 1 
ATOM   744  C  CE1 . PHE A 1 91  ? 4.74349   -2.60730  5.66941   1.000 38.94658 ? 92  PHE A CE1 1 
ATOM   745  C  CE2 . PHE A 1 91  ? 6.01253   -4.43758  4.82931   1.000 27.87290 ? 92  PHE A CE2 1 
ATOM   746  C  CZ  . PHE A 1 91  ? 5.94990   -3.12976  5.24664   1.000 25.38189 ? 92  PHE A CZ  1 
ATOM   747  N  N   . GLN A 1 92  ? 2.01463   -6.48353  8.38360   1.000 14.53796 ? 93  GLN A N   1 
ATOM   748  C  CA  . GLN A 1 92  ? 2.37104   -6.37083  9.79577   1.000 17.74230 ? 93  GLN A CA  1 
ATOM   749  C  C   . GLN A 1 92  ? 2.89259   -7.69514  10.34921  1.000 16.04549 ? 93  GLN A C   1 
ATOM   750  O  O   . GLN A 1 92  ? 3.82491   -7.70101  11.16528  1.000 16.33572 ? 93  GLN A O   1 
ATOM   751  C  CB  . GLN A 1 92  ? 1.18616   -5.86952  10.62264  1.000 18.87830 ? 93  GLN A CB  1 
ATOM   752  C  CG  . GLN A 1 92  ? 0.93641   -4.37306  10.43073  1.000 14.00413 ? 93  GLN A CG  1 
ATOM   753  C  CD  . GLN A 1 92  ? -0.35489  -3.91019  11.04819  1.000 20.44724 ? 93  GLN A CD  1 
ATOM   754  O  OE1 . GLN A 1 92  ? -1.11109  -4.70935  11.59111  1.000 22.73632 ? 93  GLN A OE1 1 
ATOM   755  N  NE2 . GLN A 1 92  ? -0.61324  -2.60885  10.97419  1.000 22.62476 ? 93  GLN A NE2 1 
ATOM   756  N  N   . ARG A 1 93  ? 2.31740   -8.82793  9.92576   1.000 15.71305 ? 94  ARG A N   1 
ATOM   757  C  CA  . ARG A 1 93  ? 2.87109   -10.12384 10.33814  1.000 18.78178 ? 94  ARG A CA  1 
ATOM   758  C  C   . ARG A 1 93  ? 4.29765   -10.30144 9.83009   1.000 17.81376 ? 94  ARG A C   1 
ATOM   759  O  O   . ARG A 1 93  ? 5.15411   -10.86685 10.52729  1.000 19.23878 ? 94  ARG A O   1 
ATOM   760  C  CB  . ARG A 1 93  ? 1.99809   -11.28140 9.83268   1.000 19.66434 ? 94  ARG A CB  1 
ATOM   761  C  CG  . ARG A 1 93  ? 0.57476   -11.35916 10.42391  1.000 25.06366 ? 94  ARG A CG  1 
ATOM   762  C  CD  . ARG A 1 93  ? 0.54731   -11.40619 11.95620  0.677 21.03503 ? 94  ARG A CD  1 
ATOM   763  N  NE  . ARG A 1 93  ? 0.43814   -10.06054 12.50909  0.642 20.28230 ? 94  ARG A NE  1 
ATOM   764  C  CZ  . ARG A 1 93  ? -0.68748  -9.35891  12.52259  0.439 21.46497 ? 94  ARG A CZ  1 
ATOM   765  N  NH1 . ARG A 1 93  ? -0.69971  -8.13119  13.02241  0.652 20.95272 ? 94  ARG A NH1 1 
ATOM   766  N  NH2 . ARG A 1 93  ? -1.80293  -9.89412  12.03897  1.000 27.13864 ? 94  ARG A NH2 1 
ATOM   767  N  N   . PHE A 1 94  ? 4.56287   -9.83718  8.60688   1.000 15.16605 ? 95  PHE A N   1 
ATOM   768  C  CA  . PHE A 1 94  ? 5.90509   -9.89719  8.03120   1.000 18.58140 ? 95  PHE A CA  1 
ATOM   769  C  C   . PHE A 1 94  ? 6.89872   -9.11370  8.88460   1.000 18.17132 ? 95  PHE A C   1 
ATOM   770  O  O   . PHE A 1 94  ? 7.98212   -9.61206  9.23399   1.000 17.56758 ? 95  PHE A O   1 
ATOM   771  C  CB  . PHE A 1 94  ? 5.83183   -9.34593  6.60069   1.000 16.13949 ? 95  PHE A CB  1 
ATOM   772  C  CG  . PHE A 1 94  ? 7.14436   -9.33364  5.86299   1.000 19.72255 ? 95  PHE A CG  1 
ATOM   773  C  CD1 . PHE A 1 94  ? 7.82325   -8.14153  5.66796   1.000 22.31789 ? 95  PHE A CD1 1 
ATOM   774  C  CD2 . PHE A 1 94  ? 7.65919   -10.49399 5.30864   1.000 19.93504 ? 95  PHE A CD2 1 
ATOM   775  C  CE1 . PHE A 1 94  ? 9.02835   -8.11066  4.96667   1.000 24.17761 ? 95  PHE A CE1 1 
ATOM   776  C  CE2 . PHE A 1 94  ? 8.87758   -10.47958 4.60248   1.000 21.67476 ? 95  PHE A CE2 1 
ATOM   777  C  CZ  . PHE A 1 94  ? 9.55627   -9.29121  4.43260   1.000 23.00262 ? 95  PHE A CZ  1 
ATOM   778  N  N   . ARG A 1 95  ? 6.53718   -7.87951  9.24095   1.000 16.05931 ? 96  ARG A N   1 
ATOM   779  C  CA  . ARG A 1 95  ? 7.38969   -7.06538  10.09804  1.000 19.25524 ? 96  ARG A CA  1 
ATOM   780  C  C   . ARG A 1 95  ? 7.57323   -7.71286  11.46912  1.000 17.76260 ? 96  ARG A C   1 
ATOM   781  O  O   . ARG A 1 95  ? 8.67120   -7.67949  12.03553  1.000 16.04474 ? 96  ARG A O   1 
ATOM   782  C  CB  . ARG A 1 95  ? 6.79535   -5.65522  10.21445  1.000 18.27881 ? 96  ARG A CB  1 
ATOM   783  C  CG  . ARG A 1 95  ? 7.03656   -4.95227  11.53521  1.000 25.99039 ? 96  ARG A CG  1 
ATOM   784  C  CD  . ARG A 1 95  ? 8.51152   -4.57418  11.76392  1.000 19.91300 ? 96  ARG A CD  1 
ATOM   785  N  NE  . ARG A 1 95  ? 8.92712   -3.32414  11.12374  1.000 18.89810 ? 96  ARG A NE  1 
ATOM   786  C  CZ  . ARG A 1 95  ? 10.17584  -2.86837  11.16083  1.000 24.80712 ? 96  ARG A CZ  1 
ATOM   787  N  NH1 . ARG A 1 95  ? 11.10899  -3.55794  11.81755  1.000 21.28030 ? 96  ARG A NH1 1 
ATOM   788  N  NH2 . ARG A 1 95  ? 10.50339  -1.73169  10.55214  1.000 20.85423 ? 96  ARG A NH2 1 
ATOM   789  N  N   . GLU A 1 96  ? 6.51455   -8.32245  12.01506  1.000 13.96318 ? 97  GLU A N   1 
ATOM   790  C  CA  A GLU A 1 96  ? 6.65584   -8.95042  13.32109  0.560 15.94628 ? 97  GLU A CA  1 
ATOM   791  C  CA  B GLU A 1 96  ? 6.61326   -8.98495  13.31762  0.440 15.96903 ? 97  GLU A CA  1 
ATOM   792  C  C   . GLU A 1 96  ? 7.55697   -10.18168 13.25156  1.000 16.46174 ? 97  GLU A C   1 
ATOM   793  O  O   . GLU A 1 96  ? 8.36791   -10.41026 14.16384  1.000 16.29897 ? 97  GLU A O   1 
ATOM   794  C  CB  A GLU A 1 96  ? 5.27192   -9.25922  13.87925  0.560 16.14638 ? 97  GLU A CB  1 
ATOM   795  C  CB  B GLU A 1 96  ? 5.21788   -9.41533  13.79102  0.440 16.12176 ? 97  GLU A CB  1 
ATOM   796  C  CG  A GLU A 1 96  ? 4.50999   -7.95604  14.05189  0.560 20.86233 ? 97  GLU A CG  1 
ATOM   797  C  CG  B GLU A 1 96  ? 5.19395   -10.47777 14.89186  0.440 12.66437 ? 97  GLU A CG  1 
ATOM   798  C  CD  A GLU A 1 96  ? 3.01577   -8.09871  14.07434  0.560 23.03849 ? 97  GLU A CD  1 
ATOM   799  C  CD  B GLU A 1 96  ? 3.85422   -11.21789 14.98539  0.440 24.31835 ? 97  GLU A CD  1 
ATOM   800  O  OE1 A GLU A 1 96  ? 2.33605   -7.06343  13.88515  0.560 14.97172 ? 97  GLU A OE1 1 
ATOM   801  O  OE1 B GLU A 1 96  ? 3.07520   -11.18814 14.01939  0.440 22.66083 ? 97  GLU A OE1 1 
ATOM   802  O  OE2 A GLU A 1 96  ? 2.53118   -9.23049  14.28697  0.560 24.70679 ? 97  GLU A OE2 1 
ATOM   803  O  OE2 B GLU A 1 96  ? 3.58334   -11.84181 16.02541  0.440 26.48910 ? 97  GLU A OE2 1 
ATOM   804  N  N   . ALA A 1 97  ? 7.48091   -10.95196 12.16410  1.000 17.05143 ? 98  ALA A N   1 
ATOM   805  C  CA  . ALA A 1 97  ? 8.42025   -12.05933 11.97724  1.000 16.27803 ? 98  ALA A CA  1 
ATOM   806  C  C   . ALA A 1 97  ? 9.86705   -11.56712 11.92320  1.000 20.61204 ? 98  ALA A C   1 
ATOM   807  O  O   . ALA A 1 97  ? 10.76064  -12.19201 12.50489  1.000 18.00158 ? 98  ALA A O   1 
ATOM   808  C  CB  . ALA A 1 97  ? 8.08474   -12.83188 10.70396  1.000 17.59454 ? 98  ALA A CB  1 
ATOM   809  N  N   . TRP A 1 98  ? 10.12585  -10.47200 11.19732  1.000 15.16567 ? 99  TRP A N   1 
ATOM   810  C  CA  . TRP A 1 98  ? 11.47105  -9.89974  11.17432  1.000 17.93455 ? 99  TRP A CA  1 
ATOM   811  C  C   . TRP A 1 98  ? 11.91166  -9.46550  12.57296  1.000 19.27516 ? 99  TRP A C   1 
ATOM   812  O  O   . TRP A 1 98  ? 13.04148  -9.74813  12.98496  1.000 17.35491 ? 99  TRP A O   1 
ATOM   813  C  CB  . TRP A 1 98  ? 11.52089  -8.72598  10.18447  1.000 17.66354 ? 99  TRP A CB  1 
ATOM   814  C  CG  . TRP A 1 98  ? 12.79855  -7.91318  10.21038  1.000 15.46790 ? 99  TRP A CG  1 
ATOM   815  C  CD1 . TRP A 1 98  ? 12.91397  -6.58978  10.52799  1.000 15.63761 ? 99  TRP A CD1 1 
ATOM   816  C  CD2 . TRP A 1 98  ? 14.13439  -8.36701  9.90592   1.000 15.79330 ? 99  TRP A CD2 1 
ATOM   817  N  NE1 . TRP A 1 98  ? 14.22365  -6.18762  10.44092  1.000 18.17276 ? 99  TRP A NE1 1 
ATOM   818  C  CE2 . TRP A 1 98  ? 14.99690  -7.25761  10.06018  1.000 20.76718 ? 99  TRP A CE2 1 
ATOM   819  C  CE3 . TRP A 1 98  ? 14.67698  -9.59294  9.51740   1.000 16.25848 ? 99  TRP A CE3 1 
ATOM   820  C  CZ2 . TRP A 1 98  ? 16.37880  -7.34064  9.84419   1.000 22.70641 ? 99  TRP A CZ2 1 
ATOM   821  C  CZ3 . TRP A 1 98  ? 16.06926  -9.67543  9.29776   1.000 17.04627 ? 99  TRP A CZ3 1 
ATOM   822  C  CH2 . TRP A 1 98  ? 16.89416  -8.55267  9.46492   1.000 20.30593 ? 99  TRP A CH2 1 
ATOM   823  N  N   . ASP A 1 99  ? 11.02999  -8.78844  13.32537  1.000 16.36425 ? 100 ASP A N   1 
ATOM   824  C  CA  . ASP A 1 99  ? 11.38134  -8.35231  14.67939  1.000 15.17100 ? 100 ASP A CA  1 
ATOM   825  C  C   . ASP A 1 99  ? 11.77559  -9.52869  15.56284  1.000 20.48241 ? 100 ASP A C   1 
ATOM   826  O  O   . ASP A 1 99  ? 12.68603  -9.41815  16.39485  1.000 16.83296 ? 100 ASP A O   1 
ATOM   827  C  CB  . ASP A 1 99  ? 10.21647  -7.59896  15.33268  1.000 12.62789 ? 100 ASP A CB  1 
ATOM   828  C  CG  . ASP A 1 99  ? 9.92330   -6.26255  14.67649  1.000 17.78602 ? 100 ASP A CG  1 
ATOM   829  O  OD1 . ASP A 1 99  ? 8.82925   -5.69755  14.96592  1.000 22.06174 ? 100 ASP A OD1 1 
ATOM   830  O  OD2 . ASP A 1 99  ? 10.75761  -5.76865  13.89337  1.000 18.50861 ? 100 ASP A OD2 1 
ATOM   831  N  N   . LYS A 1 100 ? 11.09715  -10.66097 15.40059  1.000 17.86758 ? 101 LYS A N   1 
ATOM   832  C  CA  . LYS A 1 100 ? 11.31527  -11.81626 16.25722  1.000 17.26473 ? 101 LYS A CA  1 
ATOM   833  C  C   . LYS A 1 100 ? 12.43194  -12.72809 15.76108  1.000 20.03923 ? 101 LYS A C   1 
ATOM   834  O  O   . LYS A 1 100 ? 12.84164  -13.63005 16.50005  1.000 20.78798 ? 101 LYS A O   1 
ATOM   835  C  CB  . LYS A 1 100 ? 9.99860   -12.60314 16.39776  1.000 21.12036 ? 101 LYS A CB  1 
ATOM   836  C  CG  . LYS A 1 100 ? 8.98563   -11.89413 17.27763  1.000 22.36288 ? 101 LYS A CG  1 
ATOM   837  C  CD  . LYS A 1 100 ? 7.74533   -12.75551 17.58265  1.000 30.86397 ? 101 LYS A CD  1 
ATOM   838  C  CE  . LYS A 1 100 ? 6.69512   -11.91826 18.29346  1.000 31.24250 ? 101 LYS A CE  1 
ATOM   839  N  NZ  . LYS A 1 100 ? 5.45746   -12.69047 18.65949  1.000 36.39314 ? 101 LYS A NZ  1 
ATOM   840  N  N   . GLY A 1 101 ? 12.95301  -12.49482 14.55710  1.000 15.81589 ? 102 GLY A N   1 
ATOM   841  C  CA  . GLY A 1 101 ? 13.96155  -13.37025 13.98834  1.000 19.59564 ? 102 GLY A CA  1 
ATOM   842  C  C   . GLY A 1 101 ? 13.41123  -14.67061 13.44706  1.000 29.36703 ? 102 GLY A C   1 
ATOM   843  O  O   . GLY A 1 101 ? 14.13720  -15.66114 13.38018  1.000 23.01513 ? 102 GLY A O   1 
ATOM   844  N  N   . ASP A 1 102 ? 12.13449  -14.70016 13.05734  1.000 21.02923 ? 103 ASP A N   1 
ATOM   845  C  CA  . ASP A 1 102 ? 11.51154  -15.91419 12.52605  1.000 22.69085 ? 103 ASP A CA  1 
ATOM   846  C  C   . ASP A 1 102 ? 11.64131  -15.88241 11.00522  1.000 29.02024 ? 103 ASP A C   1 
ATOM   847  O  O   . ASP A 1 102 ? 10.73808  -15.45983 10.27374  1.000 27.69462 ? 103 ASP A O   1 
ATOM   848  C  CB  . ASP A 1 102 ? 10.05474  -16.00568 12.97712  1.000 27.73113 ? 103 ASP A CB  1 
ATOM   849  C  CG  . ASP A 1 102 ? 9.39624   -17.32896 12.60007  0.239 31.01751 ? 103 ASP A CG  1 
ATOM   850  O  OD1 . ASP A 1 102 ? 8.25564   -17.56621 13.04979  0.651 40.97275 ? 103 ASP A OD1 1 
ATOM   851  O  OD2 . ASP A 1 102 ? 10.00490  -18.13318 11.86266  0.717 38.84391 ? 103 ASP A OD2 1 
ATOM   852  N  N   . LYS A 1 103 ? 12.80165  -16.32893 10.52313  1.000 28.09151 ? 104 LYS A N   1 
ATOM   853  C  CA  . LYS A 1 103 ? 13.05381  -16.30947 9.08776   1.000 26.53162 ? 104 LYS A CA  1 
ATOM   854  C  C   . LYS A 1 103 ? 12.18248  -17.31337 8.34477   1.000 37.33088 ? 104 LYS A C   1 
ATOM   855  O  O   . LYS A 1 103 ? 11.91175  -17.11073 7.15754   1.000 33.98610 ? 104 LYS A O   1 
ATOM   856  C  CB  . LYS A 1 103 ? 14.53716  -16.55881 8.80297   1.000 32.21212 ? 104 LYS A CB  1 
ATOM   857  C  CG  . LYS A 1 103 ? 15.43805  -15.39833 9.22011   1.000 32.02435 ? 104 LYS A CG  1 
ATOM   858  C  CD  . LYS A 1 103 ? 16.91568  -15.78441 9.24851   1.000 26.57572 ? 104 LYS A CD  1 
ATOM   859  C  CE  . LYS A 1 103 ? 17.31412  -16.59193 8.02412   1.000 33.96374 ? 104 LYS A CE  1 
ATOM   860  N  NZ  . LYS A 1 103 ? 18.77969  -16.53492 7.75820   1.000 27.64766 ? 104 LYS A NZ  1 
ATOM   861  N  N   . ASP A 1 104 ? 11.72520  -18.37096 9.02352   1.000 38.20497 ? 105 ASP A N   1 
ATOM   862  C  CA  . ASP A 1 104 ? 10.76470  -19.30096 8.43382   1.000 40.22664 ? 105 ASP A CA  1 
ATOM   863  C  C   . ASP A 1 104 ? 9.49946   -18.57204 7.99540   1.000 34.55386 ? 105 ASP A C   1 
ATOM   864  O  O   . ASP A 1 104 ? 9.10103   -18.62770 6.82757   1.000 35.04998 ? 105 ASP A O   1 
ATOM   865  C  CB  . ASP A 1 104 ? 10.41222  -20.39299 9.44728   1.000 37.28177 ? 105 ASP A CB  1 
ATOM   866  C  CG  . ASP A 1 104 ? 11.58471  -21.28084 9.78282   0.204 42.28459 ? 105 ASP A CG  1 
ATOM   867  O  OD1 . ASP A 1 104 ? 12.67988  -21.04324 9.23761   0.764 50.85938 ? 105 ASP A OD1 1 
ATOM   868  O  OD2 . ASP A 1 104 ? 11.41911  -22.20881 10.60637  0.897 50.10555 ? 105 ASP A OD2 1 
ATOM   869  N  N   . SER A 1 105 ? 8.84327   -17.89561 8.93816   1.000 32.63887 ? 106 SER A N   1 
ATOM   870  C  CA  . SER A 1 105 ? 7.61531   -17.17208 8.62105   1.000 31.45806 ? 106 SER A CA  1 
ATOM   871  C  C   . SER A 1 105 ? 7.87406   -16.02850 7.65201   1.000 32.11754 ? 106 SER A C   1 
ATOM   872  O  O   . SER A 1 105 ? 7.02554   -15.72879 6.80322   1.000 30.14500 ? 106 SER A O   1 
ATOM   873  C  CB  . SER A 1 105 ? 6.98356   -16.64392 9.90392   1.000 37.25500 ? 106 SER A CB  1 
ATOM   874  O  OG  . SER A 1 105 ? 6.83403   -17.68311 10.85049  1.000 42.91693 ? 106 SER A OG  1 
ATOM   875  N  N   . LEU A 1 106 ? 9.03959   -15.38942 7.76100   1.000 29.19097 ? 107 LEU A N   1 
ATOM   876  C  CA  . LEU A 1 106 ? 9.37183   -14.24989 6.91161   1.000 28.06849 ? 107 LEU A CA  1 
ATOM   877  C  C   . LEU A 1 106 ? 9.28245   -14.61322 5.43292   1.000 32.49956 ? 107 LEU A C   1 
ATOM   878  O  O   . LEU A 1 106 ? 8.59862   -13.93714 4.65616   1.000 28.25472 ? 107 LEU A O   1 
ATOM   879  C  CB  . LEU A 1 106 ? 10.77831  -13.75029 7.25722   1.000 21.87389 ? 107 LEU A CB  1 
ATOM   880  C  CG  . LEU A 1 106 ? 11.17239  -12.30537 6.94434   1.000 28.08488 ? 107 LEU A CG  1 
ATOM   881  C  CD1 . LEU A 1 106 ? 10.29570  -11.30186 7.71151   1.000 27.86678 ? 107 LEU A CD1 1 
ATOM   882  C  CD2 . LEU A 1 106 ? 12.64726  -12.08996 7.24903   1.000 26.87472 ? 107 LEU A CD2 1 
ATOM   883  N  N   . GLU A 1 107 ? 9.96528   -15.68869 5.02451   1.000 26.80895 ? 108 GLU A N   1 
ATOM   884  C  CA  . GLU A 1 107 ? 9.98850   -16.04055 3.60717   1.000 26.57647 ? 108 GLU A CA  1 
ATOM   885  C  C   . GLU A 1 107 ? 8.62044   -16.51984 3.13172   1.000 27.77449 ? 108 GLU A C   1 
ATOM   886  O  O   . GLU A 1 107 ? 8.21237   -16.22197 2.00286   1.000 33.32399 ? 108 GLU A O   1 
ATOM   887  C  CB  . GLU A 1 107 ? 11.05055  -17.11060 3.34091   1.000 36.65507 ? 108 GLU A CB  1 
ATOM   888  C  CG  . GLU A 1 107 ? 11.08161  -17.61303 1.89738   1.000 38.24110 ? 108 GLU A CG  1 
ATOM   889  C  CD  . GLU A 1 107 ? 12.48922  -17.91200 1.40764   0.170 38.09620 ? 108 GLU A CD  1 
ATOM   890  O  OE1 . GLU A 1 107 ? 13.36490  -18.19449 2.25109   0.361 35.97598 ? 108 GLU A OE1 1 
ATOM   891  O  OE2 . GLU A 1 107 ? 12.72088  -17.87676 0.17975   0.672 46.45228 ? 108 GLU A OE2 1 
ATOM   892  N  N   . GLN A 1 108 ? 7.90083   -17.26642 3.97276   1.000 22.08212 ? 109 GLN A N   1 
ATOM   893  C  CA  . GLN A 1 108 ? 6.57606   -17.74429 3.58833   1.000 28.64633 ? 109 GLN A CA  1 
ATOM   894  C  C   . GLN A 1 108 ? 5.60983   -16.57821 3.40252   1.000 31.37330 ? 109 GLN A C   1 
ATOM   895  O  O   . GLN A 1 108 ? 4.89024   -16.50150 2.39960   1.000 32.68396 ? 109 GLN A O   1 
ATOM   896  C  CB  . GLN A 1 108 ? 6.04404   -18.72470 4.63828   1.000 27.35761 ? 109 GLN A CB  1 
ATOM   897  C  CG  . GLN A 1 108 ? 6.96191   -19.91578 4.90124   1.000 36.65711 ? 109 GLN A CG  1 
ATOM   898  C  CD  . GLN A 1 108 ? 6.32888   -20.95612 5.80853   0.230 32.53929 ? 109 GLN A CD  1 
ATOM   899  O  OE1 . GLN A 1 108 ? 5.10659   -21.11017 5.83359   1.000 47.51008 ? 109 GLN A OE1 1 
ATOM   900  N  NE2 . GLN A 1 108 ? 7.16114   -21.68058 6.55670   1.000 39.37307 ? 109 GLN A NE2 1 
ATOM   901  N  N   . ILE A 1 109 ? 5.59437   -15.65123 4.35994   1.000 24.37144 ? 110 ILE A N   1 
ATOM   902  C  CA  . ILE A 1 109 ? 4.72233   -14.48682 4.25924   1.000 27.19865 ? 110 ILE A CA  1 
ATOM   903  C  C   . ILE A 1 109 ? 5.09055   -13.64681 3.04054   1.000 24.61494 ? 110 ILE A C   1 
ATOM   904  O  O   . ILE A 1 109 ? 4.21160   -13.11432 2.34871   1.000 28.95354 ? 110 ILE A O   1 
ATOM   905  C  CB  . ILE A 1 109 ? 4.78552   -13.66355 5.55871   1.000 26.14709 ? 110 ILE A CB  1 
ATOM   906  C  CG1 . ILE A 1 109 ? 4.17346   -14.44920 6.71784   1.000 24.54851 ? 110 ILE A CG1 1 
ATOM   907  C  CG2 . ILE A 1 109 ? 4.00866   -12.34906 5.39480   1.000 24.05771 ? 110 ILE A CG2 1 
ATOM   908  C  CD1 . ILE A 1 109 ? 4.54316   -13.89900 8.09487   1.000 26.63782 ? 110 ILE A CD1 1 
ATOM   909  N  N   . LEU A 1 110 ? 6.38719   -13.52553 2.74556   1.000 28.67452 ? 111 LEU A N   1 
ATOM   910  C  CA  . LEU A 1 110 ? 6.80933   -12.71861 1.60229   1.000 23.66299 ? 111 LEU A CA  1 
ATOM   911  C  C   . LEU A 1 110 ? 6.26626   -13.27658 0.29032   1.000 34.83282 ? 111 LEU A C   1 
ATOM   912  O  O   . LEU A 1 110 ? 5.85631   -12.51275 -0.59197  1.000 28.07699 ? 111 LEU A O   1 
ATOM   913  C  CB  . LEU A 1 110 ? 8.33128   -12.62990 1.54633   1.000 26.99811 ? 111 LEU A CB  1 
ATOM   914  C  CG  . LEU A 1 110 ? 8.89964   -11.80661 0.39135   1.000 25.34549 ? 111 LEU A CG  1 
ATOM   915  C  CD1 . LEU A 1 110 ? 8.34962   -10.38715 0.42005   1.000 29.51749 ? 111 LEU A CD1 1 
ATOM   916  C  CD2 . LEU A 1 110 ? 10.41467  -11.78948 0.44795   1.000 30.90052 ? 111 LEU A CD2 1 
ATOM   917  N  N   . GLU A 1 111 ? 6.27636   -14.60284 0.12726   1.000 31.22546 ? 112 GLU A N   1 
ATOM   918  C  CA  . GLU A 1 111 ? 5.67275   -15.18115 -1.06889  1.000 32.52388 ? 112 GLU A CA  1 
ATOM   919  C  C   . GLU A 1 111 ? 4.19619   -14.81904 -1.15779  1.000 31.86411 ? 112 GLU A C   1 
ATOM   920  O  O   . GLU A 1 111 ? 3.69981   -14.46589 -2.23249  1.000 35.41125 ? 112 GLU A O   1 
ATOM   921  C  CB  . GLU A 1 111 ? 5.85874   -16.69988 -1.08431  1.000 38.67139 ? 112 GLU A CB  1 
ATOM   922  C  CG  . GLU A 1 111 ? 7.25633   -17.16473 -0.71126  1.000 41.68828 ? 112 GLU A CG  1 
ATOM   923  C  CD  . GLU A 1 111 ? 8.12885   -17.46252 -1.91246  0.000 38.89606 ? 112 GLU A CD  1 
ATOM   924  O  OE1 . GLU A 1 111 ? 8.03593   -16.72710 -2.91742  0.000 37.69438 ? 112 GLU A OE1 1 
ATOM   925  O  OE2 . GLU A 1 111 ? 8.91247   -18.43338 -1.84784  0.000 39.88390 ? 112 GLU A OE2 1 
ATOM   926  N  N   . GLU A 1 112 ? 3.48150   -14.88678 -0.03175  1.000 28.10359 ? 113 GLU A N   1 
ATOM   927  C  CA  . GLU A 1 112 ? 2.06282   -14.54190 -0.02677  1.000 29.41424 ? 113 GLU A CA  1 
ATOM   928  C  C   . GLU A 1 112 ? 1.85918   -13.04694 -0.24609  1.000 34.25878 ? 113 GLU A C   1 
ATOM   929  O  O   . GLU A 1 112 ? 0.88485   -12.63186 -0.88866  1.000 29.84100 ? 113 GLU A O   1 
ATOM   930  C  CB  . GLU A 1 112 ? 1.43366   -14.98699 1.29006   1.000 33.02204 ? 113 GLU A CB  1 
ATOM   931  C  CG  . GLU A 1 112 ? -0.07508  -14.90167 1.34127   1.000 45.52846 ? 113 GLU A CG  1 
ATOM   932  C  CD  . GLU A 1 112 ? -0.64154  -15.62377 2.54639   0.000 40.55244 ? 113 GLU A CD  1 
ATOM   933  O  OE1 . GLU A 1 112 ? -1.88237  -15.67520 2.69052   0.619 44.82777 ? 113 GLU A OE1 1 
ATOM   934  O  OE2 . GLU A 1 112 ? 0.16472   -16.13321 3.35589   0.686 46.26997 ? 113 GLU A OE2 1 
ATOM   935  N  N   . LEU A 1 113 ? 2.77014   -12.22595 0.28407   1.000 29.49207 ? 114 LEU A N   1 
ATOM   936  C  CA  . LEU A 1 113 ? 2.68944   -10.78073 0.09739   1.000 28.75347 ? 114 LEU A CA  1 
ATOM   937  C  C   . LEU A 1 113 ? 2.86737   -10.40147 -1.36606  1.000 25.44942 ? 114 LEU A C   1 
ATOM   938  O  O   . LEU A 1 113 ? 2.26225   -9.43130  -1.83050  1.000 24.22604 ? 114 LEU A O   1 
ATOM   939  C  CB  . LEU A 1 113 ? 3.75637   -10.08805 0.94539   1.000 24.15554 ? 114 LEU A CB  1 
ATOM   940  C  CG  . LEU A 1 113 ? 3.48848   -9.66943  2.39030   1.000 28.71603 ? 114 LEU A CG  1 
ATOM   941  C  CD1 . LEU A 1 113 ? 4.76710   -9.06970  2.99378   1.000 24.29118 ? 114 LEU A CD1 1 
ATOM   942  C  CD2 . LEU A 1 113 ? 2.33921   -8.68471  2.50703   1.000 26.22622 ? 114 LEU A CD2 1 
ATOM   943  N  N   . GLU A 1 114 ? 3.70031   -11.14451 -2.10019  1.000 25.00571 ? 115 GLU A N   1 
ATOM   944  C  CA  . GLU A 1 114 ? 3.90293   -10.84988 -3.51390  1.000 23.21160 ? 115 GLU A CA  1 
ATOM   945  C  C   . GLU A 1 114 ? 2.61222   -11.03010 -4.30282  1.000 23.20535 ? 115 GLU A C   1 
ATOM   946  O  O   . GLU A 1 114 ? 2.31861   -10.24305 -5.20795  1.000 27.19624 ? 115 GLU A O   1 
ATOM   947  C  CB  . GLU A 1 114 ? 5.01822   -11.73141 -4.07716  1.000 28.14583 ? 115 GLU A CB  1 
ATOM   948  C  CG  . GLU A 1 114 ? 6.35467   -11.49724 -3.39797  1.000 27.67617 ? 115 GLU A CG  1 
ATOM   949  C  CD  . GLU A 1 114 ? 7.42193   -12.50311 -3.80262  0.687 32.38031 ? 115 GLU A CD  1 
ATOM   950  O  OE1 . GLU A 1 114 ? 7.08765   -13.51169 -4.45701  0.715 35.77980 ? 115 GLU A OE1 1 
ATOM   951  O  OE2 . GLU A 1 114 ? 8.59465   -12.28677 -3.44733  0.742 33.61361 ? 115 GLU A OE2 1 
ATOM   952  N  N   . GLN A 1 115 ? 1.81837   -12.04705 -3.95967  1.000 21.11530 ? 116 GLN A N   1 
ATOM   953  C  CA  . GLN A 1 115 ? 0.55695   -12.26067 -4.65809  1.000 26.83342 ? 116 GLN A CA  1 
ATOM   954  C  C   . GLN A 1 115 ? -0.48098  -11.21302 -4.25963  1.000 28.84082 ? 116 GLN A C   1 
ATOM   955  O  O   . GLN A 1 115 ? -1.19354  -10.67773 -5.11713  1.000 26.47258 ? 116 GLN A O   1 
ATOM   956  C  CB  . GLN A 1 115 ? 0.04075   -13.67082 -4.37421  1.000 26.87627 ? 116 GLN A CB  1 
ATOM   957  C  CG  . GLN A 1 115 ? 0.88608   -14.80200 -4.98530  1.000 35.25781 ? 116 GLN A CG  1 
ATOM   958  C  CD  . GLN A 1 115 ? 0.82673   -14.86366 -6.50923  0.000 33.37154 ? 116 GLN A CD  1 
ATOM   959  O  OE1 . GLN A 1 115 ? 0.31850   -15.83123 -7.07453  0.000 36.78680 ? 116 GLN A OE1 1 
ATOM   960  N  NE2 . GLN A 1 115 ? 1.38431   -13.85767 -7.17706  0.000 32.25515 ? 116 GLN A NE2 1 
ATOM   961  N  N   . VAL A 1 116 ? -0.57588  -10.89656 -2.96607  1.000 24.91611 ? 117 VAL A N   1 
ATOM   962  C  CA  . VAL A 1 116 ? -1.55693  -9.90099  -2.53928  1.000 23.42591 ? 117 VAL A CA  1 
ATOM   963  C  C   . VAL A 1 116 ? -1.19491  -8.52044  -3.08099  1.000 25.93288 ? 117 VAL A C   1 
ATOM   964  O  O   . VAL A 1 116 ? -2.08328  -7.71667  -3.40109  1.000 21.05871 ? 117 VAL A O   1 
ATOM   965  C  CB  . VAL A 1 116 ? -1.68115  -9.91107  -1.00637  1.000 24.97321 ? 117 VAL A CB  1 
ATOM   966  C  CG1 . VAL A 1 116 ? -2.57589  -8.75919  -0.51659  1.000 19.32165 ? 117 VAL A CG1 1 
ATOM   967  C  CG2 . VAL A 1 116 ? -2.22500  -11.25699 -0.54312  1.000 25.21944 ? 117 VAL A CG2 1 
ATOM   968  N  N   . ALA A 1 117 ? 0.10258   -8.23506  -3.22862  1.000 23.26960 ? 118 ALA A N   1 
ATOM   969  C  CA  . ALA A 1 117 ? 0.53563   -6.94641  -3.76774  1.000 23.61360 ? 118 ALA A CA  1 
ATOM   970  C  C   . ALA A 1 117 ? 0.15684   -6.79270  -5.23688  1.000 25.12693 ? 118 ALA A C   1 
ATOM   971  O  O   . ALA A 1 117 ? -0.25270  -5.70774  -5.66854  1.000 22.51294 ? 118 ALA A O   1 
ATOM   972  C  CB  . ALA A 1 117 ? 2.04957   -6.78357  -3.60146  1.000 21.86223 ? 118 ALA A CB  1 
ATOM   973  N  N   . GLN A 1 118 ? 0.32646   -7.85093  -6.03235  1.000 22.64888 ? 119 GLN A N   1 
ATOM   974  C  CA  . GLN A 1 118 ? -0.01361  -7.75218  -7.44638  1.000 26.08419 ? 119 GLN A CA  1 
ATOM   975  C  C   . GLN A 1 118 ? -1.51486  -7.52945  -7.63217  1.000 23.07438 ? 119 GLN A C   1 
ATOM   976  O  O   . GLN A 1 118 ? -1.93284  -6.77999  -8.52265  1.000 21.56336 ? 119 GLN A O   1 
ATOM   977  C  CB  . GLN A 1 118 ? 0.45424   -9.00758  -8.18156  1.000 27.45482 ? 119 GLN A CB  1 
ATOM   978  C  CG  . GLN A 1 118 ? 0.03436   -9.06647  -9.63476  1.000 34.99198 ? 119 GLN A CG  1 
ATOM   979  C  CD  . GLN A 1 118 ? 1.02938   -8.39162  -10.55015 0.572 33.03618 ? 119 GLN A CD  1 
ATOM   980  O  OE1 . GLN A 1 118 ? 2.12083   -8.00965  -10.12542 0.448 37.13606 ? 119 GLN A OE1 1 
ATOM   981  N  NE2 . GLN A 1 118 ? 0.65641   -8.23276  -11.81476 0.570 37.93140 ? 119 GLN A NE2 1 
ATOM   982  N  N   . LYS A 1 119 ? -2.33572  -8.16153  -6.78764  1.000 20.84443 ? 120 LYS A N   1 
ATOM   983  C  CA  . LYS A 1 119 ? -3.77810  -7.94477  -6.84125  1.000 21.73429 ? 120 LYS A CA  1 
ATOM   984  C  C   . LYS A 1 119 ? -4.13574  -6.51557  -6.44984  1.000 24.35155 ? 120 LYS A C   1 
ATOM   985  O  O   . LYS A 1 119 ? -5.04330  -5.91163  -7.03795  1.000 22.97420 ? 120 LYS A O   1 
ATOM   986  C  CB  . LYS A 1 119 ? -4.48708  -8.95040  -5.93346  1.000 20.13675 ? 120 LYS A CB  1 
ATOM   987  C  CG  . LYS A 1 119 ? -6.02634  -8.88203  -6.00031  1.000 26.27898 ? 120 LYS A CG  1 
ATOM   988  C  CD  . LYS A 1 119 ? -6.57010  -9.62942  -7.21747  0.658 29.44703 ? 120 LYS A CD  1 
ATOM   989  C  CE  . LYS A 1 119 ? -7.90053  -9.04431  -7.69544  0.664 45.63666 ? 120 LYS A CE  1 
ATOM   990  N  NZ  . LYS A 1 119 ? -7.94220  -8.83872  -9.17600  0.996 54.94719 ? 120 LYS A NZ  1 
ATOM   991  N  N   . ALA A 1 120 ? -3.43497  -5.95650  -5.45833  1.000 20.29485 ? 121 ALA A N   1 
ATOM   992  C  CA  . ALA A 1 120 ? -3.71908  -4.58748  -5.03365  1.000 21.94048 ? 121 ALA A CA  1 
ATOM   993  C  C   . ALA A 1 120 ? -3.40043  -3.59010  -6.14054  1.000 26.28283 ? 121 ALA A C   1 
ATOM   994  O  O   . ALA A 1 120 ? -4.13126  -2.61370  -6.33286  1.000 22.45613 ? 121 ALA A O   1 
ATOM   995  C  CB  . ALA A 1 120 ? -2.92597  -4.25344  -3.76475  1.000 19.38429 ? 121 ALA A CB  1 
ATOM   996  N  N   . VAL A 1 121 ? -2.30029  -3.81168  -6.86951  1.000 18.07948 ? 122 VAL A N   1 
ATOM   997  C  CA  . VAL A 1 121 ? -1.97427  -2.95390  -8.00747  1.000 18.33606 ? 122 VAL A CA  1 
ATOM   998  C  C   . VAL A 1 121 ? -3.08784  -3.00341  -9.04826  1.000 20.06925 ? 122 VAL A C   1 
ATOM   999  O  O   . VAL A 1 121 ? -3.57704  -1.96684  -9.51604  1.000 23.37269 ? 122 VAL A O   1 
ATOM   1000 C  CB  . VAL A 1 121 ? -0.62364  -3.36854  -8.61584  1.000 20.26928 ? 122 VAL A CB  1 
ATOM   1001 C  CG1 . VAL A 1 121 ? -0.40519  -2.64337  -9.93907  1.000 23.60307 ? 122 VAL A CG1 1 
ATOM   1002 C  CG2 . VAL A 1 121 ? 0.48660   -3.05750  -7.64235  1.000 25.00005 ? 122 VAL A CG2 1 
ATOM   1003 N  N   . GLU A 1 122 ? -3.49828  -4.21197  -9.43148  1.000 19.78945 ? 123 GLU A N   1 
ATOM   1004 C  CA  . GLU A 1 122 ? -4.48742  -4.35495  -10.49556 1.000 22.67279 ? 123 GLU A CA  1 
ATOM   1005 C  C   . GLU A 1 122 ? -5.84763  -3.82723  -10.05716 1.000 22.59448 ? 123 GLU A C   1 
ATOM   1006 O  O   . GLU A 1 122 ? -6.52136  -3.10790  -10.80664 1.000 24.13158 ? 123 GLU A O   1 
ATOM   1007 C  CB  . GLU A 1 122 ? -4.58785  -5.82301  -10.90546 1.000 23.55812 ? 123 GLU A CB  1 
ATOM   1008 C  CG  . GLU A 1 122 ? -3.37489  -6.31262  -11.69789 1.000 36.42141 ? 123 GLU A CG  1 
ATOM   1009 C  CD  . GLU A 1 122 ? -3.19075  -7.81704  -11.64098 0.434 31.32666 ? 123 GLU A CD  1 
ATOM   1010 O  OE1 . GLU A 1 122 ? -4.10373  -8.51914  -11.15680 0.335 34.21619 ? 123 GLU A OE1 1 
ATOM   1011 O  OE2 . GLU A 1 122 ? -2.12699  -8.29671  -12.08442 0.686 43.06126 ? 123 GLU A OE2 1 
ATOM   1012 N  N   . LEU A 1 123 ? -6.26095  -4.17663  -8.84275  1.000 19.43933 ? 124 LEU A N   1 
ATOM   1013 C  CA  . LEU A 1 123 ? -7.57682  -3.78120  -8.35345  1.000 22.31284 ? 124 LEU A CA  1 
ATOM   1014 C  C   . LEU A 1 123 ? -7.65772  -2.27357  -8.13152  1.000 21.23426 ? 124 LEU A C   1 
ATOM   1015 O  O   . LEU A 1 123 ? -8.62463  -1.62033  -8.55090  1.000 25.24807 ? 124 LEU A O   1 
ATOM   1016 C  CB  . LEU A 1 123 ? -7.87501  -4.54243  -7.06851  1.000 23.31483 ? 124 LEU A CB  1 
ATOM   1017 C  CG  . LEU A 1 123 ? -9.27727  -4.48121  -6.47392  1.000 30.80194 ? 124 LEU A CG  1 
ATOM   1018 C  CD1 . LEU A 1 123 ? -10.33016 -4.93547  -7.48100  1.000 30.09760 ? 124 LEU A CD1 1 
ATOM   1019 C  CD2 . LEU A 1 123 ? -9.31458  -5.32990  -5.20759  1.000 31.42002 ? 124 LEU A CD2 1 
ATOM   1020 N  N   . GLY A 1 124 ? -6.64458  -1.70293  -7.47695  1.000 23.88959 ? 125 GLY A N   1 
ATOM   1021 C  CA  . GLY A 1 124 ? -6.67874  -0.28036  -7.17756  1.000 23.01039 ? 125 GLY A CA  1 
ATOM   1022 C  C   . GLY A 1 124 ? -6.71826  0.58061   -8.42520  1.000 26.26512 ? 125 GLY A C   1 
ATOM   1023 O  O   . GLY A 1 124 ? -7.50188  1.52899   -8.51795  1.000 24.28789 ? 125 GLY A O   1 
ATOM   1024 N  N   . LEU A 1 125 ? -5.87488  0.26051   -9.40854  1.000 22.24292 ? 126 LEU A N   1 
ATOM   1025 C  CA  . LEU A 1 125 ? -5.84046  1.07430   -10.61837 1.000 21.42544 ? 126 LEU A CA  1 
ATOM   1026 C  C   . LEU A 1 125 ? -7.11783  0.91376   -11.43657 1.000 26.54824 ? 126 LEU A C   1 
ATOM   1027 O  O   . LEU A 1 125 ? -7.59535  1.87989   -12.04226 1.000 27.78696 ? 126 LEU A O   1 
ATOM   1028 C  CB  . LEU A 1 125 ? -4.61167  0.72475   -11.45347 1.000 22.86062 ? 126 LEU A CB  1 
ATOM   1029 C  CG  . LEU A 1 125 ? -3.29071  1.07078   -10.75861 1.000 25.97626 ? 126 LEU A CG  1 
ATOM   1030 C  CD1 . LEU A 1 125 ? -2.12075  0.48239   -11.53570 1.000 28.89902 ? 126 LEU A CD1 1 
ATOM   1031 C  CD2 . LEU A 1 125 ? -3.13227  2.58224   -10.56195 1.000 23.50599 ? 126 LEU A CD2 1 
ATOM   1032 N  N   . LYS A 1 126 ? -7.68607  -0.29197  -11.46988 1.000 23.11055 ? 127 LYS A N   1 
ATOM   1033 C  CA  . LYS A 1 126 ? -8.96698  -0.47919  -12.15214 1.000 24.47015 ? 127 LYS A CA  1 
ATOM   1034 C  C   . LYS A 1 126 ? -10.07132 0.33870   -11.49125 1.000 29.26853 ? 127 LYS A C   1 
ATOM   1035 O  O   . LYS A 1 126 ? -10.85010 1.02273   -12.16798 1.000 24.52176 ? 127 LYS A O   1 
ATOM   1036 C  CB  . LYS A 1 126 ? -9.34094  -1.95910  -12.16695 1.000 27.38968 ? 127 LYS A CB  1 
ATOM   1037 C  CG  . LYS A 1 126 ? -10.69084 -2.23276  -12.81873 1.000 31.49698 ? 127 LYS A CG  1 
ATOM   1038 C  CD  . LYS A 1 126 ? -10.92926 -3.71649  -13.00569 1.000 42.80957 ? 127 LYS A CD  1 
ATOM   1039 C  CE  . LYS A 1 126 ? -11.99606 -4.22756  -12.05230 0.408 46.12790 ? 127 LYS A CE  1 
ATOM   1040 N  NZ  . LYS A 1 126 ? -12.68565 -5.41975  -12.61372 0.574 42.36768 ? 127 LYS A NZ  1 
ATOM   1041 N  N   . ILE A 1 127 ? -10.15766 0.27749   -10.16302 1.000 22.65077 ? 128 ILE A N   1 
ATOM   1042 C  CA  . ILE A 1 127 ? -11.24473 0.95348   -9.45664  1.000 21.98042 ? 128 ILE A CA  1 
ATOM   1043 C  C   . ILE A 1 127 ? -11.14104 2.46568   -9.61801  1.000 28.62003 ? 128 ILE A C   1 
ATOM   1044 O  O   . ILE A 1 127 ? -12.15833 3.16777   -9.75192  1.000 23.04648 ? 128 ILE A O   1 
ATOM   1045 C  CB  . ILE A 1 127 ? -11.24657 0.52873   -7.97492  1.000 21.77552 ? 128 ILE A CB  1 
ATOM   1046 C  CG1 . ILE A 1 127 ? -11.82358 -0.88241  -7.83620  1.000 22.82323 ? 128 ILE A CG1 1 
ATOM   1047 C  CG2 . ILE A 1 127 ? -11.98488 1.54431   -7.10285  1.000 24.10716 ? 128 ILE A CG2 1 
ATOM   1048 C  CD1 . ILE A 1 127 ? -11.59260 -1.51872  -6.47190  1.000 24.54204 ? 128 ILE A CD1 1 
ATOM   1049 N  N   . LEU A 1 128 ? -9.91168  2.98481   -9.64159  1.000 23.33786 ? 129 LEU A N   1 
ATOM   1050 C  CA  A LEU A 1 128 ? -9.71245  4.42745   -9.72331  0.000 22.77257 ? 129 LEU A CA  1 
ATOM   1051 C  CA  B LEU A 1 128 ? -9.70645  4.42565   -9.72436  1.000 22.60125 ? 129 LEU A CA  1 
ATOM   1052 C  C   . LEU A 1 128 ? -10.25192 5.00028   -11.02529 1.000 25.47555 ? 129 LEU A C   1 
ATOM   1053 O  O   . LEU A 1 128 ? -10.61418 6.18187   -11.07785 1.000 26.85490 ? 129 LEU A O   1 
ATOM   1054 C  CB  A LEU A 1 128 ? -8.22871  4.76258   -9.57183  0.000 24.53213 ? 129 LEU A CB  1 
ATOM   1055 C  CB  B LEU A 1 128 ? -8.21427  4.73456   -9.56817  1.000 24.56511 ? 129 LEU A CB  1 
ATOM   1056 C  CG  A LEU A 1 128 ? -7.80251  5.37204   -8.23367  0.000 23.79645 ? 129 LEU A CG  1 
ATOM   1057 C  CG  B LEU A 1 128 ? -7.85194  6.03738   -8.86388  1.000 26.43877 ? 129 LEU A CG  1 
ATOM   1058 C  CD1 A LEU A 1 128 ? -6.49290  6.13040   -8.38318  0.000 23.41954 ? 129 LEU A CD1 1 
ATOM   1059 C  CD1 B LEU A 1 128 ? -8.57836  6.18055   -7.52899  1.000 23.33738 ? 129 LEU A CD1 1 
ATOM   1060 C  CD2 A LEU A 1 128 ? -8.89002  6.27754   -7.67378  0.000 23.34921 ? 129 LEU A CD2 1 
ATOM   1061 C  CD2 B LEU A 1 128 ? -6.33740  6.13457   -8.69056  1.000 23.27756 ? 129 LEU A CD2 1 
ATOM   1062 N  N   . LYS A 1 129 ? -10.33517 4.18323   -12.07883 1.000 21.31226 ? 130 LYS A N   1 
ATOM   1063 C  CA  . LYS A 1 129 ? -10.86330 4.68089   -13.34513 1.000 19.66836 ? 130 LYS A CA  1 
ATOM   1064 C  C   . LYS A 1 129 ? -12.30709 5.15126   -13.20778 1.000 22.26132 ? 130 LYS A C   1 
ATOM   1065 O  O   . LYS A 1 129 ? -12.72068 6.07381   -13.91512 1.000 25.45658 ? 130 LYS A O   1 
ATOM   1066 C  CB  . LYS A 1 129 ? -10.78683 3.60072   -14.42582 1.000 22.93478 ? 130 LYS A CB  1 
ATOM   1067 C  CG  . LYS A 1 129 ? -9.39721  3.39437   -15.00829 1.000 33.50104 ? 130 LYS A CG  1 
ATOM   1068 C  CD  . LYS A 1 129 ? -9.23220  1.97560   -15.49941 1.000 30.15463 ? 130 LYS A CD  1 
ATOM   1069 C  CE  . LYS A 1 129 ? -8.72867  1.94409   -16.93531 0.417 36.58958 ? 130 LYS A CE  1 
ATOM   1070 N  NZ  . LYS A 1 129 ? -7.74491  0.84121   -17.15495 0.804 45.30163 ? 130 LYS A NZ  1 
ATOM   1071 N  N   . THR A 1 130 ? -13.08467 4.54889   -12.30321 1.000 23.26835 ? 131 THR A N   1 
ATOM   1072 C  CA  . THR A 1 130 ? -14.51321 4.85581   -12.21589 1.000 23.78041 ? 131 THR A CA  1 
ATOM   1073 C  C   . THR A 1 130 ? -14.93778 5.39368   -10.84816 1.000 26.35691 ? 131 THR A C   1 
ATOM   1074 O  O   . THR A 1 130 ? -16.13757 5.37503   -10.52508 1.000 23.07409 ? 131 THR A O   1 
ATOM   1075 C  CB  . THR A 1 130 ? -15.34591 3.62191   -12.57418 1.000 28.87625 ? 131 THR A CB  1 
ATOM   1076 O  OG1 . THR A 1 130 ? -14.91273 2.49644   -11.79634 1.000 29.07701 ? 131 THR A OG1 1 
ATOM   1077 C  CG2 . THR A 1 130 ? -15.19592 3.29357   -14.05894 1.000 33.45055 ? 131 THR A CG2 1 
ATOM   1078 N  N   . GLN A 1 131 ? -13.99813 5.88293   -10.04162 1.000 20.97689 ? 132 GLN A N   1 
ATOM   1079 C  CA  . GLN A 1 131 ? -14.33817 6.52459   -8.76758  1.000 27.62341 ? 132 GLN A CA  1 
ATOM   1080 C  C   . GLN A 1 131 ? -14.51414 8.03447   -8.93004  1.000 31.10342 ? 132 GLN A C   1 
ATOM   1081 O  O   . GLN A 1 131 ? -15.02628 8.69662   -8.03173  1.000 28.31755 ? 132 GLN A O   1 
ATOM   1082 C  CB  . GLN A 1 131 ? -13.27349 6.25725   -7.69520  1.000 21.44454 ? 132 GLN A CB  1 
ATOM   1083 C  CG  . GLN A 1 131 ? -13.34238 4.89931   -6.98131  1.000 32.06427 ? 132 GLN A CG  1 
ATOM   1084 C  CD  . GLN A 1 131 ? -14.72848 4.52743   -6.47287  1.000 28.11072 ? 132 GLN A CD  1 
ATOM   1085 O  OE1 . GLN A 1 131 ? -15.62574 4.23657   -7.26353  0.848 27.01417 ? 132 GLN A OE1 1 
ATOM   1086 N  NE2 . GLN A 1 131 ? -14.89556 4.49164   -5.14115  1.000 23.89995 ? 132 GLN A NE2 1 
ATOM   1087 O  OXT . GLN A 1 131 ? -14.14796 8.63617   -9.94099  0.603 23.79261 ? 132 GLN A OXT 1 
HETATM 1088 C  C1  . GOL B 2 .   ? -14.55532 11.00809  -13.06482 0.786 34.15328 ? 201 GOL A C1  1 
HETATM 1089 O  O1  . GOL B 2 .   ? -15.61291 10.86416  -12.17186 0.786 36.06428 ? 201 GOL A O1  1 
HETATM 1090 C  C2  . GOL B 2 .   ? -13.62546 9.83786   -12.76945 0.786 41.64460 ? 201 GOL A C2  1 
HETATM 1091 O  O2  . GOL B 2 .   ? -14.09872 8.66297   -13.32615 0.786 44.13001 ? 201 GOL A O2  1 
HETATM 1092 C  C3  . GOL B 2 .   ? -12.23902 10.26548  -13.29846 0.786 45.25467 ? 201 GOL A C3  1 
HETATM 1093 O  O3  . GOL B 2 .   ? -11.29332 9.50993   -12.59004 0.786 50.07334 ? 201 GOL A O3  1 
HETATM 1094 C  C1  . SMU C 3 .   ? -5.88009  0.82955   -0.74659  1.000 19.74813 ? 202 SMU A C1  1 
HETATM 1095 C  C10 . SMU C 3 .   ? -3.09908  1.54342   -6.45571  1.000 19.41468 ? 202 SMU A C10 1 
HETATM 1096 C  C11 . SMU C 3 .   ? -2.21203  0.75595   -5.68720  1.000 15.77173 ? 202 SMU A C11 1 
HETATM 1097 C  C12 . SMU C 3 .   ? -1.00221  0.18450   -6.22540  1.000 19.95908 ? 202 SMU A C12 1 
HETATM 1098 C  C13 . SMU C 3 .   ? -0.40563  -0.48521  -5.21030  1.000 19.79297 ? 202 SMU A C13 1 
HETATM 1099 C  C14 . SMU C 3 .   ? -1.25802  -0.33716  -4.03790  1.000 18.26621 ? 202 SMU A C14 1 
HETATM 1100 C  C15 . SMU C 3 .   ? -1.00127  -0.88788  -2.73664  1.000 18.46250 ? 202 SMU A C15 1 
HETATM 1101 C  C16 . SMU C 3 .   ? -1.90641  -0.82932  -1.66302  1.000 17.77594 ? 202 SMU A C16 1 
HETATM 1102 C  C17 . SMU C 3 .   ? -1.68314  -1.41065  -0.33511  1.000 19.82336 ? 202 SMU A C17 1 
HETATM 1103 C  C18 . SMU C 3 .   ? -2.80594  -1.14714  0.40601   1.000 18.62704 ? 202 SMU A C18 1 
HETATM 1104 C  C19 . SMU C 3 .   ? -3.70142  -0.41407  -0.43888  1.000 17.51086 ? 202 SMU A C19 1 
HETATM 1105 C  C2  . SMU C 3 .   ? -7.20439  1.24523   -0.33087  1.000 20.50746 ? 202 SMU A C2  1 
HETATM 1106 C  C20 . SMU C 3 .   ? -4.96723  0.04240   -0.01324  1.000 20.79357 ? 202 SMU A C20 1 
HETATM 1107 C  C21 . SMU C 3 .   ? -8.12859  3.57978   -3.79795  1.000 18.76699 ? 202 SMU A C21 1 
HETATM 1108 C  C22 . SMU C 3 .   ? -8.30420  4.76886   -3.11524  1.000 21.59074 ? 202 SMU A C22 1 
HETATM 1109 C  C23 . SMU C 3 .   ? -9.43424  5.56199   -3.28394  1.000 22.96784 ? 202 SMU A C23 1 
HETATM 1110 C  C24 . SMU C 3 .   ? -10.39636 5.14738   -4.15417  1.000 23.24170 ? 202 SMU A C24 1 
HETATM 1111 C  C25 . SMU C 3 .   ? -10.24817 3.95495   -4.85827  1.000 22.11845 ? 202 SMU A C25 1 
HETATM 1112 C  C26 . SMU C 3 .   ? -9.11344  3.15868   -4.69171  1.000 20.85616 ? 202 SMU A C26 1 
HETATM 1113 C  C27 . SMU C 3 .   ? 0.30130   -1.57903  -2.53783  1.000 24.19370 ? 202 SMU A C27 1 
HETATM 1114 C  C28 . SMU C 3 .   ? 1.50475   -0.87425  -2.44156  1.000 22.76364 ? 202 SMU A C28 1 
HETATM 1115 C  C29 . SMU C 3 .   ? 2.75206   -1.52586  -2.26398  1.000 18.74164 ? 202 SMU A C29 1 
HETATM 1116 C  C3  . SMU C 3 .   ? -7.74085  1.98858   -1.32829  1.000 18.80075 ? 202 SMU A C3  1 
HETATM 1117 C  C30 . SMU C 3 .   ? 2.76547   -2.89107  -2.16794  1.000 20.99617 ? 202 SMU A C30 1 
HETATM 1118 C  C31 . SMU C 3 .   ? 1.58575   -3.61325  -2.25178  1.000 31.79311 ? 202 SMU A C31 1 
HETATM 1119 C  C32 . SMU C 3 .   ? 0.37287   -2.95316  -2.43657  1.000 27.36010 ? 202 SMU A C32 1 
HETATM 1120 C  C4  . SMU C 3 .   ? -6.73423  2.04395   -2.38688  1.000 20.51051 ? 202 SMU A C4  1 
HETATM 1121 C  C5  . SMU C 3 .   ? -6.88816  2.72813   -3.61753  1.000 17.45842 ? 202 SMU A C5  1 
HETATM 1122 C  C6  . SMU C 3 .   ? -6.00750  2.66896   -4.69778  1.000 18.90772 ? 202 SMU A C6  1 
HETATM 1123 C  C7  . SMU C 3 .   ? -6.13150  3.40678   -5.94772  1.000 21.28709 ? 202 SMU A C7  1 
HETATM 1124 C  C8  . SMU C 3 .   ? -5.09833  3.07999   -6.72793  1.000 23.49919 ? 202 SMU A C8  1 
HETATM 1125 C  C9  . SMU C 3 .   ? -4.28423  2.13719   -5.98564  1.000 19.42106 ? 202 SMU A C9  1 
HETATM 1126 N  N1  . SMU C 3 .   ? -5.61996  1.32870   -1.99280  1.000 18.87207 ? 202 SMU A N1  1 
HETATM 1127 N  N2  . SMU C 3 .   ? -4.86889  1.91591   -4.76439  1.000 20.86774 ? 202 SMU A N2  1 
HETATM 1128 N  N3  . SMU C 3 .   ? -2.34918  0.42637   -4.37051  1.000 19.05387 ? 202 SMU A N3  1 
HETATM 1129 N  N4  . SMU C 3 .   ? -3.13243  -0.23570  -1.67505  1.000 13.87893 ? 202 SMU A N4  1 
HETATM 1130 MN MN1 . SMU C 3 .   ? -3.92442  0.98761   -3.20629  1.000 19.37231 ? 202 SMU A MN1 1 
HETATM 1131 C  C1  . SMU D 3 .   ? 5.74483   -1.80270  12.81097  0.515 21.51104 ? 203 SMU A C1  1 
HETATM 1132 C  C10 . SMU D 3 .   ? 8.05994   3.71537   10.62100  0.515 18.57195 ? 203 SMU A C10 1 
HETATM 1133 C  C11 . SMU D 3 .   ? 9.10239   3.14717   11.39935  0.515 19.85736 ? 203 SMU A C11 1 
HETATM 1134 C  C12 . SMU D 3 .   ? 10.40311  3.74275   11.57623  0.515 20.19885 ? 203 SMU A C12 1 
HETATM 1135 C  C13 . SMU D 3 .   ? 11.11223  2.91973   12.38711  0.515 18.54438 ? 203 SMU A C13 1 
HETATM 1136 C  C14 . SMU D 3 .   ? 10.24260  1.79519   12.71086  0.515 19.05107 ? 203 SMU A C14 1 
HETATM 1137 C  C15 . SMU D 3 .   ? 10.58315  0.67735   13.54809  0.515 19.11133 ? 203 SMU A C15 1 
HETATM 1138 C  C16 . SMU D 3 .   ? 9.71123   -0.38368  13.84656  0.515 21.28338 ? 203 SMU A C16 1 
HETATM 1139 C  C17 . SMU D 3 .   ? 10.03669  -1.46746  14.78273  0.515 21.47165 ? 203 SMU A C17 1 
HETATM 1140 C  C18 . SMU D 3 .   ? 8.95277   -2.29774  14.81227  0.515 22.66568 ? 203 SMU A C18 1 
HETATM 1141 C  C19 . SMU D 3 .   ? 7.99181   -1.74102  13.91822  0.515 21.03641 ? 203 SMU A C19 1 
HETATM 1142 C  C2  . SMU D 3 .   ? 4.50811   -2.47045  12.47350  0.515 18.24447 ? 203 SMU A C2  1 
HETATM 1143 C  C20 . SMU D 3 .   ? 6.73617   -2.31227  13.66470  0.515 21.73739 ? 203 SMU A C20 1 
HETATM 1144 C  C21 . SMU D 3 .   ? 2.94084   0.51966   9.97010   0.515 20.88978 ? 203 SMU A C21 1 
HETATM 1145 C  C22 . SMU D 3 .   ? 1.82532   1.18756   10.43462  0.515 21.20364 ? 203 SMU A C22 1 
HETATM 1146 C  C23 . SMU D 3 .   ? 0.60080   1.05984   9.79481   0.515 23.81017 ? 203 SMU A C23 1 
HETATM 1147 C  C24 . SMU D 3 .   ? 0.48842   0.25372   8.69667   0.515 23.53066 ? 203 SMU A C24 1 
HETATM 1148 C  C25 . SMU D 3 .   ? 1.59481   -0.44200  8.21931   0.515 23.90440 ? 203 SMU A C25 1 
HETATM 1149 C  C26 . SMU D 3 .   ? 2.82098   -0.31323  8.85110   0.515 22.50364 ? 203 SMU A C26 1 
HETATM 1150 C  C27 . SMU D 3 .   ? 11.82300  0.71098   14.36539  0.515 20.26871 ? 203 SMU A C27 1 
HETATM 1151 C  C28 . SMU D 3 .   ? 11.97170  1.59509   15.43834  0.515 17.77835 ? 203 SMU A C28 1 
HETATM 1152 C  C29 . SMU D 3 .   ? 13.13385  1.61723   16.22021  0.515 21.14716 ? 203 SMU A C29 1 
HETATM 1153 C  C3  . SMU D 3 .   ? 3.82378   -1.66652  11.64016  0.515 23.45896 ? 203 SMU A C3  1 
HETATM 1154 C  C30 . SMU D 3 .   ? 14.15575  0.74191   15.94849  0.515 22.32340 ? 203 SMU A C30 1 
HETATM 1155 C  C31 . SMU D 3 .   ? 14.04155  -0.15091  14.89674  0.515 24.74148 ? 203 SMU A C31 1 
HETATM 1156 C  C32 . SMU D 3 .   ? 12.88115  -0.15285  14.13107  0.515 22.98858 ? 203 SMU A C32 1 
HETATM 1157 C  C4  . SMU D 3 .   ? 4.64164   -0.47706  11.44989  0.515 20.12712 ? 203 SMU A C4  1 
HETATM 1158 C  C5  . SMU D 3 .   ? 4.28177   0.62553   10.64512  0.515 21.56478 ? 203 SMU A C5  1 
HETATM 1159 C  C6  . SMU D 3 .   ? 5.05068   1.76980   10.44090  0.515 21.25918 ? 203 SMU A C6  1 
HETATM 1160 C  C7  . SMU D 3 .   ? 4.61425   3.00360   9.80381   0.515 18.88461 ? 203 SMU A C7  1 
HETATM 1161 C  C8  . SMU D 3 .   ? 5.65170   3.84347   9.80398   0.515 21.13671 ? 203 SMU A C8  1 
HETATM 1162 C  C9  . SMU D 3 .   ? 6.77038   3.16329   10.43629  0.515 20.26776 ? 203 SMU A C9  1 
HETATM 1163 N  N1  . SMU D 3 .   ? 5.80028   -0.59318  12.17072  0.515 20.21348 ? 203 SMU A N1  1 
HETATM 1164 N  N2  . SMU D 3 .   ? 6.36388   1.90565   10.80794  0.515 20.36603 ? 203 SMU A N2  1 
HETATM 1165 N  N3  . SMU D 3 .   ? 9.02583   1.97609   12.08830  0.515 21.04014 ? 203 SMU A N3  1 
HETATM 1166 N  N4  . SMU D 3 .   ? 8.45791   -0.58981  13.35232  0.515 19.72788 ? 203 SMU A N4  1 
HETATM 1167 MN MN1 . SMU D 3 .   ? 7.35457   0.63745   11.90015  0.515 24.48934 ? 203 SMU A MN1 1 
HETATM 1168 CL CL  . CL  E 4 .   ? -11.80946 2.66251   -1.13311  1.000 22.33827 ? 204 CL  A CL  1 
HETATM 1169 O  O   . HOH F 5 .   ? -16.22138 -5.87376  5.29596   1.000 46.41664 ? 301 HOH A O   1 
HETATM 1170 O  O   . HOH F 5 .   ? -16.69532 16.72335  0.53526   1.000 26.18258 ? 302 HOH A O   1 
HETATM 1171 O  O   . HOH F 5 .   ? -5.67303  -10.55748 -2.29417  1.000 36.56596 ? 303 HOH A O   1 
HETATM 1172 O  O   . HOH F 5 .   ? -7.21549  3.55637   4.47442   1.000 23.69199 ? 304 HOH A O   1 
HETATM 1173 O  O   . HOH F 5 .   ? -11.82934 -4.81012  6.72187   1.000 25.21649 ? 305 HOH A O   1 
HETATM 1174 O  O   . HOH F 5 .   ? -7.57938  -7.65218  8.26280   1.000 33.18830 ? 306 HOH A O   1 
HETATM 1175 O  O   . HOH F 5 .   ? -14.66931 17.67525  -0.62030  1.000 33.30949 ? 307 HOH A O   1 
HETATM 1176 O  O   . HOH F 5 .   ? -2.74990  -12.14473 10.93836  0.767 28.99859 ? 308 HOH A O   1 
HETATM 1177 O  O   . HOH F 5 .   ? -12.92245 19.26670  -0.11473  1.000 44.71188 ? 309 HOH A O   1 
HETATM 1178 O  O   . HOH F 5 .   ? -13.84544 -2.97702  0.72535   1.000 31.87006 ? 310 HOH A O   1 
HETATM 1179 O  O   . HOH F 5 .   ? -13.17885 5.26710   -2.53556  1.000 25.73753 ? 311 HOH A O   1 
HETATM 1180 O  O   . HOH F 5 .   ? -14.94807 2.30962   -9.05347  1.000 27.47473 ? 312 HOH A O   1 
HETATM 1181 O  O   . HOH F 5 .   ? -14.94763 19.10171  -14.92487 1.000 23.93247 ? 313 HOH A O   1 
HETATM 1182 O  O   . HOH F 5 .   ? -3.49015  2.29181   7.84610   1.000 30.93870 ? 314 HOH A O   1 
HETATM 1183 O  O   . HOH F 5 .   ? 25.10877  -10.17816 0.86510   1.000 26.06373 ? 315 HOH A O   1 
HETATM 1184 O  O   . HOH F 5 .   ? 4.00216   8.08671   6.54148   1.000 34.40443 ? 316 HOH A O   1 
HETATM 1185 O  O   . HOH F 5 .   ? -6.94724  -0.66967  2.86333   1.000 23.78583 ? 317 HOH A O   1 
HETATM 1186 O  O   . HOH F 5 .   ? -6.08839  4.08838   -12.86417 0.758 30.70032 ? 318 HOH A O   1 
HETATM 1187 O  O   . HOH F 5 .   ? -6.15685  -5.13555  8.26145   1.000 25.91432 ? 319 HOH A O   1 
HETATM 1188 O  O   . HOH F 5 .   ? 8.98576   6.35037   2.30909   1.000 32.29263 ? 320 HOH A O   1 
HETATM 1189 O  O   . HOH F 5 .   ? -11.66708 14.34522  -12.07474 1.000 32.79264 ? 321 HOH A O   1 
HETATM 1190 O  O   . HOH F 5 .   ? -5.18646  -1.11593  -4.12074  1.000 22.69936 ? 322 HOH A O   1 
HETATM 1191 O  O   . HOH F 5 .   ? 12.51924  -19.52217 12.02483  1.000 42.36692 ? 323 HOH A O   1 
HETATM 1192 O  O   . HOH F 5 .   ? 15.06415  -15.32668 17.20893  1.000 31.44703 ? 324 HOH A O   1 
HETATM 1193 O  O   . HOH F 5 .   ? 4.48045   -3.50055  9.04557   1.000 32.27158 ? 325 HOH A O   1 
HETATM 1194 O  O   . HOH F 5 .   ? -6.31956  -2.71994  -2.60606  1.000 23.63354 ? 326 HOH A O   1 
HETATM 1195 O  O   . HOH F 5 .   ? 18.65755  -14.10563 2.34395   1.000 35.59693 ? 327 HOH A O   1 
HETATM 1196 O  O   . HOH F 5 .   ? 0.43396   4.08386   -9.50739  1.000 31.58815 ? 328 HOH A O   1 
HETATM 1197 O  O   . HOH F 5 .   ? -19.59784 3.22347   1.08402   1.000 29.70755 ? 329 HOH A O   1 
HETATM 1198 O  O   . HOH F 5 .   ? -11.31742 7.46639   -1.43475  1.000 31.49380 ? 330 HOH A O   1 
HETATM 1199 O  O   . HOH F 5 .   ? -17.22015 19.68393  1.13615   1.000 38.62803 ? 331 HOH A O   1 
HETATM 1200 O  O   . HOH F 5 .   ? 4.46498   -8.23870  -6.65669  1.000 46.37948 ? 332 HOH A O   1 
HETATM 1201 O  O   . HOH F 5 .   ? -16.92843 22.96056  -0.67581  1.000 48.89831 ? 333 HOH A O   1 
HETATM 1202 O  O   . HOH F 5 .   ? 6.38956   -14.65635 13.97620  1.000 40.01197 ? 334 HOH A O   1 
HETATM 1203 O  O   . HOH F 5 .   ? 3.98507   -5.75346  -8.02111  1.000 52.86397 ? 335 HOH A O   1 
HETATM 1204 O  O   . HOH F 5 .   ? 25.12455  -7.50056  2.37565   1.000 35.34986 ? 336 HOH A O   1 
HETATM 1205 O  O   . HOH F 5 .   ? 11.65255  -24.86784 13.29504  1.000 50.56843 ? 337 HOH A O   1 
# 
loop_
_pdbx_poly_seq_scheme.asym_id 
_pdbx_poly_seq_scheme.entity_id 
_pdbx_poly_seq_scheme.seq_id 
_pdbx_poly_seq_scheme.mon_id 
_pdbx_poly_seq_scheme.ndb_seq_num 
_pdbx_poly_seq_scheme.pdb_seq_num 
_pdbx_poly_seq_scheme.auth_seq_num 
_pdbx_poly_seq_scheme.pdb_mon_id 
_pdbx_poly_seq_scheme.auth_mon_id 
_pdbx_poly_seq_scheme.pdb_strand_id 
_pdbx_poly_seq_scheme.pdb_ins_code 
_pdbx_poly_seq_scheme.hetero 
A 1 1   HIS 1   2   ?   ?   ?   A . n 
A 1 2   HIS 2   3   ?   ?   ?   A . n 
A 1 3   HIS 3   4   ?   ?   ?   A . n 
A 1 4   HIS 4   5   ?   ?   ?   A . n 
A 1 5   HIS 5   6   6   HIS HIS A . n 
A 1 6   HIS 6   7   7   HIS HIS A . n 
A 1 7   GLU 7   8   8   GLU GLU A . n 
A 1 8   ASN 8   9   9   ASN ASN A . n 
A 1 9   LEU 9   10  10  LEU LEU A . n 
A 1 10  TYR 10  11  11  TYR TYR A . n 
A 1 11  PHE 11  12  12  PHE PHE A . n 
A 1 12  GLN 12  13  13  GLN GLN A . n 
A 1 13  SER 13  14  14  SER SER A . n 
A 1 14  SER 14  15  15  SER SER A . n 
A 1 15  GLU 15  16  16  GLU GLU A . n 
A 1 16  LYS 16  17  17  LYS LYS A . n 
A 1 17  GLU 17  18  18  GLU GLU A . n 
A 1 18  GLU 18  19  19  GLU GLU A . n 
A 1 19  LEU 19  20  20  LEU LEU A . n 
A 1 20  PHE 20  21  21  PHE PHE A . n 
A 1 21  GLU 21  22  22  GLU GLU A . n 
A 1 22  LYS 22  23  23  LYS LYS A . n 
A 1 23  LEU 23  24  24  LEU LEU A . n 
A 1 24  LYS 24  25  25  LYS LYS A . n 
A 1 25  GLN 25  26  26  GLN GLN A . n 
A 1 26  THR 26  27  27  THR THR A . n 
A 1 27  ALA 27  28  28  ALA ALA A . n 
A 1 28  ASP 28  29  29  ASP ASP A . n 
A 1 29  GLU 29  30  30  GLU GLU A . n 
A 1 30  ALA 30  31  31  ALA ALA A . n 
A 1 31  VAL 31  32  32  VAL VAL A . n 
A 1 32  GLN 32  33  33  GLN GLN A . n 
A 1 33  LEU 33  34  34  LEU LEU A . n 
A 1 34  PHE 34  35  35  PHE PHE A . n 
A 1 35  GLN 35  36  36  GLN GLN A . n 
A 1 36  ARG 36  37  37  ARG ARG A . n 
A 1 37  LEU 37  38  38  LEU LEU A . n 
A 1 38  ARG 38  39  39  ARG ARG A . n 
A 1 39  GLU 39  40  40  GLU GLU A . n 
A 1 40  ILE 40  41  41  ILE ILE A . n 
A 1 41  PHE 41  42  42  PHE PHE A . n 
A 1 42  ASP 42  43  43  ASP ASP A . n 
A 1 43  LYS 43  44  44  LYS LYS A . n 
A 1 44  GLY 44  45  45  GLY GLY A . n 
A 1 45  ASP 45  46  46  ASP ASP A . n 
A 1 46  ASP 46  47  47  ASP ASP A . n 
A 1 47  ASP 47  48  48  ASP ASP A . n 
A 1 48  SER 48  49  49  SER SER A . n 
A 1 49  PHE 49  50  50  PHE PHE A . n 
A 1 50  GLU 50  51  51  GLU GLU A . n 
A 1 51  GLN 51  52  52  GLN GLN A . n 
A 1 52  VAL 52  53  53  VAL VAL A . n 
A 1 53  LEU 53  54  54  LEU LEU A . n 
A 1 54  GLU 54  55  55  GLU GLU A . n 
A 1 55  GLU 55  56  56  GLU GLU A . n 
A 1 56  LEU 56  57  57  LEU LEU A . n 
A 1 57  GLU 57  58  58  GLU GLU A . n 
A 1 58  GLU 58  59  59  GLU GLU A . n 
A 1 59  ALA 59  60  60  ALA ALA A . n 
A 1 60  LEU 60  61  61  LEU LEU A . n 
A 1 61  GLN 61  62  62  GLN GLN A . n 
A 1 62  LYS 62  63  63  LYS LYS A . n 
A 1 63  HIS 63  64  64  HIS HIS A . n 
A 1 64  ARG 64  65  65  ARG ARG A . n 
A 1 65  GLN 65  66  66  GLN GLN A . n 
A 1 66  LEU 66  67  67  LEU LEU A . n 
A 1 67  ALA 67  68  68  ALA ALA A . n 
A 1 68  ASP 68  69  69  ASP ASP A . n 
A 1 69  GLN 69  70  70  GLN GLN A . n 
A 1 70  GLY 70  71  71  GLY GLY A . n 
A 1 71  ARG 71  72  72  ARG ARG A . n 
A 1 72  LYS 72  73  73  LYS LYS A . n 
A 1 73  LYS 73  74  74  LYS LYS A . n 
A 1 74  GLY 74  75  75  GLY GLY A . n 
A 1 75  LEU 75  76  76  LEU LEU A . n 
A 1 76  LEU 76  77  77  LEU LEU A . n 
A 1 77  THR 77  78  78  THR THR A . n 
A 1 78  SER 78  79  79  SER SER A . n 
A 1 79  GLU 79  80  80  GLU GLU A . n 
A 1 80  ALA 80  81  81  ALA ALA A . n 
A 1 81  ALA 81  82  82  ALA ALA A . n 
A 1 82  LYS 82  83  83  LYS LYS A . n 
A 1 83  GLN 83  84  84  GLN GLN A . n 
A 1 84  GLY 84  85  85  GLY GLY A . n 
A 1 85  ASP 85  86  86  ASP ASP A . n 
A 1 86  GLN 86  87  87  GLN GLN A . n 
A 1 87  PHE 87  88  88  PHE PHE A . n 
A 1 88  VAL 88  89  89  VAL VAL A . n 
A 1 89  GLN 89  90  90  GLN GLN A . n 
A 1 90  LEU 90  91  91  LEU LEU A . n 
A 1 91  PHE 91  92  92  PHE PHE A . n 
A 1 92  GLN 92  93  93  GLN GLN A . n 
A 1 93  ARG 93  94  94  ARG ARG A . n 
A 1 94  PHE 94  95  95  PHE PHE A . n 
A 1 95  ARG 95  96  96  ARG ARG A . n 
A 1 96  GLU 96  97  97  GLU GLU A . n 
A 1 97  ALA 97  98  98  ALA ALA A . n 
A 1 98  TRP 98  99  99  TRP TRP A . n 
A 1 99  ASP 99  100 100 ASP ASP A . n 
A 1 100 LYS 100 101 101 LYS LYS A . n 
A 1 101 GLY 101 102 102 GLY GLY A . n 
A 1 102 ASP 102 103 103 ASP ASP A . n 
A 1 103 LYS 103 104 104 LYS LYS A . n 
A 1 104 ASP 104 105 105 ASP ASP A . n 
A 1 105 SER 105 106 106 SER SER A . n 
A 1 106 LEU 106 107 107 LEU LEU A . n 
A 1 107 GLU 107 108 108 GLU GLU A . n 
A 1 108 GLN 108 109 109 GLN GLN A . n 
A 1 109 ILE 109 110 110 ILE ILE A . n 
A 1 110 LEU 110 111 111 LEU LEU A . n 
A 1 111 GLU 111 112 112 GLU GLU A . n 
A 1 112 GLU 112 113 113 GLU GLU A . n 
A 1 113 LEU 113 114 114 LEU LEU A . n 
A 1 114 GLU 114 115 115 GLU GLU A . n 
A 1 115 GLN 115 116 116 GLN GLN A . n 
A 1 116 VAL 116 117 117 VAL VAL A . n 
A 1 117 ALA 117 118 118 ALA ALA A . n 
A 1 118 GLN 118 119 119 GLN GLN A . n 
A 1 119 LYS 119 120 120 LYS LYS A . n 
A 1 120 ALA 120 121 121 ALA ALA A . n 
A 1 121 VAL 121 122 122 VAL VAL A . n 
A 1 122 GLU 122 123 123 GLU GLU A . n 
A 1 123 LEU 123 124 124 LEU LEU A . n 
A 1 124 GLY 124 125 125 GLY GLY A . n 
A 1 125 LEU 125 126 126 LEU LEU A . n 
A 1 126 LYS 126 127 127 LYS LYS A . n 
A 1 127 ILE 127 128 128 ILE ILE A . n 
A 1 128 LEU 128 129 129 LEU LEU A . n 
A 1 129 LYS 129 130 130 LYS LYS A . n 
A 1 130 THR 130 131 131 THR THR A . n 
A 1 131 GLN 131 132 132 GLN GLN A . n 
# 
loop_
_pdbx_nonpoly_scheme.asym_id 
_pdbx_nonpoly_scheme.entity_id 
_pdbx_nonpoly_scheme.mon_id 
_pdbx_nonpoly_scheme.ndb_seq_num 
_pdbx_nonpoly_scheme.pdb_seq_num 
_pdbx_nonpoly_scheme.auth_seq_num 
_pdbx_nonpoly_scheme.pdb_mon_id 
_pdbx_nonpoly_scheme.auth_mon_id 
_pdbx_nonpoly_scheme.pdb_strand_id 
_pdbx_nonpoly_scheme.pdb_ins_code 
B 2 GOL 1  201 201 GOL GOL A . 
C 3 SMU 1  202 1   SMU SM0 A . 
D 3 SMU 1  203 2   SMU SM0 A . 
E 4 CL  1  204 1   CL  CL  A . 
F 5 HOH 1  301 74  HOH HOH A . 
F 5 HOH 2  302 28  HOH HOH A . 
F 5 HOH 3  303 51  HOH HOH A . 
F 5 HOH 4  304 5   HOH HOH A . 
F 5 HOH 5  305 11  HOH HOH A . 
F 5 HOH 6  306 25  HOH HOH A . 
F 5 HOH 7  307 78  HOH HOH A . 
F 5 HOH 8  308 71  HOH HOH A . 
F 5 HOH 9  309 77  HOH HOH A . 
F 5 HOH 10 310 30  HOH HOH A . 
F 5 HOH 11 311 3   HOH HOH A . 
F 5 HOH 12 312 17  HOH HOH A . 
F 5 HOH 13 313 6   HOH HOH A . 
F 5 HOH 14 314 8   HOH HOH A . 
F 5 HOH 15 315 12  HOH HOH A . 
F 5 HOH 16 316 23  HOH HOH A . 
F 5 HOH 17 317 7   HOH HOH A . 
F 5 HOH 18 318 56  HOH HOH A . 
F 5 HOH 19 319 9   HOH HOH A . 
F 5 HOH 20 320 26  HOH HOH A . 
F 5 HOH 21 321 10  HOH HOH A . 
F 5 HOH 22 322 1   HOH HOH A . 
F 5 HOH 23 323 61  HOH HOH A . 
F 5 HOH 24 324 33  HOH HOH A . 
F 5 HOH 25 325 24  HOH HOH A . 
F 5 HOH 26 326 2   HOH HOH A . 
F 5 HOH 27 327 20  HOH HOH A . 
F 5 HOH 28 328 15  HOH HOH A . 
F 5 HOH 29 329 21  HOH HOH A . 
F 5 HOH 30 330 69  HOH HOH A . 
F 5 HOH 31 331 75  HOH HOH A . 
F 5 HOH 32 332 83  HOH HOH A . 
F 5 HOH 33 333 60  HOH HOH A . 
F 5 HOH 34 334 80  HOH HOH A . 
F 5 HOH 35 335 45  HOH HOH A . 
F 5 HOH 36 336 19  HOH HOH A . 
F 5 HOH 37 337 73  HOH HOH A . 
# 
_pdbx_struct_assembly.id                   1 
_pdbx_struct_assembly.details              author_and_software_defined_assembly 
_pdbx_struct_assembly.method_details       PISA 
_pdbx_struct_assembly.oligomeric_details   monomeric 
_pdbx_struct_assembly.oligomeric_count     1 
# 
_pdbx_struct_assembly_gen.assembly_id       1 
_pdbx_struct_assembly_gen.oper_expression   1 
_pdbx_struct_assembly_gen.asym_id_list      A,B,C,D,E,F 
# 
_pdbx_struct_oper_list.id                   1 
_pdbx_struct_oper_list.type                 'identity operation' 
_pdbx_struct_oper_list.name                 1_555 
_pdbx_struct_oper_list.symmetry_operation   x,y,z 
_pdbx_struct_oper_list.matrix[1][1]         1.0000000000 
_pdbx_struct_oper_list.matrix[1][2]         0.0000000000 
_pdbx_struct_oper_list.matrix[1][3]         0.0000000000 
_pdbx_struct_oper_list.vector[1]            0.0000000000 
_pdbx_struct_oper_list.matrix[2][1]         0.0000000000 
_pdbx_struct_oper_list.matrix[2][2]         1.0000000000 
_pdbx_struct_oper_list.matrix[2][3]         0.0000000000 
_pdbx_struct_oper_list.vector[2]            0.0000000000 
_pdbx_struct_oper_list.matrix[3][1]         0.0000000000 
_pdbx_struct_oper_list.matrix[3][2]         0.0000000000 
_pdbx_struct_oper_list.matrix[3][3]         1.0000000000 
_pdbx_struct_oper_list.vector[3]            0.0000000000 
# 
_pdbx_struct_special_symmetry.id              1 
_pdbx_struct_special_symmetry.PDB_model_num   1 
_pdbx_struct_special_symmetry.auth_asym_id    A 
_pdbx_struct_special_symmetry.auth_comp_id    SMU 
_pdbx_struct_special_symmetry.auth_seq_id     203 
_pdbx_struct_special_symmetry.PDB_ins_code    ? 
_pdbx_struct_special_symmetry.label_asym_id   D 
_pdbx_struct_special_symmetry.label_comp_id   SMU 
_pdbx_struct_special_symmetry.label_seq_id    . 
# 
loop_
_pdbx_struct_conn_angle.id 
_pdbx_struct_conn_angle.ptnr1_label_atom_id 
_pdbx_struct_conn_angle.ptnr1_label_alt_id 
_pdbx_struct_conn_angle.ptnr1_label_asym_id 
_pdbx_struct_conn_angle.ptnr1_label_comp_id 
_pdbx_struct_conn_angle.ptnr1_label_seq_id 
_pdbx_struct_conn_angle.ptnr1_auth_atom_id 
_pdbx_struct_conn_angle.ptnr1_auth_asym_id 
_pdbx_struct_conn_angle.ptnr1_auth_comp_id 
_pdbx_struct_conn_angle.ptnr1_auth_seq_id 
_pdbx_struct_conn_angle.ptnr1_PDB_ins_code 
_pdbx_struct_conn_angle.ptnr1_symmetry 
_pdbx_struct_conn_angle.ptnr2_label_atom_id 
_pdbx_struct_conn_angle.ptnr2_label_alt_id 
_pdbx_struct_conn_angle.ptnr2_label_asym_id 
_pdbx_struct_conn_angle.ptnr2_label_comp_id 
_pdbx_struct_conn_angle.ptnr2_label_seq_id 
_pdbx_struct_conn_angle.ptnr2_auth_atom_id 
_pdbx_struct_conn_angle.ptnr2_auth_asym_id 
_pdbx_struct_conn_angle.ptnr2_auth_comp_id 
_pdbx_struct_conn_angle.ptnr2_auth_seq_id 
_pdbx_struct_conn_angle.ptnr2_PDB_ins_code 
_pdbx_struct_conn_angle.ptnr2_symmetry 
_pdbx_struct_conn_angle.ptnr3_label_atom_id 
_pdbx_struct_conn_angle.ptnr3_label_alt_id 
_pdbx_struct_conn_angle.ptnr3_label_asym_id 
_pdbx_struct_conn_angle.ptnr3_label_comp_id 
_pdbx_struct_conn_angle.ptnr3_label_seq_id 
_pdbx_struct_conn_angle.ptnr3_auth_atom_id 
_pdbx_struct_conn_angle.ptnr3_auth_asym_id 
_pdbx_struct_conn_angle.ptnr3_auth_comp_id 
_pdbx_struct_conn_angle.ptnr3_auth_seq_id 
_pdbx_struct_conn_angle.ptnr3_PDB_ins_code 
_pdbx_struct_conn_angle.ptnr3_symmetry 
_pdbx_struct_conn_angle.value 
_pdbx_struct_conn_angle.value_esd 
1  OE1 ? A GLU 57 ? A GLU 58  ? 1_555 MN1 ? D SMU . ? A SMU 203 ? 1_555 N3 ? D SMU . ? A SMU 203 ? 1_555 93.0  ? 
2  OE1 ? A GLU 57 ? A GLU 58  ? 1_555 MN1 ? D SMU . ? A SMU 203 ? 1_555 N4 ? D SMU . ? A SMU 203 ? 1_555 105.1 ? 
3  N3  ? D SMU .  ? A SMU 203 ? 1_555 MN1 ? D SMU . ? A SMU 203 ? 1_555 N4 ? D SMU . ? A SMU 203 ? 1_555 84.2  ? 
4  OE1 ? A GLU 57 ? A GLU 58  ? 1_555 MN1 ? D SMU . ? A SMU 203 ? 1_555 N2 ? D SMU . ? A SMU 203 ? 1_555 82.0  ? 
5  N3  ? D SMU .  ? A SMU 203 ? 1_555 MN1 ? D SMU . ? A SMU 203 ? 1_555 N2 ? D SMU . ? A SMU 203 ? 1_555 92.2  ? 
6  N4  ? D SMU .  ? A SMU 203 ? 1_555 MN1 ? D SMU . ? A SMU 203 ? 1_555 N2 ? D SMU . ? A SMU 203 ? 1_555 172.2 ? 
7  OE1 ? A GLU 57 ? A GLU 58  ? 1_555 MN1 ? D SMU . ? A SMU 203 ? 1_555 N1 ? D SMU . ? A SMU 203 ? 1_555 98.6  ? 
8  N3  ? D SMU .  ? A SMU 203 ? 1_555 MN1 ? D SMU . ? A SMU 203 ? 1_555 N1 ? D SMU . ? A SMU 203 ? 1_555 167.2 ? 
9  N4  ? D SMU .  ? A SMU 203 ? 1_555 MN1 ? D SMU . ? A SMU 203 ? 1_555 N1 ? D SMU . ? A SMU 203 ? 1_555 87.5  ? 
10 N2  ? D SMU .  ? A SMU 203 ? 1_555 MN1 ? D SMU . ? A SMU 203 ? 1_555 N1 ? D SMU . ? A SMU 203 ? 1_555 94.7  ? 
11 NE2 ? A HIS 63 ? A HIS 64  ? 1_555 MN1 ? C SMU . ? A SMU 202 ? 1_555 N3 ? C SMU . ? A SMU 202 ? 1_555 94.4  ? 
12 NE2 ? A HIS 63 ? A HIS 64  ? 1_555 MN1 ? C SMU . ? A SMU 202 ? 1_555 N4 ? C SMU . ? A SMU 202 ? 1_555 94.8  ? 
13 N3  ? C SMU .  ? A SMU 202 ? 1_555 MN1 ? C SMU . ? A SMU 202 ? 1_555 N4 ? C SMU . ? A SMU 202 ? 1_555 88.0  ? 
14 NE2 ? A HIS 63 ? A HIS 64  ? 1_555 MN1 ? C SMU . ? A SMU 202 ? 1_555 N2 ? C SMU . ? A SMU 202 ? 1_555 94.1  ? 
15 N3  ? C SMU .  ? A SMU 202 ? 1_555 MN1 ? C SMU . ? A SMU 202 ? 1_555 N2 ? C SMU . ? A SMU 202 ? 1_555 92.7  ? 
16 N4  ? C SMU .  ? A SMU 202 ? 1_555 MN1 ? C SMU . ? A SMU 202 ? 1_555 N2 ? C SMU . ? A SMU 202 ? 1_555 171.0 ? 
17 NE2 ? A HIS 63 ? A HIS 64  ? 1_555 MN1 ? C SMU . ? A SMU 202 ? 1_555 N1 ? C SMU . ? A SMU 202 ? 1_555 91.8  ? 
18 N3  ? C SMU .  ? A SMU 202 ? 1_555 MN1 ? C SMU . ? A SMU 202 ? 1_555 N1 ? C SMU . ? A SMU 202 ? 1_555 173.2 ? 
19 N4  ? C SMU .  ? A SMU 202 ? 1_555 MN1 ? C SMU . ? A SMU 202 ? 1_555 N1 ? C SMU . ? A SMU 202 ? 1_555 88.7  ? 
20 N2  ? C SMU .  ? A SMU 202 ? 1_555 MN1 ? C SMU . ? A SMU 202 ? 1_555 N1 ? C SMU . ? A SMU 202 ? 1_555 89.6  ? 
21 NE2 ? A HIS 63 ? A HIS 64  ? 1_555 MN1 ? C SMU . ? A SMU 202 ? 1_555 O  ? F HOH . ? A HOH 322 ? 1_555 176.7 ? 
22 N3  ? C SMU .  ? A SMU 202 ? 1_555 MN1 ? C SMU . ? A SMU 202 ? 1_555 O  ? F HOH . ? A HOH 322 ? 1_555 87.2  ? 
23 N4  ? C SMU .  ? A SMU 202 ? 1_555 MN1 ? C SMU . ? A SMU 202 ? 1_555 O  ? F HOH . ? A HOH 322 ? 1_555 88.2  ? 
24 N2  ? C SMU .  ? A SMU 202 ? 1_555 MN1 ? C SMU . ? A SMU 202 ? 1_555 O  ? F HOH . ? A HOH 322 ? 1_555 82.9  ? 
25 N1  ? C SMU .  ? A SMU 202 ? 1_555 MN1 ? C SMU . ? A SMU 202 ? 1_555 O  ? F HOH . ? A HOH 322 ? 1_555 86.8  ? 
# 
loop_
_pdbx_audit_revision_history.ordinal 
_pdbx_audit_revision_history.data_content_type 
_pdbx_audit_revision_history.major_revision 
_pdbx_audit_revision_history.minor_revision 
_pdbx_audit_revision_history.revision_date 
1 'Structure model' 1 0 2021-01-13 
2 'Structure model' 1 1 2021-01-20 
3 'Structure model' 1 2 2021-01-27 
4 'Structure model' 1 3 2023-10-18 
# 
_pdbx_audit_revision_details.ordinal             1 
_pdbx_audit_revision_details.revision_ordinal    1 
_pdbx_audit_revision_details.data_content_type   'Structure model' 
_pdbx_audit_revision_details.provider            repository 
_pdbx_audit_revision_details.type                'Initial release' 
_pdbx_audit_revision_details.description         ? 
_pdbx_audit_revision_details.details             ? 
# 
loop_
_pdbx_audit_revision_group.ordinal 
_pdbx_audit_revision_group.revision_ordinal 
_pdbx_audit_revision_group.data_content_type 
_pdbx_audit_revision_group.group 
1 2 'Structure model' 'Database references'    
2 3 'Structure model' 'Database references'    
3 4 'Structure model' Advisory                 
4 4 'Structure model' 'Data collection'        
5 4 'Structure model' 'Database references'    
6 4 'Structure model' 'Refinement description' 
# 
loop_
_pdbx_audit_revision_category.ordinal 
_pdbx_audit_revision_category.revision_ordinal 
_pdbx_audit_revision_category.data_content_type 
_pdbx_audit_revision_category.category 
1 2 'Structure model' citation                      
2 2 'Structure model' citation_author               
3 3 'Structure model' citation                      
4 4 'Structure model' chem_comp_atom                
5 4 'Structure model' chem_comp_bond                
6 4 'Structure model' database_2                    
7 4 'Structure model' pdbx_initial_refinement_model 
8 4 'Structure model' pdbx_unobs_or_zero_occ_atoms  
9 4 'Structure model' software                      
# 
loop_
_pdbx_audit_revision_item.ordinal 
_pdbx_audit_revision_item.revision_ordinal 
_pdbx_audit_revision_item.data_content_type 
_pdbx_audit_revision_item.item 
1  2 'Structure model' '_citation.pdbx_database_id_PubMed'   
2  2 'Structure model' '_citation.title'                     
3  2 'Structure model' '_citation_author.identifier_ORCID'   
4  3 'Structure model' '_citation.journal_volume'            
5  3 'Structure model' '_citation.page_first'                
6  3 'Structure model' '_citation.page_last'                 
7  3 'Structure model' '_citation.year'                      
8  4 'Structure model' '_database_2.pdbx_DOI'                
9  4 'Structure model' '_database_2.pdbx_database_accession' 
10 4 'Structure model' '_software.classification'            
# 
loop_
_space_group_symop.id 
_space_group_symop.operation_xyz 
1 x,y,z               
2 -y+1/2,x+1/2,z+1/4  
3 y+1/2,-x+1/2,z+3/4  
4 x+1/2,-y+1/2,-z+3/4 
5 -x+1/2,y+1/2,-z+1/4 
6 -x,-y,z+1/2         
7 y,x,-z              
8 -y,-x,-z+1/2        
# 
loop_
_software.citation_id 
_software.classification 
_software.compiler_name 
_software.compiler_version 
_software.contact_author 
_software.contact_author_email 
_software.date 
_software.description 
_software.dependencies 
_software.hardware 
_software.language 
_software.location 
_software.mods 
_software.name 
_software.os 
_software.os_version 
_software.type 
_software.version 
_software.pdbx_ordinal 
? refinement        ? ? ? ? ? ? ? ? ? ? ? PHENIX   ? ? ? 1.18_3861 1 
? 'data reduction'  ? ? ? ? ? ? ? ? ? ? ? HKL-2000 ? ? ? .         2 
? 'data scaling'    ? ? ? ? ? ? ? ? ? ? ? HKL-2000 ? ? ? .         3 
? 'data collection' ? ? ? ? ? ? ? ? ? ? ? HKL-2000 ? ? ? .         4 
# 
_pdbx_entry_details.entry_id                 7JRQ 
_pdbx_entry_details.has_ligand_of_interest   Y 
_pdbx_entry_details.compound_details         ? 
_pdbx_entry_details.source_details           ? 
_pdbx_entry_details.nonpolymer_details       ? 
_pdbx_entry_details.sequence_details         ? 
# 
loop_
_pdbx_validate_chiral.id 
_pdbx_validate_chiral.PDB_model_num 
_pdbx_validate_chiral.auth_atom_id 
_pdbx_validate_chiral.label_alt_id 
_pdbx_validate_chiral.auth_asym_id 
_pdbx_validate_chiral.auth_comp_id 
_pdbx_validate_chiral.auth_seq_id 
_pdbx_validate_chiral.PDB_ins_code 
_pdbx_validate_chiral.details 
_pdbx_validate_chiral.omega 
1 1 N3 ? A SMU 202 ? PLANAR . 
2 1 N4 ? A SMU 202 ? PLANAR . 
3 1 N2 ? A SMU 203 ? PLANAR . 
4 1 N3 ? A SMU 203 ? PLANAR . 
5 1 N4 ? A SMU 203 ? PLANAR . 
# 
loop_
_pdbx_unobs_or_zero_occ_atoms.id 
_pdbx_unobs_or_zero_occ_atoms.PDB_model_num 
_pdbx_unobs_or_zero_occ_atoms.polymer_flag 
_pdbx_unobs_or_zero_occ_atoms.occupancy_flag 
_pdbx_unobs_or_zero_occ_atoms.auth_asym_id 
_pdbx_unobs_or_zero_occ_atoms.auth_comp_id 
_pdbx_unobs_or_zero_occ_atoms.auth_seq_id 
_pdbx_unobs_or_zero_occ_atoms.PDB_ins_code 
_pdbx_unobs_or_zero_occ_atoms.auth_atom_id 
_pdbx_unobs_or_zero_occ_atoms.label_alt_id 
_pdbx_unobs_or_zero_occ_atoms.label_asym_id 
_pdbx_unobs_or_zero_occ_atoms.label_comp_id 
_pdbx_unobs_or_zero_occ_atoms.label_seq_id 
_pdbx_unobs_or_zero_occ_atoms.label_atom_id 
1  1 Y 0 A GLU 19  ? CD  ? A GLU 18  CD  
2  1 Y 0 A GLU 30  ? CD  ? A GLU 29  CD  
3  1 Y 0 A LYS 63  ? CD  ? A LYS 62  CD  
4  1 Y 0 A GLU 112 ? CD  ? A GLU 111 CD  
5  1 Y 0 A GLU 112 ? OE1 ? A GLU 111 OE1 
6  1 Y 0 A GLU 112 ? OE2 ? A GLU 111 OE2 
7  1 Y 0 A GLU 113 ? CD  ? A GLU 112 CD  
8  1 Y 0 A GLN 116 ? CD  ? A GLN 115 CD  
9  1 Y 0 A GLN 116 ? OE1 ? A GLN 115 OE1 
10 1 Y 0 A GLN 116 ? NE2 ? A GLN 115 NE2 
11 1 Y 0 A LEU 129 ? CA  A A LEU 128 CA  
12 1 Y 0 A LEU 129 ? CB  A A LEU 128 CB  
13 1 Y 0 A LEU 129 ? CG  A A LEU 128 CG  
14 1 Y 0 A LEU 129 ? CD1 A A LEU 128 CD1 
15 1 Y 0 A LEU 129 ? CD2 A A LEU 128 CD2 
# 
loop_
_pdbx_unobs_or_zero_occ_residues.id 
_pdbx_unobs_or_zero_occ_residues.PDB_model_num 
_pdbx_unobs_or_zero_occ_residues.polymer_flag 
_pdbx_unobs_or_zero_occ_residues.occupancy_flag 
_pdbx_unobs_or_zero_occ_residues.auth_asym_id 
_pdbx_unobs_or_zero_occ_residues.auth_comp_id 
_pdbx_unobs_or_zero_occ_residues.auth_seq_id 
_pdbx_unobs_or_zero_occ_residues.PDB_ins_code 
_pdbx_unobs_or_zero_occ_residues.label_asym_id 
_pdbx_unobs_or_zero_occ_residues.label_comp_id 
_pdbx_unobs_or_zero_occ_residues.label_seq_id 
1 1 Y 1 A HIS 2 ? A HIS 1 
2 1 Y 1 A HIS 3 ? A HIS 2 
3 1 Y 1 A HIS 4 ? A HIS 3 
4 1 Y 1 A HIS 5 ? A HIS 4 
# 
loop_
_chem_comp_atom.comp_id 
_chem_comp_atom.atom_id 
_chem_comp_atom.type_symbol 
_chem_comp_atom.pdbx_aromatic_flag 
_chem_comp_atom.pdbx_stereo_config 
_chem_comp_atom.pdbx_ordinal 
ALA N    N  N N 1   
ALA CA   C  N S 2   
ALA C    C  N N 3   
ALA O    O  N N 4   
ALA CB   C  N N 5   
ALA OXT  O  N N 6   
ALA H    H  N N 7   
ALA H2   H  N N 8   
ALA HA   H  N N 9   
ALA HB1  H  N N 10  
ALA HB2  H  N N 11  
ALA HB3  H  N N 12  
ALA HXT  H  N N 13  
ARG N    N  N N 14  
ARG CA   C  N S 15  
ARG C    C  N N 16  
ARG O    O  N N 17  
ARG CB   C  N N 18  
ARG CG   C  N N 19  
ARG CD   C  N N 20  
ARG NE   N  N N 21  
ARG CZ   C  N N 22  
ARG NH1  N  N N 23  
ARG NH2  N  N N 24  
ARG OXT  O  N N 25  
ARG H    H  N N 26  
ARG H2   H  N N 27  
ARG HA   H  N N 28  
ARG HB2  H  N N 29  
ARG HB3  H  N N 30  
ARG HG2  H  N N 31  
ARG HG3  H  N N 32  
ARG HD2  H  N N 33  
ARG HD3  H  N N 34  
ARG HE   H  N N 35  
ARG HH11 H  N N 36  
ARG HH12 H  N N 37  
ARG HH21 H  N N 38  
ARG HH22 H  N N 39  
ARG HXT  H  N N 40  
ASN N    N  N N 41  
ASN CA   C  N S 42  
ASN C    C  N N 43  
ASN O    O  N N 44  
ASN CB   C  N N 45  
ASN CG   C  N N 46  
ASN OD1  O  N N 47  
ASN ND2  N  N N 48  
ASN OXT  O  N N 49  
ASN H    H  N N 50  
ASN H2   H  N N 51  
ASN HA   H  N N 52  
ASN HB2  H  N N 53  
ASN HB3  H  N N 54  
ASN HD21 H  N N 55  
ASN HD22 H  N N 56  
ASN HXT  H  N N 57  
ASP N    N  N N 58  
ASP CA   C  N S 59  
ASP C    C  N N 60  
ASP O    O  N N 61  
ASP CB   C  N N 62  
ASP CG   C  N N 63  
ASP OD1  O  N N 64  
ASP OD2  O  N N 65  
ASP OXT  O  N N 66  
ASP H    H  N N 67  
ASP H2   H  N N 68  
ASP HA   H  N N 69  
ASP HB2  H  N N 70  
ASP HB3  H  N N 71  
ASP HD2  H  N N 72  
ASP HXT  H  N N 73  
CL  CL   CL N N 74  
GLN N    N  N N 75  
GLN CA   C  N S 76  
GLN C    C  N N 77  
GLN O    O  N N 78  
GLN CB   C  N N 79  
GLN CG   C  N N 80  
GLN CD   C  N N 81  
GLN OE1  O  N N 82  
GLN NE2  N  N N 83  
GLN OXT  O  N N 84  
GLN H    H  N N 85  
GLN H2   H  N N 86  
GLN HA   H  N N 87  
GLN HB2  H  N N 88  
GLN HB3  H  N N 89  
GLN HG2  H  N N 90  
GLN HG3  H  N N 91  
GLN HE21 H  N N 92  
GLN HE22 H  N N 93  
GLN HXT  H  N N 94  
GLU N    N  N N 95  
GLU CA   C  N S 96  
GLU C    C  N N 97  
GLU O    O  N N 98  
GLU CB   C  N N 99  
GLU CG   C  N N 100 
GLU CD   C  N N 101 
GLU OE1  O  N N 102 
GLU OE2  O  N N 103 
GLU OXT  O  N N 104 
GLU H    H  N N 105 
GLU H2   H  N N 106 
GLU HA   H  N N 107 
GLU HB2  H  N N 108 
GLU HB3  H  N N 109 
GLU HG2  H  N N 110 
GLU HG3  H  N N 111 
GLU HE2  H  N N 112 
GLU HXT  H  N N 113 
GLY N    N  N N 114 
GLY CA   C  N N 115 
GLY C    C  N N 116 
GLY O    O  N N 117 
GLY OXT  O  N N 118 
GLY H    H  N N 119 
GLY H2   H  N N 120 
GLY HA2  H  N N 121 
GLY HA3  H  N N 122 
GLY HXT  H  N N 123 
GOL C1   C  N N 124 
GOL O1   O  N N 125 
GOL C2   C  N N 126 
GOL O2   O  N N 127 
GOL C3   C  N N 128 
GOL O3   O  N N 129 
GOL H11  H  N N 130 
GOL H12  H  N N 131 
GOL HO1  H  N N 132 
GOL H2   H  N N 133 
GOL HO2  H  N N 134 
GOL H31  H  N N 135 
GOL H32  H  N N 136 
GOL HO3  H  N N 137 
HIS N    N  N N 138 
HIS CA   C  N S 139 
HIS C    C  N N 140 
HIS O    O  N N 141 
HIS CB   C  N N 142 
HIS CG   C  Y N 143 
HIS ND1  N  Y N 144 
HIS CD2  C  Y N 145 
HIS CE1  C  Y N 146 
HIS NE2  N  Y N 147 
HIS OXT  O  N N 148 
HIS H    H  N N 149 
HIS H2   H  N N 150 
HIS HA   H  N N 151 
HIS HB2  H  N N 152 
HIS HB3  H  N N 153 
HIS HD1  H  N N 154 
HIS HD2  H  N N 155 
HIS HE1  H  N N 156 
HIS HE2  H  N N 157 
HIS HXT  H  N N 158 
HOH O    O  N N 159 
HOH H1   H  N N 160 
HOH H2   H  N N 161 
ILE N    N  N N 162 
ILE CA   C  N S 163 
ILE C    C  N N 164 
ILE O    O  N N 165 
ILE CB   C  N S 166 
ILE CG1  C  N N 167 
ILE CG2  C  N N 168 
ILE CD1  C  N N 169 
ILE OXT  O  N N 170 
ILE H    H  N N 171 
ILE H2   H  N N 172 
ILE HA   H  N N 173 
ILE HB   H  N N 174 
ILE HG12 H  N N 175 
ILE HG13 H  N N 176 
ILE HG21 H  N N 177 
ILE HG22 H  N N 178 
ILE HG23 H  N N 179 
ILE HD11 H  N N 180 
ILE HD12 H  N N 181 
ILE HD13 H  N N 182 
ILE HXT  H  N N 183 
LEU N    N  N N 184 
LEU CA   C  N S 185 
LEU C    C  N N 186 
LEU O    O  N N 187 
LEU CB   C  N N 188 
LEU CG   C  N N 189 
LEU CD1  C  N N 190 
LEU CD2  C  N N 191 
LEU OXT  O  N N 192 
LEU H    H  N N 193 
LEU H2   H  N N 194 
LEU HA   H  N N 195 
LEU HB2  H  N N 196 
LEU HB3  H  N N 197 
LEU HG   H  N N 198 
LEU HD11 H  N N 199 
LEU HD12 H  N N 200 
LEU HD13 H  N N 201 
LEU HD21 H  N N 202 
LEU HD22 H  N N 203 
LEU HD23 H  N N 204 
LEU HXT  H  N N 205 
LYS N    N  N N 206 
LYS CA   C  N S 207 
LYS C    C  N N 208 
LYS O    O  N N 209 
LYS CB   C  N N 210 
LYS CG   C  N N 211 
LYS CD   C  N N 212 
LYS CE   C  N N 213 
LYS NZ   N  N N 214 
LYS OXT  O  N N 215 
LYS H    H  N N 216 
LYS H2   H  N N 217 
LYS HA   H  N N 218 
LYS HB2  H  N N 219 
LYS HB3  H  N N 220 
LYS HG2  H  N N 221 
LYS HG3  H  N N 222 
LYS HD2  H  N N 223 
LYS HD3  H  N N 224 
LYS HE2  H  N N 225 
LYS HE3  H  N N 226 
LYS HZ1  H  N N 227 
LYS HZ2  H  N N 228 
LYS HZ3  H  N N 229 
LYS HXT  H  N N 230 
PHE N    N  N N 231 
PHE CA   C  N S 232 
PHE C    C  N N 233 
PHE O    O  N N 234 
PHE CB   C  N N 235 
PHE CG   C  Y N 236 
PHE CD1  C  Y N 237 
PHE CD2  C  Y N 238 
PHE CE1  C  Y N 239 
PHE CE2  C  Y N 240 
PHE CZ   C  Y N 241 
PHE OXT  O  N N 242 
PHE H    H  N N 243 
PHE H2   H  N N 244 
PHE HA   H  N N 245 
PHE HB2  H  N N 246 
PHE HB3  H  N N 247 
PHE HD1  H  N N 248 
PHE HD2  H  N N 249 
PHE HE1  H  N N 250 
PHE HE2  H  N N 251 
PHE HZ   H  N N 252 
PHE HXT  H  N N 253 
SER N    N  N N 254 
SER CA   C  N S 255 
SER C    C  N N 256 
SER O    O  N N 257 
SER CB   C  N N 258 
SER OG   O  N N 259 
SER OXT  O  N N 260 
SER H    H  N N 261 
SER H2   H  N N 262 
SER HA   H  N N 263 
SER HB2  H  N N 264 
SER HB3  H  N N 265 
SER HG   H  N N 266 
SER HXT  H  N N 267 
SMU C1   C  Y N 268 
SMU C10  C  N N 269 
SMU C11  C  N N 270 
SMU C12  C  N N 271 
SMU C13  C  N N 272 
SMU C14  C  N N 273 
SMU C15  C  N N 274 
SMU C16  C  N N 275 
SMU C17  C  N N 276 
SMU C18  C  N N 277 
SMU C19  C  N N 278 
SMU C2   C  Y N 279 
SMU C20  C  N N 280 
SMU C21  C  Y N 281 
SMU C22  C  Y N 282 
SMU C23  C  Y N 283 
SMU C24  C  Y N 284 
SMU C25  C  Y N 285 
SMU C26  C  Y N 286 
SMU C27  C  Y N 287 
SMU C28  C  Y N 288 
SMU C29  C  Y N 289 
SMU C3   C  Y N 290 
SMU C30  C  Y N 291 
SMU C31  C  Y N 292 
SMU C32  C  Y N 293 
SMU C4   C  Y N 294 
SMU C5   C  N N 295 
SMU C6   C  N N 296 
SMU C7   C  N N 297 
SMU C8   C  N N 298 
SMU C9   C  N N 299 
SMU N1   N  Y N 300 
SMU N2   N  N R 301 
SMU N3   N  N R 302 
SMU N4   N  N S 303 
SMU MN1  MN N S 304 
SMU H1   H  N N 305 
SMU H2   H  N N 306 
SMU H3   H  N N 307 
SMU H4   H  N N 308 
SMU H5   H  N N 309 
SMU H6   H  N N 310 
SMU H7   H  N N 311 
SMU H8   H  N N 312 
SMU H9   H  N N 313 
SMU H10  H  N N 314 
SMU H11  H  N N 315 
SMU H12  H  N N 316 
SMU H13  H  N N 317 
SMU H14  H  N N 318 
SMU H15  H  N N 319 
SMU H16  H  N N 320 
SMU H17  H  N N 321 
SMU H18  H  N N 322 
SMU H19  H  N N 323 
SMU H20  H  N N 324 
THR N    N  N N 325 
THR CA   C  N S 326 
THR C    C  N N 327 
THR O    O  N N 328 
THR CB   C  N R 329 
THR OG1  O  N N 330 
THR CG2  C  N N 331 
THR OXT  O  N N 332 
THR H    H  N N 333 
THR H2   H  N N 334 
THR HA   H  N N 335 
THR HB   H  N N 336 
THR HG1  H  N N 337 
THR HG21 H  N N 338 
THR HG22 H  N N 339 
THR HG23 H  N N 340 
THR HXT  H  N N 341 
TRP N    N  N N 342 
TRP CA   C  N S 343 
TRP C    C  N N 344 
TRP O    O  N N 345 
TRP CB   C  N N 346 
TRP CG   C  Y N 347 
TRP CD1  C  Y N 348 
TRP CD2  C  Y N 349 
TRP NE1  N  Y N 350 
TRP CE2  C  Y N 351 
TRP CE3  C  Y N 352 
TRP CZ2  C  Y N 353 
TRP CZ3  C  Y N 354 
TRP CH2  C  Y N 355 
TRP OXT  O  N N 356 
TRP H    H  N N 357 
TRP H2   H  N N 358 
TRP HA   H  N N 359 
TRP HB2  H  N N 360 
TRP HB3  H  N N 361 
TRP HD1  H  N N 362 
TRP HE1  H  N N 363 
TRP HE3  H  N N 364 
TRP HZ2  H  N N 365 
TRP HZ3  H  N N 366 
TRP HH2  H  N N 367 
TRP HXT  H  N N 368 
TYR N    N  N N 369 
TYR CA   C  N S 370 
TYR C    C  N N 371 
TYR O    O  N N 372 
TYR CB   C  N N 373 
TYR CG   C  Y N 374 
TYR CD1  C  Y N 375 
TYR CD2  C  Y N 376 
TYR CE1  C  Y N 377 
TYR CE2  C  Y N 378 
TYR CZ   C  Y N 379 
TYR OH   O  N N 380 
TYR OXT  O  N N 381 
TYR H    H  N N 382 
TYR H2   H  N N 383 
TYR HA   H  N N 384 
TYR HB2  H  N N 385 
TYR HB3  H  N N 386 
TYR HD1  H  N N 387 
TYR HD2  H  N N 388 
TYR HE1  H  N N 389 
TYR HE2  H  N N 390 
TYR HH   H  N N 391 
TYR HXT  H  N N 392 
VAL N    N  N N 393 
VAL CA   C  N S 394 
VAL C    C  N N 395 
VAL O    O  N N 396 
VAL CB   C  N N 397 
VAL CG1  C  N N 398 
VAL CG2  C  N N 399 
VAL OXT  O  N N 400 
VAL H    H  N N 401 
VAL H2   H  N N 402 
VAL HA   H  N N 403 
VAL HB   H  N N 404 
VAL HG11 H  N N 405 
VAL HG12 H  N N 406 
VAL HG13 H  N N 407 
VAL HG21 H  N N 408 
VAL HG22 H  N N 409 
VAL HG23 H  N N 410 
VAL HXT  H  N N 411 
# 
loop_
_chem_comp_bond.comp_id 
_chem_comp_bond.atom_id_1 
_chem_comp_bond.atom_id_2 
_chem_comp_bond.value_order 
_chem_comp_bond.pdbx_aromatic_flag 
_chem_comp_bond.pdbx_stereo_config 
_chem_comp_bond.pdbx_ordinal 
ALA N   CA   sing N N 1   
ALA N   H    sing N N 2   
ALA N   H2   sing N N 3   
ALA CA  C    sing N N 4   
ALA CA  CB   sing N N 5   
ALA CA  HA   sing N N 6   
ALA C   O    doub N N 7   
ALA C   OXT  sing N N 8   
ALA CB  HB1  sing N N 9   
ALA CB  HB2  sing N N 10  
ALA CB  HB3  sing N N 11  
ALA OXT HXT  sing N N 12  
ARG N   CA   sing N N 13  
ARG N   H    sing N N 14  
ARG N   H2   sing N N 15  
ARG CA  C    sing N N 16  
ARG CA  CB   sing N N 17  
ARG CA  HA   sing N N 18  
ARG C   O    doub N N 19  
ARG C   OXT  sing N N 20  
ARG CB  CG   sing N N 21  
ARG CB  HB2  sing N N 22  
ARG CB  HB3  sing N N 23  
ARG CG  CD   sing N N 24  
ARG CG  HG2  sing N N 25  
ARG CG  HG3  sing N N 26  
ARG CD  NE   sing N N 27  
ARG CD  HD2  sing N N 28  
ARG CD  HD3  sing N N 29  
ARG NE  CZ   sing N N 30  
ARG NE  HE   sing N N 31  
ARG CZ  NH1  sing N N 32  
ARG CZ  NH2  doub N N 33  
ARG NH1 HH11 sing N N 34  
ARG NH1 HH12 sing N N 35  
ARG NH2 HH21 sing N N 36  
ARG NH2 HH22 sing N N 37  
ARG OXT HXT  sing N N 38  
ASN N   CA   sing N N 39  
ASN N   H    sing N N 40  
ASN N   H2   sing N N 41  
ASN CA  C    sing N N 42  
ASN CA  CB   sing N N 43  
ASN CA  HA   sing N N 44  
ASN C   O    doub N N 45  
ASN C   OXT  sing N N 46  
ASN CB  CG   sing N N 47  
ASN CB  HB2  sing N N 48  
ASN CB  HB3  sing N N 49  
ASN CG  OD1  doub N N 50  
ASN CG  ND2  sing N N 51  
ASN ND2 HD21 sing N N 52  
ASN ND2 HD22 sing N N 53  
ASN OXT HXT  sing N N 54  
ASP N   CA   sing N N 55  
ASP N   H    sing N N 56  
ASP N   H2   sing N N 57  
ASP CA  C    sing N N 58  
ASP CA  CB   sing N N 59  
ASP CA  HA   sing N N 60  
ASP C   O    doub N N 61  
ASP C   OXT  sing N N 62  
ASP CB  CG   sing N N 63  
ASP CB  HB2  sing N N 64  
ASP CB  HB3  sing N N 65  
ASP CG  OD1  doub N N 66  
ASP CG  OD2  sing N N 67  
ASP OD2 HD2  sing N N 68  
ASP OXT HXT  sing N N 69  
GLN N   CA   sing N N 70  
GLN N   H    sing N N 71  
GLN N   H2   sing N N 72  
GLN CA  C    sing N N 73  
GLN CA  CB   sing N N 74  
GLN CA  HA   sing N N 75  
GLN C   O    doub N N 76  
GLN C   OXT  sing N N 77  
GLN CB  CG   sing N N 78  
GLN CB  HB2  sing N N 79  
GLN CB  HB3  sing N N 80  
GLN CG  CD   sing N N 81  
GLN CG  HG2  sing N N 82  
GLN CG  HG3  sing N N 83  
GLN CD  OE1  doub N N 84  
GLN CD  NE2  sing N N 85  
GLN NE2 HE21 sing N N 86  
GLN NE2 HE22 sing N N 87  
GLN OXT HXT  sing N N 88  
GLU N   CA   sing N N 89  
GLU N   H    sing N N 90  
GLU N   H2   sing N N 91  
GLU CA  C    sing N N 92  
GLU CA  CB   sing N N 93  
GLU CA  HA   sing N N 94  
GLU C   O    doub N N 95  
GLU C   OXT  sing N N 96  
GLU CB  CG   sing N N 97  
GLU CB  HB2  sing N N 98  
GLU CB  HB3  sing N N 99  
GLU CG  CD   sing N N 100 
GLU CG  HG2  sing N N 101 
GLU CG  HG3  sing N N 102 
GLU CD  OE1  doub N N 103 
GLU CD  OE2  sing N N 104 
GLU OE2 HE2  sing N N 105 
GLU OXT HXT  sing N N 106 
GLY N   CA   sing N N 107 
GLY N   H    sing N N 108 
GLY N   H2   sing N N 109 
GLY CA  C    sing N N 110 
GLY CA  HA2  sing N N 111 
GLY CA  HA3  sing N N 112 
GLY C   O    doub N N 113 
GLY C   OXT  sing N N 114 
GLY OXT HXT  sing N N 115 
GOL C1  O1   sing N N 116 
GOL C1  C2   sing N N 117 
GOL C1  H11  sing N N 118 
GOL C1  H12  sing N N 119 
GOL O1  HO1  sing N N 120 
GOL C2  O2   sing N N 121 
GOL C2  C3   sing N N 122 
GOL C2  H2   sing N N 123 
GOL O2  HO2  sing N N 124 
GOL C3  O3   sing N N 125 
GOL C3  H31  sing N N 126 
GOL C3  H32  sing N N 127 
GOL O3  HO3  sing N N 128 
HIS N   CA   sing N N 129 
HIS N   H    sing N N 130 
HIS N   H2   sing N N 131 
HIS CA  C    sing N N 132 
HIS CA  CB   sing N N 133 
HIS CA  HA   sing N N 134 
HIS C   O    doub N N 135 
HIS C   OXT  sing N N 136 
HIS CB  CG   sing N N 137 
HIS CB  HB2  sing N N 138 
HIS CB  HB3  sing N N 139 
HIS CG  ND1  sing Y N 140 
HIS CG  CD2  doub Y N 141 
HIS ND1 CE1  doub Y N 142 
HIS ND1 HD1  sing N N 143 
HIS CD2 NE2  sing Y N 144 
HIS CD2 HD2  sing N N 145 
HIS CE1 NE2  sing Y N 146 
HIS CE1 HE1  sing N N 147 
HIS NE2 HE2  sing N N 148 
HIS OXT HXT  sing N N 149 
HOH O   H1   sing N N 150 
HOH O   H2   sing N N 151 
ILE N   CA   sing N N 152 
ILE N   H    sing N N 153 
ILE N   H2   sing N N 154 
ILE CA  C    sing N N 155 
ILE CA  CB   sing N N 156 
ILE CA  HA   sing N N 157 
ILE C   O    doub N N 158 
ILE C   OXT  sing N N 159 
ILE CB  CG1  sing N N 160 
ILE CB  CG2  sing N N 161 
ILE CB  HB   sing N N 162 
ILE CG1 CD1  sing N N 163 
ILE CG1 HG12 sing N N 164 
ILE CG1 HG13 sing N N 165 
ILE CG2 HG21 sing N N 166 
ILE CG2 HG22 sing N N 167 
ILE CG2 HG23 sing N N 168 
ILE CD1 HD11 sing N N 169 
ILE CD1 HD12 sing N N 170 
ILE CD1 HD13 sing N N 171 
ILE OXT HXT  sing N N 172 
LEU N   CA   sing N N 173 
LEU N   H    sing N N 174 
LEU N   H2   sing N N 175 
LEU CA  C    sing N N 176 
LEU CA  CB   sing N N 177 
LEU CA  HA   sing N N 178 
LEU C   O    doub N N 179 
LEU C   OXT  sing N N 180 
LEU CB  CG   sing N N 181 
LEU CB  HB2  sing N N 182 
LEU CB  HB3  sing N N 183 
LEU CG  CD1  sing N N 184 
LEU CG  CD2  sing N N 185 
LEU CG  HG   sing N N 186 
LEU CD1 HD11 sing N N 187 
LEU CD1 HD12 sing N N 188 
LEU CD1 HD13 sing N N 189 
LEU CD2 HD21 sing N N 190 
LEU CD2 HD22 sing N N 191 
LEU CD2 HD23 sing N N 192 
LEU OXT HXT  sing N N 193 
LYS N   CA   sing N N 194 
LYS N   H    sing N N 195 
LYS N   H2   sing N N 196 
LYS CA  C    sing N N 197 
LYS CA  CB   sing N N 198 
LYS CA  HA   sing N N 199 
LYS C   O    doub N N 200 
LYS C   OXT  sing N N 201 
LYS CB  CG   sing N N 202 
LYS CB  HB2  sing N N 203 
LYS CB  HB3  sing N N 204 
LYS CG  CD   sing N N 205 
LYS CG  HG2  sing N N 206 
LYS CG  HG3  sing N N 207 
LYS CD  CE   sing N N 208 
LYS CD  HD2  sing N N 209 
LYS CD  HD3  sing N N 210 
LYS CE  NZ   sing N N 211 
LYS CE  HE2  sing N N 212 
LYS CE  HE3  sing N N 213 
LYS NZ  HZ1  sing N N 214 
LYS NZ  HZ2  sing N N 215 
LYS NZ  HZ3  sing N N 216 
LYS OXT HXT  sing N N 217 
PHE N   CA   sing N N 218 
PHE N   H    sing N N 219 
PHE N   H2   sing N N 220 
PHE CA  C    sing N N 221 
PHE CA  CB   sing N N 222 
PHE CA  HA   sing N N 223 
PHE C   O    doub N N 224 
PHE C   OXT  sing N N 225 
PHE CB  CG   sing N N 226 
PHE CB  HB2  sing N N 227 
PHE CB  HB3  sing N N 228 
PHE CG  CD1  doub Y N 229 
PHE CG  CD2  sing Y N 230 
PHE CD1 CE1  sing Y N 231 
PHE CD1 HD1  sing N N 232 
PHE CD2 CE2  doub Y N 233 
PHE CD2 HD2  sing N N 234 
PHE CE1 CZ   doub Y N 235 
PHE CE1 HE1  sing N N 236 
PHE CE2 CZ   sing Y N 237 
PHE CE2 HE2  sing N N 238 
PHE CZ  HZ   sing N N 239 
PHE OXT HXT  sing N N 240 
SER N   CA   sing N N 241 
SER N   H    sing N N 242 
SER N   H2   sing N N 243 
SER CA  C    sing N N 244 
SER CA  CB   sing N N 245 
SER CA  HA   sing N N 246 
SER C   O    doub N N 247 
SER C   OXT  sing N N 248 
SER CB  OG   sing N N 249 
SER CB  HB2  sing N N 250 
SER CB  HB3  sing N N 251 
SER OG  HG   sing N N 252 
SER OXT HXT  sing N N 253 
SMU C30 C29  doub Y N 254 
SMU C30 C31  sing Y N 255 
SMU C29 C28  sing Y N 256 
SMU C31 C32  doub Y N 257 
SMU C28 C27  doub Y N 258 
SMU C32 C27  sing Y N 259 
SMU C27 C15  sing N N 260 
SMU C13 C12  doub N N 261 
SMU C13 C14  sing N N 262 
SMU C15 C14  doub N N 263 
SMU C15 C16  sing N N 264 
SMU C12 C11  sing N N 265 
SMU C14 N3   sing N N 266 
SMU C17 C16  sing N N 267 
SMU C17 C18  doub N N 268 
SMU C16 N4   doub N N 269 
SMU C11 N3   sing N N 270 
SMU C11 C10  doub N N 271 
SMU N3  MN1  sing N N 272 
SMU C18 C19  sing N N 273 
SMU N4  C19  sing N N 274 
SMU N4  MN1  sing N N 275 
SMU C10 C9   sing N N 276 
SMU C19 C20  doub N N 277 
SMU MN1 N2   sing N N 278 
SMU MN1 N1   sing N N 279 
SMU C9  N2   doub N N 280 
SMU C9  C8   sing N N 281 
SMU C20 C1   sing N N 282 
SMU N2  C6   sing N N 283 
SMU C8  C7   doub N N 284 
SMU N1  C1   sing Y N 285 
SMU N1  C4   sing Y N 286 
SMU C1  C2   doub Y N 287 
SMU C6  C7   sing N N 288 
SMU C6  C5   doub N N 289 
SMU C4  C5   sing N N 290 
SMU C4  C3   doub Y N 291 
SMU C2  C3   sing Y N 292 
SMU C5  C21  sing N N 293 
SMU C21 C22  doub Y N 294 
SMU C21 C26  sing Y N 295 
SMU C22 C23  sing Y N 296 
SMU C26 C25  doub Y N 297 
SMU C23 C24  doub Y N 298 
SMU C25 C24  sing Y N 299 
SMU C10 H1   sing N N 300 
SMU C12 H2   sing N N 301 
SMU C13 H3   sing N N 302 
SMU C17 H4   sing N N 303 
SMU C18 H5   sing N N 304 
SMU C2  H6   sing N N 305 
SMU C20 H7   sing N N 306 
SMU C22 H8   sing N N 307 
SMU C23 H9   sing N N 308 
SMU C24 H10  sing N N 309 
SMU C25 H11  sing N N 310 
SMU C26 H12  sing N N 311 
SMU C28 H13  sing N N 312 
SMU C29 H14  sing N N 313 
SMU C3  H15  sing N N 314 
SMU C30 H16  sing N N 315 
SMU C31 H17  sing N N 316 
SMU C32 H18  sing N N 317 
SMU C7  H19  sing N N 318 
SMU C8  H20  sing N N 319 
THR N   CA   sing N N 320 
THR N   H    sing N N 321 
THR N   H2   sing N N 322 
THR CA  C    sing N N 323 
THR CA  CB   sing N N 324 
THR CA  HA   sing N N 325 
THR C   O    doub N N 326 
THR C   OXT  sing N N 327 
THR CB  OG1  sing N N 328 
THR CB  CG2  sing N N 329 
THR CB  HB   sing N N 330 
THR OG1 HG1  sing N N 331 
THR CG2 HG21 sing N N 332 
THR CG2 HG22 sing N N 333 
THR CG2 HG23 sing N N 334 
THR OXT HXT  sing N N 335 
TRP N   CA   sing N N 336 
TRP N   H    sing N N 337 
TRP N   H2   sing N N 338 
TRP CA  C    sing N N 339 
TRP CA  CB   sing N N 340 
TRP CA  HA   sing N N 341 
TRP C   O    doub N N 342 
TRP C   OXT  sing N N 343 
TRP CB  CG   sing N N 344 
TRP CB  HB2  sing N N 345 
TRP CB  HB3  sing N N 346 
TRP CG  CD1  doub Y N 347 
TRP CG  CD2  sing Y N 348 
TRP CD1 NE1  sing Y N 349 
TRP CD1 HD1  sing N N 350 
TRP CD2 CE2  doub Y N 351 
TRP CD2 CE3  sing Y N 352 
TRP NE1 CE2  sing Y N 353 
TRP NE1 HE1  sing N N 354 
TRP CE2 CZ2  sing Y N 355 
TRP CE3 CZ3  doub Y N 356 
TRP CE3 HE3  sing N N 357 
TRP CZ2 CH2  doub Y N 358 
TRP CZ2 HZ2  sing N N 359 
TRP CZ3 CH2  sing Y N 360 
TRP CZ3 HZ3  sing N N 361 
TRP CH2 HH2  sing N N 362 
TRP OXT HXT  sing N N 363 
TYR N   CA   sing N N 364 
TYR N   H    sing N N 365 
TYR N   H2   sing N N 366 
TYR CA  C    sing N N 367 
TYR CA  CB   sing N N 368 
TYR CA  HA   sing N N 369 
TYR C   O    doub N N 370 
TYR C   OXT  sing N N 371 
TYR CB  CG   sing N N 372 
TYR CB  HB2  sing N N 373 
TYR CB  HB3  sing N N 374 
TYR CG  CD1  doub Y N 375 
TYR CG  CD2  sing Y N 376 
TYR CD1 CE1  sing Y N 377 
TYR CD1 HD1  sing N N 378 
TYR CD2 CE2  doub Y N 379 
TYR CD2 HD2  sing N N 380 
TYR CE1 CZ   doub Y N 381 
TYR CE1 HE1  sing N N 382 
TYR CE2 CZ   sing Y N 383 
TYR CE2 HE2  sing N N 384 
TYR CZ  OH   sing N N 385 
TYR OH  HH   sing N N 386 
TYR OXT HXT  sing N N 387 
VAL N   CA   sing N N 388 
VAL N   H    sing N N 389 
VAL N   H2   sing N N 390 
VAL CA  C    sing N N 391 
VAL CA  CB   sing N N 392 
VAL CA  HA   sing N N 393 
VAL C   O    doub N N 394 
VAL C   OXT  sing N N 395 
VAL CB  CG1  sing N N 396 
VAL CB  CG2  sing N N 397 
VAL CB  HB   sing N N 398 
VAL CG1 HG11 sing N N 399 
VAL CG1 HG12 sing N N 400 
VAL CG1 HG13 sing N N 401 
VAL CG2 HG21 sing N N 402 
VAL CG2 HG22 sing N N 403 
VAL CG2 HG23 sing N N 404 
VAL OXT HXT  sing N N 405 
# 
_pdbx_audit_support.funding_organization   
'National Institutes of Health/National Institute of General Medical Sciences (NIH/NIGMS)' 
_pdbx_audit_support.country                ? 
_pdbx_audit_support.grant_number           ? 
_pdbx_audit_support.ordinal                1 
# 
_pdbx_entity_instance_feature.ordinal        1 
_pdbx_entity_instance_feature.comp_id        SMU 
_pdbx_entity_instance_feature.asym_id        ? 
_pdbx_entity_instance_feature.seq_num        ? 
_pdbx_entity_instance_feature.auth_comp_id   SMU 
_pdbx_entity_instance_feature.auth_asym_id   ? 
_pdbx_entity_instance_feature.auth_seq_num   ? 
_pdbx_entity_instance_feature.feature_type   'SUBJECT OF INVESTIGATION' 
_pdbx_entity_instance_feature.details        ? 
# 
loop_
_pdbx_entity_nonpoly.entity_id 
_pdbx_entity_nonpoly.name 
_pdbx_entity_nonpoly.comp_id 
2 GLYCEROL                                                                   GOL 
3 '[5,15-diphenylporphyrinato(2-)-kappa~4~N~21~,N~22~,N~23~,N~24~]manganese' SMU 
4 'CHLORIDE ION'                                                             CL  
5 water                                                                      HOH 
# 
_pdbx_initial_refinement_model.id               1 
_pdbx_initial_refinement_model.entity_id_list   ? 
_pdbx_initial_refinement_model.type             'experimental model' 
_pdbx_initial_refinement_model.source_name      PDB 
_pdbx_initial_refinement_model.accession_code   5TGY 
_pdbx_initial_refinement_model.details          ? 
# 
_pdbx_struct_assembly_auth_evidence.id                     1 
_pdbx_struct_assembly_auth_evidence.assembly_id            1 
_pdbx_struct_assembly_auth_evidence.experimental_support   'gel filtration' 
_pdbx_struct_assembly_auth_evidence.details                ? 
# 
_space_group.name_H-M_alt     'P 41 21 2' 
_space_group.name_Hall        'P 4abw 2nw' 
_space_group.IT_number        92 
_space_group.crystal_system   tetragonal 
_space_group.id               1 
# 
